data_1ICX
# 
_entry.id   1ICX 
# 
_audit_conform.dict_name       mmcif_pdbx.dic 
_audit_conform.dict_version    5.376 
_audit_conform.dict_location   http://mmcif.pdb.org/dictionaries/ascii/mmcif_pdbx.dic 
# 
loop_
_database_2.database_id 
_database_2.database_code 
_database_2.pdbx_database_accession 
_database_2.pdbx_DOI 
PDB   1ICX         pdb_00001icx 10.2210/pdb1icx/pdb 
RCSB  RCSB013167   ?            ?                   
WWPDB D_1000013167 ?            ?                   
# 
loop_
_pdbx_database_related.db_name 
_pdbx_database_related.db_id 
_pdbx_database_related.details 
_pdbx_database_related.content_type 
PDB 1BTV 'major pollen allergen Betv 1'                              unspecified 
PDB 1B6F 'Betv 1-a mutant'                                           unspecified 
PDB 1IFV 'PATHOGENESIS-RELATED PROTEIN LLPR10.1B FROM YELLOW LUPINE' unspecified 
# 
_pdbx_database_status.status_code                     REL 
_pdbx_database_status.entry_id                        1ICX 
_pdbx_database_status.recvd_initial_deposition_date   2001-04-02 
_pdbx_database_status.deposit_site                    RCSB 
_pdbx_database_status.process_site                    RCSB 
_pdbx_database_status.status_code_sf                  REL 
_pdbx_database_status.SG_entry                        . 
_pdbx_database_status.pdb_format_compatible           Y 
_pdbx_database_status.status_code_mr                  ? 
_pdbx_database_status.status_code_cs                  ? 
_pdbx_database_status.status_code_nmr_data            ? 
_pdbx_database_status.methods_development_category    ? 
# 
loop_
_audit_author.name 
_audit_author.pdbx_ordinal 
'Biesiadka, J.'  1 
'Bujacz, G.'     2 
'Sikorski, M.M.' 3 
'Jaskolski, M.'  4 
# 
loop_
_citation.id 
_citation.title 
_citation.journal_abbrev 
_citation.journal_volume 
_citation.page_first 
_citation.page_last 
_citation.year 
_citation.journal_id_ASTM 
_citation.country 
_citation.journal_id_ISSN 
_citation.journal_id_CSD 
_citation.book_publisher 
_citation.pdbx_database_id_PubMed 
_citation.pdbx_database_id_DOI 
primary 'Crystal structures of two homologous pathogenesis-related proteins from yellow lupine.'                           
J.Mol.Biol.                319 1223 1234 2002 JMOBAK UK 0022-2836 0070 ? 12079359 '10.1016/S0022-2836(02)00385-6' 
1       'Crystallization and Preliminary X-ray Structure Determination of Lupinus luteus PR10 Protein'                     
'Acta Crystallogr.,Sect.D' 55  1925 1927 1999 ABCRE6 DK 0907-4449 0766 ? ?        10.1107/S0907444999011221       
2       'Expression of Genes Encoding PR10 Class Pathogenesis-Related Proteins is Inhibited in Yellow Lupine Root Nodules' 
'Plant Sci.'               149 125  137  1999 ?      IE 0168-9452 ?    ? ?        '10.1016/S0168-9452(99)00148-X' 
3       'X-ray and NMR Structure of Bet v 1, the Origin of Birch Pollen Allergy'                                           
Nat.Struct.Biol.           3   1040 1045 1996 NSBIEW US 1072-8368 2024 ? ?        ?                               
# 
loop_
_citation_author.citation_id 
_citation_author.name 
_citation_author.ordinal 
_citation_author.identifier_ORCID 
primary 'Biesiadka, J.'           1  ? 
primary 'Bujacz, G.'              2  ? 
primary 'Sikorski, M.M.'          3  ? 
primary 'Jaskolski, M.'           4  ? 
1       'Biesiadka, J.'           5  ? 
1       'Sikorski, M.M.'          6  ? 
1       'Bujacz, G.'              7  ? 
1       'Jaskolski, M.'           8  ? 
2       'Sikorski, M.M.'          9  ? 
2       'Biesiadka, J.'           10 ? 
2       'Kasperska, A.E.'         11 ? 
2       'Kopcinska, J.'           12 ? 
2       'Lotocka, B.'             13 ? 
2       'Golinowski, W.'          14 ? 
2       'Legocki, A.B.'           15 ? 
3       'Gajhede, M.'             16 ? 
3       'Osmark, P.'              17 ? 
3       'Poulsen, F.M.'           18 ? 
3       'Ipsen, H.'               19 ? 
3       'Larsen, J.N.'            20 ? 
3       'Joost van Neerven, R.J.' 21 ? 
3       'Schou, C.'               22 ? 
3       'Lowenstein, H.'          23 ? 
3       'Spangfort, M.D.'         24 ? 
# 
_cell.entry_id           1ICX 
_cell.length_a           34.973 
_cell.length_b           56.617 
_cell.length_c           61.755 
_cell.angle_alpha        90.00 
_cell.angle_beta         90.00 
_cell.angle_gamma        90.00 
_cell.Z_PDB              4 
_cell.pdbx_unique_axis   ? 
# 
_symmetry.entry_id                         1ICX 
_symmetry.space_group_name_H-M             'P 21 21 21' 
_symmetry.pdbx_full_space_group_name_H-M   ? 
_symmetry.cell_setting                     ? 
_symmetry.Int_Tables_number                19 
# 
loop_
_entity.id 
_entity.type 
_entity.src_method 
_entity.pdbx_description 
_entity.formula_weight 
_entity.pdbx_number_of_molecules 
_entity.pdbx_ec 
_entity.pdbx_mutation 
_entity.pdbx_fragment 
_entity.details 
1 polymer man 'PROTEIN LLR18A' 16748.924 1   ? ? ? ? 
2 water   nat water            18.015    104 ? ? ? ? 
# 
_entity_name_com.entity_id   1 
_entity_name_com.name        LLPR10.1A 
# 
_entity_poly.entity_id                      1 
_entity_poly.type                           'polypeptide(L)' 
_entity_poly.nstd_linkage                   no 
_entity_poly.nstd_monomer                   no 
_entity_poly.pdbx_seq_one_letter_code       
;GIFAFENEQSSTVAPAKLYKALTKDSDEIVPKVIEPIQSVEIVEGNGGPGTIKKIIAIHDGHTSFVLHKLDAIDEANLTY
NYSIIGGEGLDESLEKISYESKILPGPDGGSIGKINVKFHTKGDVLSETVRDQAKFKGLGLFKAIEGYVLAHPDY
;
_entity_poly.pdbx_seq_one_letter_code_can   
;GIFAFENEQSSTVAPAKLYKALTKDSDEIVPKVIEPIQSVEIVEGNGGPGTIKKIIAIHDGHTSFVLHKLDAIDEANLTY
NYSIIGGEGLDESLEKISYESKILPGPDGGSIGKINVKFHTKGDVLSETVRDQAKFKGLGLFKAIEGYVLAHPDY
;
_entity_poly.pdbx_strand_id                 A 
_entity_poly.pdbx_target_identifier         ? 
# 
loop_
_entity_poly_seq.entity_id 
_entity_poly_seq.num 
_entity_poly_seq.mon_id 
_entity_poly_seq.hetero 
1 1   GLY n 
1 2   ILE n 
1 3   PHE n 
1 4   ALA n 
1 5   PHE n 
1 6   GLU n 
1 7   ASN n 
1 8   GLU n 
1 9   GLN n 
1 10  SER n 
1 11  SER n 
1 12  THR n 
1 13  VAL n 
1 14  ALA n 
1 15  PRO n 
1 16  ALA n 
1 17  LYS n 
1 18  LEU n 
1 19  TYR n 
1 20  LYS n 
1 21  ALA n 
1 22  LEU n 
1 23  THR n 
1 24  LYS n 
1 25  ASP n 
1 26  SER n 
1 27  ASP n 
1 28  GLU n 
1 29  ILE n 
1 30  VAL n 
1 31  PRO n 
1 32  LYS n 
1 33  VAL n 
1 34  ILE n 
1 35  GLU n 
1 36  PRO n 
1 37  ILE n 
1 38  GLN n 
1 39  SER n 
1 40  VAL n 
1 41  GLU n 
1 42  ILE n 
1 43  VAL n 
1 44  GLU n 
1 45  GLY n 
1 46  ASN n 
1 47  GLY n 
1 48  GLY n 
1 49  PRO n 
1 50  GLY n 
1 51  THR n 
1 52  ILE n 
1 53  LYS n 
1 54  LYS n 
1 55  ILE n 
1 56  ILE n 
1 57  ALA n 
1 58  ILE n 
1 59  HIS n 
1 60  ASP n 
1 61  GLY n 
1 62  HIS n 
1 63  THR n 
1 64  SER n 
1 65  PHE n 
1 66  VAL n 
1 67  LEU n 
1 68  HIS n 
1 69  LYS n 
1 70  LEU n 
1 71  ASP n 
1 72  ALA n 
1 73  ILE n 
1 74  ASP n 
1 75  GLU n 
1 76  ALA n 
1 77  ASN n 
1 78  LEU n 
1 79  THR n 
1 80  TYR n 
1 81  ASN n 
1 82  TYR n 
1 83  SER n 
1 84  ILE n 
1 85  ILE n 
1 86  GLY n 
1 87  GLY n 
1 88  GLU n 
1 89  GLY n 
1 90  LEU n 
1 91  ASP n 
1 92  GLU n 
1 93  SER n 
1 94  LEU n 
1 95  GLU n 
1 96  LYS n 
1 97  ILE n 
1 98  SER n 
1 99  TYR n 
1 100 GLU n 
1 101 SER n 
1 102 LYS n 
1 103 ILE n 
1 104 LEU n 
1 105 PRO n 
1 106 GLY n 
1 107 PRO n 
1 108 ASP n 
1 109 GLY n 
1 110 GLY n 
1 111 SER n 
1 112 ILE n 
1 113 GLY n 
1 114 LYS n 
1 115 ILE n 
1 116 ASN n 
1 117 VAL n 
1 118 LYS n 
1 119 PHE n 
1 120 HIS n 
1 121 THR n 
1 122 LYS n 
1 123 GLY n 
1 124 ASP n 
1 125 VAL n 
1 126 LEU n 
1 127 SER n 
1 128 GLU n 
1 129 THR n 
1 130 VAL n 
1 131 ARG n 
1 132 ASP n 
1 133 GLN n 
1 134 ALA n 
1 135 LYS n 
1 136 PHE n 
1 137 LYS n 
1 138 GLY n 
1 139 LEU n 
1 140 GLY n 
1 141 LEU n 
1 142 PHE n 
1 143 LYS n 
1 144 ALA n 
1 145 ILE n 
1 146 GLU n 
1 147 GLY n 
1 148 TYR n 
1 149 VAL n 
1 150 LEU n 
1 151 ALA n 
1 152 HIS n 
1 153 PRO n 
1 154 ASP n 
1 155 TYR n 
# 
_entity_src_gen.entity_id                          1 
_entity_src_gen.pdbx_src_id                        1 
_entity_src_gen.pdbx_alt_source_flag               sample 
_entity_src_gen.pdbx_seq_type                      ? 
_entity_src_gen.pdbx_beg_seq_num                   ? 
_entity_src_gen.pdbx_end_seq_num                   ? 
_entity_src_gen.gene_src_common_name               'yellow lupine' 
_entity_src_gen.gene_src_genus                     Lupinus 
_entity_src_gen.pdbx_gene_src_gene                 ? 
_entity_src_gen.gene_src_species                   ? 
_entity_src_gen.gene_src_strain                    ? 
_entity_src_gen.gene_src_tissue                    ? 
_entity_src_gen.gene_src_tissue_fraction           ? 
_entity_src_gen.gene_src_details                   ? 
_entity_src_gen.pdbx_gene_src_fragment             ? 
_entity_src_gen.pdbx_gene_src_scientific_name      'Lupinus luteus' 
_entity_src_gen.pdbx_gene_src_ncbi_taxonomy_id     3873 
_entity_src_gen.pdbx_gene_src_variant              ? 
_entity_src_gen.pdbx_gene_src_cell_line            ? 
_entity_src_gen.pdbx_gene_src_atcc                 ? 
_entity_src_gen.pdbx_gene_src_organ                ? 
_entity_src_gen.pdbx_gene_src_organelle            ? 
_entity_src_gen.pdbx_gene_src_cell                 ? 
_entity_src_gen.pdbx_gene_src_cellular_location    ? 
_entity_src_gen.host_org_common_name               ? 
_entity_src_gen.pdbx_host_org_scientific_name      'Escherichia coli BL21' 
_entity_src_gen.pdbx_host_org_ncbi_taxonomy_id     511693 
_entity_src_gen.host_org_genus                     Escherichia 
_entity_src_gen.pdbx_host_org_gene                 ? 
_entity_src_gen.pdbx_host_org_organ                ? 
_entity_src_gen.host_org_species                   'Escherichia coli' 
_entity_src_gen.pdbx_host_org_tissue               ? 
_entity_src_gen.pdbx_host_org_tissue_fraction      ? 
_entity_src_gen.pdbx_host_org_strain               BL21 
_entity_src_gen.pdbx_host_org_variant              ? 
_entity_src_gen.pdbx_host_org_cell_line            ? 
_entity_src_gen.pdbx_host_org_atcc                 ? 
_entity_src_gen.pdbx_host_org_culture_collection   ? 
_entity_src_gen.pdbx_host_org_cell                 ? 
_entity_src_gen.pdbx_host_org_organelle            ? 
_entity_src_gen.pdbx_host_org_cellular_location    ? 
_entity_src_gen.pdbx_host_org_vector_type          PLASMID 
_entity_src_gen.pdbx_host_org_vector               ? 
_entity_src_gen.host_org_details                   ? 
_entity_src_gen.expression_system_id               ? 
_entity_src_gen.plasmid_name                       PET3A-LLPR10.1A 
_entity_src_gen.plasmid_details                    ? 
_entity_src_gen.pdbx_description                   ? 
# 
_struct_ref.id                         1 
_struct_ref.db_name                    UNP 
_struct_ref.db_code                    L18A_LUPLU 
_struct_ref.entity_id                  1 
_struct_ref.pdbx_db_accession          P52778 
_struct_ref.pdbx_align_begin           2 
_struct_ref.pdbx_seq_one_letter_code   
;GIFAFENEQSSTVAPAKLYKALTKDSDEIVPKVIEPIQSVEIVEGNGGPGTIKKIIAIHDGHTSFVLHKLDAIDEANLTY
NYSIIGGEGLDESLEKISYESKILPGPDGGSIGKINVKFHTKGDVLSETVRDQAKFKGLGLFKAIEGYVLAHPDY
;
_struct_ref.pdbx_db_isoform            ? 
# 
_struct_ref_seq.align_id                      1 
_struct_ref_seq.ref_id                        1 
_struct_ref_seq.pdbx_PDB_id_code              1ICX 
_struct_ref_seq.pdbx_strand_id                A 
_struct_ref_seq.seq_align_beg                 1 
_struct_ref_seq.pdbx_seq_align_beg_ins_code   ? 
_struct_ref_seq.seq_align_end                 155 
_struct_ref_seq.pdbx_seq_align_end_ins_code   ? 
_struct_ref_seq.pdbx_db_accession             P52778 
_struct_ref_seq.db_align_beg                  2 
_struct_ref_seq.pdbx_db_align_beg_ins_code    ? 
_struct_ref_seq.db_align_end                  156 
_struct_ref_seq.pdbx_db_align_end_ins_code    ? 
_struct_ref_seq.pdbx_auth_seq_align_beg       1 
_struct_ref_seq.pdbx_auth_seq_align_end       155 
# 
loop_
_chem_comp.id 
_chem_comp.type 
_chem_comp.mon_nstd_flag 
_chem_comp.name 
_chem_comp.pdbx_synonyms 
_chem_comp.formula 
_chem_comp.formula_weight 
ALA 'L-peptide linking' y ALANINE         ? 'C3 H7 N O2'     89.093  
ARG 'L-peptide linking' y ARGININE        ? 'C6 H15 N4 O2 1' 175.209 
ASN 'L-peptide linking' y ASPARAGINE      ? 'C4 H8 N2 O3'    132.118 
ASP 'L-peptide linking' y 'ASPARTIC ACID' ? 'C4 H7 N O4'     133.103 
GLN 'L-peptide linking' y GLUTAMINE       ? 'C5 H10 N2 O3'   146.144 
GLU 'L-peptide linking' y 'GLUTAMIC ACID' ? 'C5 H9 N O4'     147.129 
GLY 'peptide linking'   y GLYCINE         ? 'C2 H5 N O2'     75.067  
HIS 'L-peptide linking' y HISTIDINE       ? 'C6 H10 N3 O2 1' 156.162 
HOH non-polymer         . WATER           ? 'H2 O'           18.015  
ILE 'L-peptide linking' y ISOLEUCINE      ? 'C6 H13 N O2'    131.173 
LEU 'L-peptide linking' y LEUCINE         ? 'C6 H13 N O2'    131.173 
LYS 'L-peptide linking' y LYSINE          ? 'C6 H15 N2 O2 1' 147.195 
PHE 'L-peptide linking' y PHENYLALANINE   ? 'C9 H11 N O2'    165.189 
PRO 'L-peptide linking' y PROLINE         ? 'C5 H9 N O2'     115.130 
SER 'L-peptide linking' y SERINE          ? 'C3 H7 N O3'     105.093 
THR 'L-peptide linking' y THREONINE       ? 'C4 H9 N O3'     119.119 
TYR 'L-peptide linking' y TYROSINE        ? 'C9 H11 N O3'    181.189 
VAL 'L-peptide linking' y VALINE          ? 'C5 H11 N O2'    117.146 
# 
_exptl.entry_id          1ICX 
_exptl.method            'X-RAY DIFFRACTION' 
_exptl.crystals_number   1 
# 
_exptl_crystal.id                    1 
_exptl_crystal.density_meas          ? 
_exptl_crystal.density_Matthews      1.83 
_exptl_crystal.density_percent_sol   32.8 
_exptl_crystal.description           ? 
# 
_exptl_crystal_grow.crystal_id      1 
_exptl_crystal_grow.method          'VAPOR DIFFUSION, HANGING DROP' 
_exptl_crystal_grow.temp            292 
_exptl_crystal_grow.temp_details    ? 
_exptl_crystal_grow.pH              8.0 
_exptl_crystal_grow.pdbx_details    
'ammonium sulfate, TRIS, sucrose laureate, pH 8.0, VAPOR DIFFUSION, HANGING DROP, temperature 292K' 
_exptl_crystal_grow.pdbx_pH_range   . 
# 
_diffrn.id                     1 
_diffrn.ambient_temp           100 
_diffrn.ambient_temp_details   ? 
_diffrn.crystal_id             1 
# 
_diffrn_detector.diffrn_id              1 
_diffrn_detector.detector               'IMAGE PLATE' 
_diffrn_detector.type                   MARRESEARCH 
_diffrn_detector.pdbx_collection_date   1999-07-17 
_diffrn_detector.details                ? 
# 
_diffrn_radiation.diffrn_id                        1 
_diffrn_radiation.wavelength_id                    1 
_diffrn_radiation.pdbx_monochromatic_or_laue_m_l   M 
_diffrn_radiation.monochromator                    'Si 111 CHANNEL' 
_diffrn_radiation.pdbx_diffrn_protocol             'SINGLE WAVELENGTH' 
_diffrn_radiation.pdbx_scattering_type             x-ray 
# 
_diffrn_radiation_wavelength.id           1 
_diffrn_radiation_wavelength.wavelength   1.3750 
_diffrn_radiation_wavelength.wt           1.0 
# 
_diffrn_source.diffrn_id                   1 
_diffrn_source.source                      SYNCHROTRON 
_diffrn_source.type                        'LURE BEAMLINE D41A' 
_diffrn_source.pdbx_synchrotron_site       LURE 
_diffrn_source.pdbx_synchrotron_beamline   D41A 
_diffrn_source.pdbx_wavelength             ? 
_diffrn_source.pdbx_wavelength_list        1.3750 
# 
_reflns.entry_id                     1ICX 
_reflns.observed_criterion_sigma_I   -3 
_reflns.observed_criterion_sigma_F   ? 
_reflns.d_resolution_low             19.35 
_reflns.d_resolution_high            1.95 
_reflns.number_obs                   9446 
_reflns.number_all                   ? 
_reflns.percent_possible_obs         99.5 
_reflns.pdbx_Rmerge_I_obs            0.0530000 
_reflns.pdbx_Rsym_value              ? 
_reflns.pdbx_netI_over_sigmaI        25.73 
_reflns.B_iso_Wilson_estimate        12.1 
_reflns.pdbx_redundancy              9.46 
_reflns.R_free_details               ? 
_reflns.limit_h_max                  ? 
_reflns.limit_h_min                  ? 
_reflns.limit_k_max                  ? 
_reflns.limit_k_min                  ? 
_reflns.limit_l_max                  ? 
_reflns.limit_l_min                  ? 
_reflns.observed_criterion_F_max     ? 
_reflns.observed_criterion_F_min     ? 
_reflns.pdbx_diffrn_id               1 
_reflns.pdbx_ordinal                 1 
# 
_reflns_shell.d_res_high             1.95 
_reflns_shell.d_res_low              2.02 
_reflns_shell.percent_possible_all   96.8 
_reflns_shell.Rmerge_I_obs           0.1270000 
_reflns_shell.pdbx_Rsym_value        ? 
_reflns_shell.meanI_over_sigI_obs    8.46 
_reflns_shell.pdbx_redundancy        3.1 
_reflns_shell.percent_possible_obs   ? 
_reflns_shell.number_unique_all      ? 
_reflns_shell.pdbx_diffrn_id         ? 
_reflns_shell.pdbx_ordinal           1 
# 
_refine.entry_id                                 1ICX 
_refine.ls_number_reflns_obs                     9307 
_refine.ls_number_reflns_all                     ? 
_refine.pdbx_ls_sigma_I                          ? 
_refine.pdbx_ls_sigma_F                          0.00 
_refine.pdbx_data_cutoff_high_absF               ? 
_refine.pdbx_data_cutoff_low_absF                ? 
_refine.pdbx_data_cutoff_high_rms_absF           ? 
_refine.ls_d_res_low                             12.00 
_refine.ls_d_res_high                            1.95 
_refine.ls_percent_reflns_obs                    98.4 
_refine.ls_R_factor_obs                          0.1960000 
_refine.ls_R_factor_all                          ? 
_refine.ls_R_factor_R_work                       0.1960000 
_refine.ls_R_factor_R_free                       0.2500000 
_refine.ls_R_factor_R_free_error                 0.007 
_refine.ls_R_factor_R_free_error_details         ? 
_refine.ls_percent_reflns_R_free                 10.000 
_refine.ls_number_reflns_R_free                  930 
_refine.ls_number_parameters                     ? 
_refine.ls_number_restraints                     ? 
_refine.occupancy_min                            ? 
_refine.occupancy_max                            ? 
_refine.B_iso_mean                               26.50 
_refine.aniso_B[1][1]                            ? 
_refine.aniso_B[2][2]                            ? 
_refine.aniso_B[3][3]                            ? 
_refine.aniso_B[1][2]                            ? 
_refine.aniso_B[1][3]                            ? 
_refine.aniso_B[2][3]                            ? 
_refine.solvent_model_details                    'FLAT MODEL' 
_refine.solvent_model_param_ksol                 0.38 
_refine.solvent_model_param_bsol                 51.41 
_refine.pdbx_ls_cross_valid_method               THROUGHOUT 
_refine.details                                  
;RESIDUES ASP 60, GLN 133, LYS 135, PHE 136 REFINED AS ALANINES 
BECAUSE OF POOR SIDE-CHAIN ELECTRON DENSITY
;
_refine.pdbx_starting_model                      'PDB ENTRY 1BTV' 
_refine.pdbx_method_to_determine_struct          'MOLECULAR REPLACEMENT' 
_refine.pdbx_isotropic_thermal_model             RESTRAINED 
_refine.pdbx_stereochemistry_target_values       'ENGH & HUBER' 
_refine.pdbx_stereochem_target_val_spec_case     ? 
_refine.pdbx_R_Free_selection_details            RANDOM 
_refine.pdbx_overall_ESU_R                       ? 
_refine.pdbx_overall_ESU_R_Free                  ? 
_refine.overall_SU_ML                            ? 
_refine.overall_SU_B                             ? 
_refine.ls_redundancy_reflns_obs                 ? 
_refine.B_iso_min                                ? 
_refine.B_iso_max                                ? 
_refine.correlation_coeff_Fo_to_Fc               ? 
_refine.overall_SU_R_Cruickshank_DPI             ? 
_refine.overall_SU_R_free                        ? 
_refine.correlation_coeff_Fo_to_Fc_free          ? 
_refine.pdbx_solvent_vdw_probe_radii             ? 
_refine.pdbx_solvent_ion_probe_radii             ? 
_refine.pdbx_solvent_shrinkage_radii             ? 
_refine.pdbx_refine_id                           'X-RAY DIFFRACTION' 
_refine.pdbx_diffrn_id                           1 
_refine.pdbx_TLS_residual_ADP_flag               ? 
_refine.pdbx_overall_phase_error                 ? 
_refine.pdbx_overall_SU_R_free_Cruickshank_DPI   ? 
_refine.pdbx_overall_SU_R_Blow_DPI               ? 
_refine.pdbx_overall_SU_R_free_Blow_DPI          ? 
# 
_refine_analyze.entry_id                        1ICX 
_refine_analyze.Luzzati_coordinate_error_obs    0.22 
_refine_analyze.Luzzati_sigma_a_obs             0.17 
_refine_analyze.Luzzati_d_res_low_obs           5.00 
_refine_analyze.Luzzati_coordinate_error_free   0.25 
_refine_analyze.Luzzati_sigma_a_free            0.23 
_refine_analyze.Luzzati_d_res_low_free          ? 
_refine_analyze.number_disordered_residues      ? 
_refine_analyze.occupancy_sum_hydrogen          ? 
_refine_analyze.occupancy_sum_non_hydrogen      ? 
_refine_analyze.pdbx_Luzzati_d_res_high_obs     ? 
_refine_analyze.pdbx_refine_id                  'X-RAY DIFFRACTION' 
# 
_refine_hist.pdbx_refine_id                   'X-RAY DIFFRACTION' 
_refine_hist.cycle_id                         LAST 
_refine_hist.pdbx_number_atoms_protein        1166 
_refine_hist.pdbx_number_atoms_nucleic_acid   0 
_refine_hist.pdbx_number_atoms_ligand         0 
_refine_hist.number_atoms_solvent             104 
_refine_hist.number_atoms_total               1270 
_refine_hist.d_res_high                       1.95 
_refine_hist.d_res_low                        12.00 
# 
loop_
_refine_ls_restr.type 
_refine_ls_restr.dev_ideal 
_refine_ls_restr.dev_ideal_target 
_refine_ls_restr.weight 
_refine_ls_restr.number 
_refine_ls_restr.pdbx_refine_id 
_refine_ls_restr.pdbx_restraint_function 
c_bond_d                0.016 ?    ? ? 'X-RAY DIFFRACTION' ? 
c_bond_d_na             ?     ?    ? ? 'X-RAY DIFFRACTION' ? 
c_bond_d_prot           ?     ?    ? ? 'X-RAY DIFFRACTION' ? 
c_angle_d               ?     ?    ? ? 'X-RAY DIFFRACTION' ? 
c_angle_d_na            ?     ?    ? ? 'X-RAY DIFFRACTION' ? 
c_angle_d_prot          ?     ?    ? ? 'X-RAY DIFFRACTION' ? 
c_angle_deg             1.9   ?    ? ? 'X-RAY DIFFRACTION' ? 
c_angle_deg_na          ?     ?    ? ? 'X-RAY DIFFRACTION' ? 
c_angle_deg_prot        ?     ?    ? ? 'X-RAY DIFFRACTION' ? 
c_dihedral_angle_d      25.3  ?    ? ? 'X-RAY DIFFRACTION' ? 
c_dihedral_angle_d_na   ?     ?    ? ? 'X-RAY DIFFRACTION' ? 
c_dihedral_angle_d_prot ?     ?    ? ? 'X-RAY DIFFRACTION' ? 
c_improper_angle_d      1.19  ?    ? ? 'X-RAY DIFFRACTION' ? 
c_improper_angle_d_na   ?     ?    ? ? 'X-RAY DIFFRACTION' ? 
c_improper_angle_d_prot ?     ?    ? ? 'X-RAY DIFFRACTION' ? 
c_mcbond_it             2.06  1.50 ? ? 'X-RAY DIFFRACTION' ? 
c_mcangle_it            3.30  2.00 ? ? 'X-RAY DIFFRACTION' ? 
c_scbond_it             2.98  2.00 ? ? 'X-RAY DIFFRACTION' ? 
c_scangle_it            4.43  2.50 ? ? 'X-RAY DIFFRACTION' ? 
# 
_refine_ls_shell.pdbx_total_number_of_bins_used   6 
_refine_ls_shell.d_res_high                       1.95 
_refine_ls_shell.d_res_low                        2.07 
_refine_ls_shell.number_reflns_R_work             1318 
_refine_ls_shell.R_factor_R_work                  0.2120000 
_refine_ls_shell.percent_reflns_obs               98.7 
_refine_ls_shell.R_factor_R_free                  0.2850000 
_refine_ls_shell.R_factor_R_free_error            0.022 
_refine_ls_shell.percent_reflns_R_free            11.5 
_refine_ls_shell.number_reflns_R_free             172 
_refine_ls_shell.number_reflns_obs                ? 
_refine_ls_shell.redundancy_reflns_obs            ? 
_refine_ls_shell.number_reflns_all                ? 
_refine_ls_shell.pdbx_refine_id                   'X-RAY DIFFRACTION' 
_refine_ls_shell.R_factor_all                     ? 
# 
loop_
_pdbx_xplor_file.serial_no 
_pdbx_xplor_file.param_file 
_pdbx_xplor_file.topol_file 
_pdbx_xplor_file.pdbx_refine_id 
1 PROTEIN_REP.PARAM PROTEIN.TOP 'X-RAY DIFFRACTION' 
2 WATER_REP.PARAM   ?           'X-RAY DIFFRACTION' 
# 
_struct.entry_id                  1ICX 
_struct.title                     'CRYSTAL STRUCTURE OF PATHOGENESIS-RELATED PROTEIN LLPR10.1A FROM YELLOW LUPINE' 
_struct.pdbx_model_details        ? 
_struct.pdbx_CASP_flag            ? 
_struct.pdbx_model_type_details   ? 
# 
_struct_keywords.entry_id        1ICX 
_struct_keywords.pdbx_keywords   ALLERGEN 
_struct_keywords.text            '7-stranded beta sheet, C-terminal helix, ALLERGEN' 
# 
loop_
_struct_asym.id 
_struct_asym.pdbx_blank_PDB_chainid_flag 
_struct_asym.pdbx_modified 
_struct_asym.entity_id 
_struct_asym.details 
A N N 1 ? 
B N N 2 ? 
# 
loop_
_struct_conf.conf_type_id 
_struct_conf.id 
_struct_conf.pdbx_PDB_helix_id 
_struct_conf.beg_label_comp_id 
_struct_conf.beg_label_asym_id 
_struct_conf.beg_label_seq_id 
_struct_conf.pdbx_beg_PDB_ins_code 
_struct_conf.end_label_comp_id 
_struct_conf.end_label_asym_id 
_struct_conf.end_label_seq_id 
_struct_conf.pdbx_end_PDB_ins_code 
_struct_conf.beg_auth_comp_id 
_struct_conf.beg_auth_asym_id 
_struct_conf.beg_auth_seq_id 
_struct_conf.end_auth_comp_id 
_struct_conf.end_auth_asym_id 
_struct_conf.end_auth_seq_id 
_struct_conf.pdbx_PDB_helix_class 
_struct_conf.details 
_struct_conf.pdbx_PDB_helix_length 
HELX_P HELX_P1 1 ALA A 14  ? THR A 23  ? ALA A 14  THR A 23  1 ? 10 
HELX_P HELX_P2 2 ASP A 25  ? ILE A 34  ? ASP A 25  ILE A 34  1 ? 10 
HELX_P HELX_P3 3 GLU A 75  ? ASN A 77  ? GLU A 75  ASN A 77  5 ? 3  
HELX_P HELX_P4 4 PRO A 107 ? GLY A 109 ? PRO A 107 GLY A 109 5 ? 3  
HELX_P HELX_P5 5 SER A 127 ? ASP A 132 ? SER A 127 ASP A 132 1 ? 6  
HELX_P HELX_P6 6 GLN A 133 ? HIS A 152 ? GLN A 133 HIS A 152 1 ? 20 
# 
_struct_conf_type.id          HELX_P 
_struct_conf_type.criteria    ? 
_struct_conf_type.reference   ? 
# 
_struct_sheet.id               A 
_struct_sheet.type             ? 
_struct_sheet.number_strands   7 
_struct_sheet.details          ? 
# 
loop_
_struct_sheet_order.sheet_id 
_struct_sheet_order.range_id_1 
_struct_sheet_order.range_id_2 
_struct_sheet_order.offset 
_struct_sheet_order.sense 
A 1 2 ? anti-parallel 
A 2 3 ? anti-parallel 
A 3 4 ? anti-parallel 
A 4 5 ? anti-parallel 
A 5 6 ? anti-parallel 
A 6 7 ? anti-parallel 
# 
loop_
_struct_sheet_range.sheet_id 
_struct_sheet_range.id 
_struct_sheet_range.beg_label_comp_id 
_struct_sheet_range.beg_label_asym_id 
_struct_sheet_range.beg_label_seq_id 
_struct_sheet_range.pdbx_beg_PDB_ins_code 
_struct_sheet_range.end_label_comp_id 
_struct_sheet_range.end_label_asym_id 
_struct_sheet_range.end_label_seq_id 
_struct_sheet_range.pdbx_end_PDB_ins_code 
_struct_sheet_range.beg_auth_comp_id 
_struct_sheet_range.beg_auth_asym_id 
_struct_sheet_range.beg_auth_seq_id 
_struct_sheet_range.end_auth_comp_id 
_struct_sheet_range.end_auth_asym_id 
_struct_sheet_range.end_auth_seq_id 
A 1 ILE A 2   ? SER A 11  ? ILE A 2   SER A 11  
A 2 SER A 111 ? THR A 121 ? SER A 111 THR A 121 
A 3 LEU A 94  ? PRO A 105 ? LEU A 94  PRO A 105 
A 4 THR A 79  ? GLY A 87  ? THR A 79  GLY A 87  
A 5 THR A 63  ? ASP A 74  ? THR A 63  ASP A 74  
A 6 ILE A 52  ? ILE A 58  ? ILE A 52  ILE A 58  
A 7 ILE A 37  ? GLU A 44  ? ILE A 37  GLU A 44  
# 
loop_
_pdbx_struct_sheet_hbond.sheet_id 
_pdbx_struct_sheet_hbond.range_id_1 
_pdbx_struct_sheet_hbond.range_id_2 
_pdbx_struct_sheet_hbond.range_1_label_atom_id 
_pdbx_struct_sheet_hbond.range_1_label_comp_id 
_pdbx_struct_sheet_hbond.range_1_label_asym_id 
_pdbx_struct_sheet_hbond.range_1_label_seq_id 
_pdbx_struct_sheet_hbond.range_1_PDB_ins_code 
_pdbx_struct_sheet_hbond.range_1_auth_atom_id 
_pdbx_struct_sheet_hbond.range_1_auth_comp_id 
_pdbx_struct_sheet_hbond.range_1_auth_asym_id 
_pdbx_struct_sheet_hbond.range_1_auth_seq_id 
_pdbx_struct_sheet_hbond.range_2_label_atom_id 
_pdbx_struct_sheet_hbond.range_2_label_comp_id 
_pdbx_struct_sheet_hbond.range_2_label_asym_id 
_pdbx_struct_sheet_hbond.range_2_label_seq_id 
_pdbx_struct_sheet_hbond.range_2_PDB_ins_code 
_pdbx_struct_sheet_hbond.range_2_auth_atom_id 
_pdbx_struct_sheet_hbond.range_2_auth_comp_id 
_pdbx_struct_sheet_hbond.range_2_auth_asym_id 
_pdbx_struct_sheet_hbond.range_2_auth_seq_id 
A 1 2 O SER A 11  ? O SER A 11  N SER A 111 ? N SER A 111 
A 2 3 O HIS A 120 ? O HIS A 120 N GLU A 95  ? N GLU A 95  
A 3 4 N SER A 101 ? N SER A 101 O TYR A 80  ? O TYR A 80  
A 4 5 N ILE A 85  ? N ILE A 85  O LEU A 67  ? O LEU A 67  
A 5 6 O HIS A 68  ? O HIS A 68  N LYS A 53  ? N LYS A 53  
A 6 7 O ILE A 56  ? O ILE A 56  N GLN A 38  ? N GLN A 38  
# 
_atom_sites.entry_id                    1ICX 
_atom_sites.fract_transf_matrix[1][1]   0.00028703 
_atom_sites.fract_transf_matrix[1][2]   -0.01479377 
_atom_sites.fract_transf_matrix[1][3]   0.02446675 
_atom_sites.fract_transf_matrix[2][1]   0.01273867 
_atom_sites.fract_transf_matrix[2][2]   -0.01040360 
_atom_sites.fract_transf_matrix[2][3]   -0.00643996 
_atom_sites.fract_transf_matrix[3][1]   0.01121604 
_atom_sites.fract_transf_matrix[3][2]   0.01005244 
_atom_sites.fract_transf_matrix[3][3]   0.00594661 
_atom_sites.fract_transf_vector[1]      0.970576 
_atom_sites.fract_transf_vector[2]      -0.026912 
_atom_sites.fract_transf_vector[3]      0.015200 
# 
loop_
_atom_type.symbol 
C 
N 
O 
# 
loop_
_atom_site.group_PDB 
_atom_site.id 
_atom_site.type_symbol 
_atom_site.label_atom_id 
_atom_site.label_alt_id 
_atom_site.label_comp_id 
_atom_site.label_asym_id 
_atom_site.label_entity_id 
_atom_site.label_seq_id 
_atom_site.pdbx_PDB_ins_code 
_atom_site.Cartn_x 
_atom_site.Cartn_y 
_atom_site.Cartn_z 
_atom_site.occupancy 
_atom_site.B_iso_or_equiv 
_atom_site.pdbx_formal_charge 
_atom_site.auth_seq_id 
_atom_site.auth_comp_id 
_atom_site.auth_asym_id 
_atom_site.auth_atom_id 
_atom_site.pdbx_PDB_model_num 
ATOM   1    N N   . GLY A 1 1   ? 6.221   19.481  -5.428  1.00 15.92 ? 1    GLY A N   1 
ATOM   2    C CA  . GLY A 1 1   ? 7.123   19.191  -4.298  1.00 16.94 ? 1    GLY A CA  1 
ATOM   3    C C   . GLY A 1 1   ? 7.074   17.716  -4.044  1.00 15.69 ? 1    GLY A C   1 
ATOM   4    O O   . GLY A 1 1   ? 6.288   17.034  -4.702  1.00 16.23 ? 1    GLY A O   1 
ATOM   5    N N   . ILE A 1 2   ? 7.937   17.219  -3.149  1.00 12.61 ? 2    ILE A N   1 
ATOM   6    C CA  . ILE A 1 2   ? 7.961   15.818  -2.746  1.00 13.35 ? 2    ILE A CA  1 
ATOM   7    C C   . ILE A 1 2   ? 8.170   15.811  -1.264  1.00 13.91 ? 2    ILE A C   1 
ATOM   8    O O   . ILE A 1 2   ? 9.259   16.166  -0.792  1.00 15.99 ? 2    ILE A O   1 
ATOM   9    C CB  . ILE A 1 2   ? 9.098   15.040  -3.331  1.00 12.56 ? 2    ILE A CB  1 
ATOM   10   C CG1 . ILE A 1 2   ? 9.073   15.175  -4.854  1.00 16.26 ? 2    ILE A CG1 1 
ATOM   11   C CG2 . ILE A 1 2   ? 9.024   13.581  -2.802  1.00 14.69 ? 2    ILE A CG2 1 
ATOM   12   C CD1 . ILE A 1 2   ? 10.231  14.439  -5.564  1.00 18.21 ? 2    ILE A CD1 1 
ATOM   13   N N   . PHE A 1 3   ? 7.123   15.451  -0.527  1.00 12.90 ? 3    PHE A N   1 
ATOM   14   C CA  . PHE A 1 3   ? 7.184   15.397  0.945   1.00 10.50 ? 3    PHE A CA  1 
ATOM   15   C C   . PHE A 1 3   ? 7.222   13.941  1.393   1.00 12.33 ? 3    PHE A C   1 
ATOM   16   O O   . PHE A 1 3   ? 6.255   13.229  1.195   1.00 10.43 ? 3    PHE A O   1 
ATOM   17   C CB  . PHE A 1 3   ? 5.945   16.094  1.496   1.00 13.05 ? 3    PHE A CB  1 
ATOM   18   C CG  . PHE A 1 3   ? 5.884   17.556  1.136   1.00 13.52 ? 3    PHE A CG  1 
ATOM   19   C CD1 . PHE A 1 3   ? 6.335   18.532  2.053   1.00 16.67 ? 3    PHE A CD1 1 
ATOM   20   C CD2 . PHE A 1 3   ? 5.447   17.964  -0.127  1.00 15.59 ? 3    PHE A CD2 1 
ATOM   21   C CE1 . PHE A 1 3   ? 6.366   19.903  1.717   1.00 18.97 ? 3    PHE A CE1 1 
ATOM   22   C CE2 . PHE A 1 3   ? 5.472   19.346  -0.489  1.00 17.99 ? 3    PHE A CE2 1 
ATOM   23   C CZ  . PHE A 1 3   ? 5.932   20.304  0.446   1.00 15.30 ? 3    PHE A CZ  1 
ATOM   24   N N   . ALA A 1 4   ? 8.319   13.512  2.008   1.00 11.33 ? 4    ALA A N   1 
ATOM   25   C CA  . ALA A 1 4   ? 8.471   12.123  2.440   1.00 12.50 ? 4    ALA A CA  1 
ATOM   26   C C   . ALA A 1 4   ? 8.270   11.978  3.927   1.00 13.22 ? 4    ALA A C   1 
ATOM   27   O O   . ALA A 1 4   ? 8.642   12.875  4.691   1.00 14.61 ? 4    ALA A O   1 
ATOM   28   C CB  . ALA A 1 4   ? 9.854   11.616  2.048   1.00 12.67 ? 4    ALA A CB  1 
ATOM   29   N N   . PHE A 1 5   ? 7.672   10.872  4.350   1.00 13.20 ? 5    PHE A N   1 
ATOM   30   C CA  . PHE A 1 5   ? 7.428   10.622  5.779   1.00 16.78 ? 5    PHE A CA  1 
ATOM   31   C C   . PHE A 1 5   ? 7.847   9.188   5.985   1.00 19.37 ? 5    PHE A C   1 
ATOM   32   O O   . PHE A 1 5   ? 7.803   8.423   5.043   1.00 19.38 ? 5    PHE A O   1 
ATOM   33   C CB  . PHE A 1 5   ? 5.937   10.795  6.105   1.00 16.04 ? 5    PHE A CB  1 
ATOM   34   C CG  . PHE A 1 5   ? 5.432   12.186  5.869   1.00 20.91 ? 5    PHE A CG  1 
ATOM   35   C CD1 . PHE A 1 5   ? 5.505   13.127  6.881   1.00 22.54 ? 5    PHE A CD1 1 
ATOM   36   C CD2 . PHE A 1 5   ? 4.986   12.586  4.601   1.00 17.95 ? 5    PHE A CD2 1 
ATOM   37   C CE1 . PHE A 1 5   ? 5.158   14.453  6.661   1.00 19.94 ? 5    PHE A CE1 1 
ATOM   38   C CE2 . PHE A 1 5   ? 4.629   13.916  4.355   1.00 18.71 ? 5    PHE A CE2 1 
ATOM   39   C CZ  . PHE A 1 5   ? 4.717   14.855  5.391   1.00 20.87 ? 5    PHE A CZ  1 
ATOM   40   N N   . GLU A 1 6   ? 8.296   8.805   7.176   1.00 20.86 ? 6    GLU A N   1 
ATOM   41   C CA  . GLU A 1 6   ? 8.697   7.412   7.375   1.00 25.28 ? 6    GLU A CA  1 
ATOM   42   C C   . GLU A 1 6   ? 7.861   6.920   8.494   1.00 26.20 ? 6    GLU A C   1 
ATOM   43   O O   . GLU A 1 6   ? 7.577   7.679   9.397   1.00 25.06 ? 6    GLU A O   1 
ATOM   44   C CB  . GLU A 1 6   ? 10.162  7.291   7.772   1.00 32.65 ? 6    GLU A CB  1 
ATOM   45   C CG  . GLU A 1 6   ? 11.088  8.043   6.839   1.00 40.57 ? 6    GLU A CG  1 
ATOM   46   C CD  . GLU A 1 6   ? 12.509  8.163   7.376   1.00 45.80 ? 6    GLU A CD  1 
ATOM   47   O OE1 . GLU A 1 6   ? 12.665  8.449   8.589   1.00 49.10 ? 6    GLU A OE1 1 
ATOM   48   O OE2 . GLU A 1 6   ? 13.459  7.981   6.575   1.00 48.37 ? 6    GLU A OE2 1 
ATOM   49   N N   . ASN A 1 7   ? 7.411   5.680   8.427   1.00 27.38 ? 7    ASN A N   1 
ATOM   50   C CA  . ASN A 1 7   ? 6.613   5.150   9.511   1.00 29.79 ? 7    ASN A CA  1 
ATOM   51   C C   . ASN A 1 7   ? 7.058   3.732   9.730   1.00 30.79 ? 7    ASN A C   1 
ATOM   52   O O   . ASN A 1 7   ? 7.605   3.131   8.829   1.00 26.92 ? 7    ASN A O   1 
ATOM   53   C CB  . ASN A 1 7   ? 5.109   5.244   9.214   1.00 30.55 ? 7    ASN A CB  1 
ATOM   54   C CG  . ASN A 1 7   ? 4.531   6.642   9.524   1.00 35.54 ? 7    ASN A CG  1 
ATOM   55   O OD1 . ASN A 1 7   ? 4.261   7.452   8.610   1.00 34.20 ? 7    ASN A OD1 1 
ATOM   56   N ND2 . ASN A 1 7   ? 4.348   6.930   10.820  1.00 36.04 ? 7    ASN A ND2 1 
ATOM   57   N N   . GLU A 1 8   ? 6.851   3.211   10.928  1.00 32.30 ? 8    GLU A N   1 
ATOM   58   C CA  . GLU A 1 8   ? 7.295   1.871   11.231  1.00 35.30 ? 8    GLU A CA  1 
ATOM   59   C C   . GLU A 1 8   ? 6.259   1.243   12.122  1.00 33.23 ? 8    GLU A C   1 
ATOM   60   O O   . GLU A 1 8   ? 5.739   1.875   13.006  1.00 32.61 ? 8    GLU A O   1 
ATOM   61   C CB  . GLU A 1 8   ? 8.650   1.951   11.925  1.00 42.16 ? 8    GLU A CB  1 
ATOM   62   C CG  . GLU A 1 8   ? 9.370   0.620   12.188  1.00 51.65 ? 8    GLU A CG  1 
ATOM   63   C CD  . GLU A 1 8   ? 10.839  0.818   12.641  1.00 56.04 ? 8    GLU A CD  1 
ATOM   64   O OE1 . GLU A 1 8   ? 11.640  1.338   11.825  1.00 58.38 ? 8    GLU A OE1 1 
ATOM   65   O OE2 . GLU A 1 8   ? 11.186  0.465   13.805  1.00 58.85 ? 8    GLU A OE2 1 
ATOM   66   N N   . GLN A 1 9   ? 5.947   -0.008  11.860  1.00 30.81 ? 9    GLN A N   1 
ATOM   67   C CA  . GLN A 1 9   ? 4.947   -0.728  12.599  1.00 27.27 ? 9    GLN A CA  1 
ATOM   68   C C   . GLN A 1 9   ? 5.496   -2.099  12.972  1.00 26.22 ? 9    GLN A C   1 
ATOM   69   O O   . GLN A 1 9   ? 5.889   -2.885  12.104  1.00 23.01 ? 9    GLN A O   1 
ATOM   70   C CB  . GLN A 1 9   ? 3.703   -0.881  11.714  1.00 30.52 ? 9    GLN A CB  1 
ATOM   71   C CG  . GLN A 1 9   ? 2.517   -1.532  12.412  1.00 31.61 ? 9    GLN A CG  1 
ATOM   72   C CD  . GLN A 1 9   ? 2.158   -0.838  13.728  1.00 35.06 ? 9    GLN A CD  1 
ATOM   73   O OE1 . GLN A 1 9   ? 1.753   0.336   13.723  1.00 36.61 ? 9    GLN A OE1 1 
ATOM   74   N NE2 . GLN A 1 9   ? 2.317   -1.559  14.868  1.00 31.86 ? 9    GLN A NE2 1 
ATOM   75   N N   . SER A 1 10  ? 5.562   -2.414  14.252  1.00 23.41 ? 10   SER A N   1 
ATOM   76   C CA  . SER A 1 10  ? 6.043   -3.737  14.566  1.00 23.16 ? 10   SER A CA  1 
ATOM   77   C C   . SER A 1 10  ? 4.897   -4.749  14.346  1.00 20.08 ? 10   SER A C   1 
ATOM   78   O O   . SER A 1 10  ? 3.723   -4.422  14.378  1.00 18.00 ? 10   SER A O   1 
ATOM   79   C CB  . SER A 1 10  ? 6.596   -3.787  15.994  1.00 27.23 ? 10   SER A CB  1 
ATOM   80   O OG  . SER A 1 10  ? 5.590   -3.516  16.952  1.00 38.32 ? 10   SER A OG  1 
ATOM   81   N N   . SER A 1 11  ? 5.254   -5.981  14.075  1.00 18.17 ? 11   SER A N   1 
ATOM   82   C CA  . SER A 1 11  ? 4.282   -7.025  13.849  1.00 19.07 ? 11   SER A CA  1 
ATOM   83   C C   . SER A 1 11  ? 4.825   -8.298  14.440  1.00 19.12 ? 11   SER A C   1 
ATOM   84   O O   . SER A 1 11  ? 6.043   -8.497  14.483  1.00 16.81 ? 11   SER A O   1 
ATOM   85   C CB  . SER A 1 11  ? 4.070   -7.253  12.361  1.00 18.21 ? 11   SER A CB  1 
ATOM   86   O OG  . SER A 1 11  ? 3.284   -8.413  12.140  1.00 20.38 ? 11   SER A OG  1 
ATOM   87   N N   . THR A 1 12  ? 3.926   -9.157  14.911  1.00 17.96 ? 12   THR A N   1 
ATOM   88   C CA  . THR A 1 12  ? 4.324   -10.465 15.448  1.00 19.06 ? 12   THR A CA  1 
ATOM   89   C C   . THR A 1 12  ? 4.390   -11.479 14.291  1.00 18.99 ? 12   THR A C   1 
ATOM   90   O O   . THR A 1 12  ? 4.820   -12.622 14.484  1.00 18.91 ? 12   THR A O   1 
ATOM   91   C CB  . THR A 1 12  ? 3.289   -11.010 16.507  1.00 20.06 ? 12   THR A CB  1 
ATOM   92   O OG1 . THR A 1 12  ? 2.009   -11.205 15.875  1.00 21.16 ? 12   THR A OG1 1 
ATOM   93   C CG2 . THR A 1 12  ? 3.163   -10.058 17.695  1.00 20.72 ? 12   THR A CG2 1 
ATOM   94   N N   . VAL A 1 13  ? 3.955   -11.063 13.096  1.00 18.63 ? 13   VAL A N   1 
ATOM   95   C CA  . VAL A 1 13  ? 3.945   -11.943 11.942  1.00 16.76 ? 13   VAL A CA  1 
ATOM   96   C C   . VAL A 1 13  ? 5.380   -12.156 11.439  1.00 16.00 ? 13   VAL A C   1 
ATOM   97   O O   . VAL A 1 13  ? 6.181   -11.230 11.427  1.00 13.39 ? 13   VAL A O   1 
ATOM   98   C CB  . VAL A 1 13  ? 3.076   -11.326 10.864  1.00 17.69 ? 13   VAL A CB  1 
ATOM   99   C CG1 . VAL A 1 13  ? 3.027   -12.232 9.661   1.00 15.32 ? 13   VAL A CG1 1 
ATOM   100  C CG2 . VAL A 1 13  ? 1.672   -11.080 11.436  1.00 15.49 ? 13   VAL A CG2 1 
ATOM   101  N N   . ALA A 1 14  ? 5.729   -13.374 11.037  1.00 15.98 ? 14   ALA A N   1 
ATOM   102  C CA  . ALA A 1 14  ? 7.077   -13.650 10.550  1.00 15.80 ? 14   ALA A CA  1 
ATOM   103  C C   . ALA A 1 14  ? 7.301   -12.769 9.314   1.00 17.05 ? 14   ALA A C   1 
ATOM   104  O O   . ALA A 1 14  ? 6.387   -12.617 8.485   1.00 17.61 ? 14   ALA A O   1 
ATOM   105  C CB  . ALA A 1 14  ? 7.214   -15.127 10.195  1.00 15.19 ? 14   ALA A CB  1 
ATOM   106  N N   . PRO A 1 15  ? 8.517   -12.192 9.143   1.00 17.52 ? 15   PRO A N   1 
ATOM   107  C CA  . PRO A 1 15  ? 8.861   -11.315 7.994   1.00 16.64 ? 15   PRO A CA  1 
ATOM   108  C C   . PRO A 1 15  ? 8.405   -11.802 6.589   1.00 16.62 ? 15   PRO A C   1 
ATOM   109  O O   . PRO A 1 15  ? 7.696   -11.082 5.864   1.00 16.04 ? 15   PRO A O   1 
ATOM   110  C CB  . PRO A 1 15  ? 10.381  -11.205 8.089   1.00 19.64 ? 15   PRO A CB  1 
ATOM   111  C CG  . PRO A 1 15  ? 10.630  -11.392 9.588   1.00 18.73 ? 15   PRO A CG  1 
ATOM   112  C CD  . PRO A 1 15  ? 9.719   -12.492 9.946   1.00 16.79 ? 15   PRO A CD  1 
ATOM   113  N N   . ALA A 1 16  ? 8.802   -13.012 6.206   1.00 16.56 ? 16   ALA A N   1 
ATOM   114  C CA  . ALA A 1 16  ? 8.411   -13.569 4.920   1.00 17.04 ? 16   ALA A CA  1 
ATOM   115  C C   . ALA A 1 16  ? 6.871   -13.709 4.745   1.00 17.74 ? 16   ALA A C   1 
ATOM   116  O O   . ALA A 1 16  ? 6.320   -13.484 3.651   1.00 13.92 ? 16   ALA A O   1 
ATOM   117  C CB  . ALA A 1 16  ? 9.087   -14.935 4.733   1.00 20.08 ? 16   ALA A CB  1 
ATOM   118  N N   . LYS A 1 17  ? 6.174   -14.095 5.805   1.00 17.17 ? 17   LYS A N   1 
ATOM   119  C CA  . LYS A 1 17  ? 4.738   -14.237 5.694   1.00 17.13 ? 17   LYS A CA  1 
ATOM   120  C C   . LYS A 1 17  ? 4.070   -12.886 5.588   1.00 15.14 ? 17   LYS A C   1 
ATOM   121  O O   . LYS A 1 17  ? 3.145   -12.707 4.783   1.00 15.82 ? 17   LYS A O   1 
ATOM   122  C CB  . LYS A 1 17  ? 4.183   -15.043 6.869   1.00 21.23 ? 17   LYS A CB  1 
ATOM   123  C CG  . LYS A 1 17  ? 4.793   -16.436 6.896   1.00 25.11 ? 17   LYS A CG  1 
ATOM   124  C CD  . LYS A 1 17  ? 4.597   -17.170 8.219   1.00 27.14 ? 17   LYS A CD  1 
ATOM   125  C CE  . LYS A 1 17  ? 5.413   -18.472 8.216   1.00 29.25 ? 17   LYS A CE  1 
ATOM   126  N NZ  . LYS A 1 17  ? 5.048   -19.294 9.357   1.00 31.51 ? 17   LYS A NZ  1 
ATOM   127  N N   . LEU A 1 18  ? 4.511   -11.930 6.391   1.00 12.28 ? 18   LEU A N   1 
ATOM   128  C CA  . LEU A 1 18  ? 3.911   -10.597 6.325   1.00 14.97 ? 18   LEU A CA  1 
ATOM   129  C C   . LEU A 1 18  ? 4.170   -10.013 4.931   1.00 15.24 ? 18   LEU A C   1 
ATOM   130  O O   . LEU A 1 18  ? 3.285   -9.484  4.294   1.00 14.57 ? 18   LEU A O   1 
ATOM   131  C CB  . LEU A 1 18  ? 4.513   -9.720  7.394   1.00 12.89 ? 18   LEU A CB  1 
ATOM   132  C CG  . LEU A 1 18  ? 4.006   -8.288  7.367   1.00 15.51 ? 18   LEU A CG  1 
ATOM   133  C CD1 . LEU A 1 18  ? 2.497   -8.223  7.447   1.00 14.50 ? 18   LEU A CD1 1 
ATOM   134  C CD2 . LEU A 1 18  ? 4.631   -7.589  8.501   1.00 15.63 ? 18   LEU A CD2 1 
ATOM   135  N N   . TYR A 1 19  ? 5.391   -10.163 4.448   1.00 14.53 ? 19   TYR A N   1 
ATOM   136  C CA  . TYR A 1 19  ? 5.788   -9.673  3.138   1.00 12.74 ? 19   TYR A CA  1 
ATOM   137  C C   . TYR A 1 19  ? 4.943   -10.277 2.010   1.00 12.62 ? 19   TYR A C   1 
ATOM   138  O O   . TYR A 1 19  ? 4.531   -9.587  1.068   1.00 12.10 ? 19   TYR A O   1 
ATOM   139  C CB  . TYR A 1 19  ? 7.271   -10.015 2.913   1.00 13.35 ? 19   TYR A CB  1 
ATOM   140  C CG  . TYR A 1 19  ? 7.804   -9.519  1.583   1.00 14.86 ? 19   TYR A CG  1 
ATOM   141  C CD1 . TYR A 1 19  ? 8.061   -8.166  1.376   1.00 12.35 ? 19   TYR A CD1 1 
ATOM   142  C CD2 . TYR A 1 19  ? 7.988   -10.396 0.520   1.00 12.90 ? 19   TYR A CD2 1 
ATOM   143  C CE1 . TYR A 1 19  ? 8.490   -7.698  0.119   1.00 14.52 ? 19   TYR A CE1 1 
ATOM   144  C CE2 . TYR A 1 19  ? 8.410   -9.956  -0.725  1.00 14.66 ? 19   TYR A CE2 1 
ATOM   145  C CZ  . TYR A 1 19  ? 8.664   -8.615  -0.926  1.00 14.39 ? 19   TYR A CZ  1 
ATOM   146  O OH  . TYR A 1 19  ? 9.138   -8.180  -2.138  1.00 13.65 ? 19   TYR A OH  1 
ATOM   147  N N   . LYS A 1 20  ? 4.732   -11.586 2.085   1.00 14.12 ? 20   LYS A N   1 
ATOM   148  C CA  . LYS A 1 20  ? 3.958   -12.280 1.080   1.00 16.27 ? 20   LYS A CA  1 
ATOM   149  C C   . LYS A 1 20  ? 2.580   -11.688 1.090   1.00 14.26 ? 20   LYS A C   1 
ATOM   150  O O   . LYS A 1 20  ? 2.035   -11.409 0.042   1.00 14.59 ? 20   LYS A O   1 
ATOM   151  C CB  . LYS A 1 20  ? 3.850   -13.767 1.416   1.00 16.70 ? 20   LYS A CB  1 
ATOM   152  C CG  . LYS A 1 20  ? 3.275   -14.618 0.296   1.00 23.48 ? 20   LYS A CG  1 
ATOM   153  C CD  . LYS A 1 20  ? 3.036   -16.084 0.709   1.00 28.64 ? 20   LYS A CD  1 
ATOM   154  C CE  . LYS A 1 20  ? 2.851   -16.957 -0.563  1.00 33.64 ? 20   LYS A CE  1 
ATOM   155  N NZ  . LYS A 1 20  ? 2.561   -18.418 -0.344  1.00 36.87 ? 20   LYS A NZ  1 
ATOM   156  N N   . ALA A 1 21  ? 1.991   -11.514 2.266   1.00 15.28 ? 21   ALA A N   1 
ATOM   157  C CA  . ALA A 1 21  ? 0.639   -10.978 2.311   1.00 14.84 ? 21   ALA A CA  1 
ATOM   158  C C   . ALA A 1 21  ? 0.534   -9.588  1.682   1.00 15.37 ? 21   ALA A C   1 
ATOM   159  O O   . ALA A 1 21  ? -0.460  -9.251  1.064   1.00 16.26 ? 21   ALA A O   1 
ATOM   160  C CB  . ALA A 1 21  ? 0.163   -10.936 3.719   1.00 14.65 ? 21   ALA A CB  1 
ATOM   161  N N   . LEU A 1 22  ? 1.570   -8.785  1.867   1.00 12.87 ? 22   LEU A N   1 
ATOM   162  C CA  . LEU A 1 22  ? 1.628   -7.423  1.368   1.00 15.43 ? 22   LEU A CA  1 
ATOM   163  C C   . LEU A 1 22  ? 1.942   -7.310  -0.122  1.00 15.76 ? 22   LEU A C   1 
ATOM   164  O O   . LEU A 1 22  ? 1.755   -6.258  -0.739  1.00 16.49 ? 22   LEU A O   1 
ATOM   165  C CB  . LEU A 1 22  ? 2.693   -6.663  2.142   1.00 15.93 ? 22   LEU A CB  1 
ATOM   166  C CG  . LEU A 1 22  ? 2.400   -6.372  3.597   1.00 16.06 ? 22   LEU A CG  1 
ATOM   167  C CD1 . LEU A 1 22  ? 3.672   -5.920  4.302   1.00 15.40 ? 22   LEU A CD1 1 
ATOM   168  C CD2 . LEU A 1 22  ? 1.309   -5.295  3.659   1.00 15.42 ? 22   LEU A CD2 1 
ATOM   169  N N   . THR A 1 23  ? 2.433   -8.391  -0.699  1.00 16.60 ? 23   THR A N   1 
ATOM   170  C CA  . THR A 1 23  ? 2.842   -8.341  -2.081  1.00 16.08 ? 23   THR A CA  1 
ATOM   171  C C   . THR A 1 23  ? 2.067   -9.327  -2.931  1.00 17.57 ? 23   THR A C   1 
ATOM   172  O O   . THR A 1 23  ? 1.045   -8.989  -3.508  1.00 14.37 ? 23   THR A O   1 
ATOM   173  C CB  . THR A 1 23  ? 4.349   -8.641  -2.164  1.00 17.01 ? 23   THR A CB  1 
ATOM   174  O OG1 . THR A 1 23  ? 4.642   -9.843  -1.443  1.00 15.41 ? 23   THR A OG1 1 
ATOM   175  C CG2 . THR A 1 23  ? 5.174   -7.476  -1.550  1.00 17.53 ? 23   THR A CG2 1 
ATOM   176  N N   . LYS A 1 24  ? 2.558   -10.556 -2.982  1.00 15.35 ? 24   LYS A N   1 
ATOM   177  C CA  . LYS A 1 24  ? 1.959   -11.641 -3.747  1.00 18.27 ? 24   LYS A CA  1 
ATOM   178  C C   . LYS A 1 24  ? 0.466   -11.866 -3.531  1.00 17.79 ? 24   LYS A C   1 
ATOM   179  O O   . LYS A 1 24  ? -0.292  -12.146 -4.478  1.00 17.10 ? 24   LYS A O   1 
ATOM   180  C CB  . LYS A 1 24  ? 2.695   -12.922 -3.386  1.00 23.09 ? 24   LYS A CB  1 
ATOM   181  C CG  . LYS A 1 24  ? 2.156   -14.165 -4.023  1.00 30.96 ? 24   LYS A CG  1 
ATOM   182  C CD  . LYS A 1 24  ? 3.133   -15.288 -3.818  1.00 34.40 ? 24   LYS A CD  1 
ATOM   183  C CE  . LYS A 1 24  ? 2.789   -16.476 -4.723  1.00 39.01 ? 24   LYS A CE  1 
ATOM   184  N NZ  . LYS A 1 24  ? 4.021   -17.280 -4.990  1.00 42.48 ? 24   LYS A NZ  1 
ATOM   185  N N   . ASP A 1 25  ? 0.054   -11.774 -2.276  1.00 17.09 ? 25   ASP A N   1 
ATOM   186  C CA  . ASP A 1 25  ? -1.321  -12.010 -1.921  1.00 18.75 ? 25   ASP A CA  1 
ATOM   187  C C   . ASP A 1 25  ? -2.201  -10.789 -1.668  1.00 19.11 ? 25   ASP A C   1 
ATOM   188  O O   . ASP A 1 25  ? -3.354  -10.957 -1.257  1.00 19.02 ? 25   ASP A O   1 
ATOM   189  C CB  . ASP A 1 25  ? -1.366  -12.907 -0.678  1.00 15.97 ? 25   ASP A CB  1 
ATOM   190  C CG  . ASP A 1 25  ? -0.770  -14.269 -0.922  1.00 20.25 ? 25   ASP A CG  1 
ATOM   191  O OD1 . ASP A 1 25  ? -0.870  -14.753 -2.059  1.00 18.04 ? 25   ASP A OD1 1 
ATOM   192  O OD2 . ASP A 1 25  ? -0.211  -14.860 0.014   1.00 19.38 ? 25   ASP A OD2 1 
ATOM   193  N N   . SER A 1 26  ? -1.706  -9.573  -1.902  1.00 19.04 ? 26   SER A N   1 
ATOM   194  C CA  . SER A 1 26  ? -2.507  -8.395  -1.582  1.00 18.41 ? 26   SER A CA  1 
ATOM   195  C C   . SER A 1 26  ? -3.751  -8.267  -2.411  1.00 16.60 ? 26   SER A C   1 
ATOM   196  O O   . SER A 1 26  ? -4.794  -7.838  -1.907  1.00 16.33 ? 26   SER A O   1 
ATOM   197  C CB  . SER A 1 26  ? -1.678  -7.091  -1.707  1.00 18.08 ? 26   SER A CB  1 
ATOM   198  O OG  . SER A 1 26  ? -1.166  -6.932  -3.013  1.00 25.03 ? 26   SER A OG  1 
ATOM   199  N N   . ASP A 1 27  ? -3.656  -8.631  -3.684  1.00 16.27 ? 27   ASP A N   1 
ATOM   200  C CA  . ASP A 1 27  ? -4.807  -8.497  -4.580  1.00 18.69 ? 27   ASP A CA  1 
ATOM   201  C C   . ASP A 1 27  ? -6.035  -9.195  -4.071  1.00 17.56 ? 27   ASP A C   1 
ATOM   202  O O   . ASP A 1 27  ? -7.153  -8.692  -4.227  1.00 20.59 ? 27   ASP A O   1 
ATOM   203  C CB  . ASP A 1 27  ? -4.520  -9.068  -5.962  1.00 18.51 ? 27   ASP A CB  1 
ATOM   204  C CG  . ASP A 1 27  ? -3.555  -8.221  -6.771  1.00 21.96 ? 27   ASP A CG  1 
ATOM   205  O OD1 . ASP A 1 27  ? -3.139  -7.127  -6.291  1.00 22.58 ? 27   ASP A OD1 1 
ATOM   206  O OD2 . ASP A 1 27  ? -3.233  -8.669  -7.903  1.00 23.82 ? 27   ASP A OD2 1 
ATOM   207  N N   . GLU A 1 28  ? -5.819  -10.363 -3.477  1.00 17.74 ? 28   GLU A N   1 
ATOM   208  C CA  . GLU A 1 28  ? -6.911  -11.180 -2.973  1.00 20.16 ? 28   GLU A CA  1 
ATOM   209  C C   . GLU A 1 28  ? -7.287  -10.882 -1.541  1.00 17.53 ? 28   GLU A C   1 
ATOM   210  O O   . GLU A 1 28  ? -8.439  -11.074 -1.160  1.00 17.91 ? 28   GLU A O   1 
ATOM   211  C CB  . GLU A 1 28  ? -6.572  -12.641 -3.131  1.00 23.63 ? 28   GLU A CB  1 
ATOM   212  C CG  . GLU A 1 28  ? -5.367  -13.072 -2.305  1.00 33.93 ? 28   GLU A CG  1 
ATOM   213  C CD  . GLU A 1 28  ? -5.289  -14.600 -2.194  1.00 36.99 ? 28   GLU A CD  1 
ATOM   214  O OE1 . GLU A 1 28  ? -5.999  -15.229 -3.013  1.00 39.63 ? 28   GLU A OE1 1 
ATOM   215  O OE2 . GLU A 1 28  ? -4.555  -15.165 -1.329  1.00 35.64 ? 28   GLU A OE2 1 
ATOM   216  N N   . ILE A 1 29  ? -6.335  -10.389 -0.752  1.00 18.41 ? 29   ILE A N   1 
ATOM   217  C CA  . ILE A 1 29  ? -6.616  -10.043 0.641   1.00 13.55 ? 29   ILE A CA  1 
ATOM   218  C C   . ILE A 1 29  ? -7.348  -8.713  0.756   1.00 16.18 ? 29   ILE A C   1 
ATOM   219  O O   . ILE A 1 29  ? -8.296  -8.568  1.548   1.00 17.30 ? 29   ILE A O   1 
ATOM   220  C CB  . ILE A 1 29  ? -5.309  -9.903  1.483   1.00 15.57 ? 29   ILE A CB  1 
ATOM   221  C CG1 . ILE A 1 29  ? -4.712  -11.292 1.716   1.00 15.98 ? 29   ILE A CG1 1 
ATOM   222  C CG2 . ILE A 1 29  ? -5.574  -9.123  2.792   1.00 18.24 ? 29   ILE A CG2 1 
ATOM   223  C CD1 . ILE A 1 29  ? -3.392  -11.265 2.429   1.00 19.62 ? 29   ILE A CD1 1 
ATOM   224  N N   . VAL A 1 30  ? -6.895  -7.718  0.012   1.00 12.75 ? 30   VAL A N   1 
ATOM   225  C CA  . VAL A 1 30  ? -7.497  -6.398  0.108   1.00 18.77 ? 30   VAL A CA  1 
ATOM   226  C C   . VAL A 1 30  ? -9.030  -6.336  -0.005  1.00 20.05 ? 30   VAL A C   1 
ATOM   227  O O   . VAL A 1 30  ? -9.696  -5.603  0.756   1.00 19.15 ? 30   VAL A O   1 
ATOM   228  C CB  . VAL A 1 30  ? -6.806  -5.456  -0.899  1.00 17.89 ? 30   VAL A CB  1 
ATOM   229  C CG1 . VAL A 1 30  ? -7.719  -4.274  -1.255  1.00 18.35 ? 30   VAL A CG1 1 
ATOM   230  C CG2 . VAL A 1 30  ? -5.511  -4.990  -0.278  1.00 17.15 ? 30   VAL A CG2 1 
ATOM   231  N N   . PRO A 1 31  ? -9.605  -7.097  -0.951  1.00 20.94 ? 31   PRO A N   1 
ATOM   232  C CA  . PRO A 1 31  ? -11.064 -7.069  -1.092  1.00 23.60 ? 31   PRO A CA  1 
ATOM   233  C C   . PRO A 1 31  ? -11.752 -7.602  0.146   1.00 24.94 ? 31   PRO A C   1 
ATOM   234  O O   . PRO A 1 31  ? -12.850 -7.193  0.466   1.00 27.35 ? 31   PRO A O   1 
ATOM   235  C CB  . PRO A 1 31  ? -11.323 -7.955  -2.315  1.00 25.19 ? 31   PRO A CB  1 
ATOM   236  C CG  . PRO A 1 31  ? -10.119 -7.665  -3.189  1.00 22.30 ? 31   PRO A CG  1 
ATOM   237  C CD  . PRO A 1 31  ? -8.983  -7.705  -2.142  1.00 18.33 ? 31   PRO A CD  1 
ATOM   238  N N   . LYS A 1 32  ? -11.096 -8.515  0.834   1.00 24.49 ? 32   LYS A N   1 
ATOM   239  C CA  . LYS A 1 32  ? -11.668 -9.125  2.027   1.00 28.10 ? 32   LYS A CA  1 
ATOM   240  C C   . LYS A 1 32  ? -11.530 -8.249  3.245   1.00 28.45 ? 32   LYS A C   1 
ATOM   241  O O   . LYS A 1 32  ? -12.235 -8.431  4.222   1.00 31.78 ? 32   LYS A O   1 
ATOM   242  C CB  . LYS A 1 32  ? -10.970 -10.440 2.386   1.00 29.74 ? 32   LYS A CB  1 
ATOM   243  C CG  . LYS A 1 32  ? -10.895 -11.525 1.347   1.00 31.71 ? 32   LYS A CG  1 
ATOM   244  C CD  . LYS A 1 32  ? -9.990  -12.576 1.900   1.00 33.03 ? 32   LYS A CD  1 
ATOM   245  C CE  . LYS A 1 32  ? -9.622  -13.582 0.885   1.00 33.31 ? 32   LYS A CE  1 
ATOM   246  N NZ  . LYS A 1 32  ? -8.518  -14.440 1.450   1.00 36.90 ? 32   LYS A NZ  1 
ATOM   247  N N   . VAL A 1 33  ? -10.614 -7.309  3.221   1.00 27.28 ? 33   VAL A N   1 
ATOM   248  C CA  . VAL A 1 33  ? -10.420 -6.511  4.404   1.00 26.54 ? 33   VAL A CA  1 
ATOM   249  C C   . VAL A 1 33  ? -10.981 -5.102  4.280   1.00 25.54 ? 33   VAL A C   1 
ATOM   250  O O   . VAL A 1 33  ? -11.348 -4.473  5.268   1.00 24.84 ? 33   VAL A O   1 
ATOM   251  C CB  . VAL A 1 33  ? -8.954  -6.435  4.744   1.00 27.04 ? 33   VAL A CB  1 
ATOM   252  C CG1 . VAL A 1 33  ? -8.826  -6.139  6.215   1.00 29.17 ? 33   VAL A CG1 1 
ATOM   253  C CG2 . VAL A 1 33  ? -8.265  -7.762  4.445   1.00 29.43 ? 33   VAL A CG2 1 
ATOM   254  N N   . ILE A 1 34  ? -11.058 -4.619  3.047   1.00 22.67 ? 34   ILE A N   1 
ATOM   255  C CA  . ILE A 1 34  ? -11.593 -3.304  2.762   1.00 20.65 ? 34   ILE A CA  1 
ATOM   256  C C   . ILE A 1 34  ? -12.782 -3.499  1.865   1.00 20.93 ? 34   ILE A C   1 
ATOM   257  O O   . ILE A 1 34  ? -12.666 -3.489  0.662   1.00 18.87 ? 34   ILE A O   1 
ATOM   258  C CB  . ILE A 1 34  ? -10.558 -2.450  2.087   1.00 21.78 ? 34   ILE A CB  1 
ATOM   259  C CG1 . ILE A 1 34  ? -9.333  -2.388  3.002   1.00 22.67 ? 34   ILE A CG1 1 
ATOM   260  C CG2 . ILE A 1 34  ? -11.153 -1.082  1.776   1.00 22.24 ? 34   ILE A CG2 1 
ATOM   261  C CD1 . ILE A 1 34  ? -8.125  -1.731  2.425   1.00 21.99 ? 34   ILE A CD1 1 
ATOM   262  N N   . GLU A 1 35  ? -13.936 -3.675  2.489   1.00 20.75 ? 35   GLU A N   1 
ATOM   263  C CA  . GLU A 1 35  ? -15.159 -3.965  1.780   1.00 22.67 ? 35   GLU A CA  1 
ATOM   264  C C   . GLU A 1 35  ? -15.529 -3.210  0.528   1.00 20.20 ? 35   GLU A C   1 
ATOM   265  O O   . GLU A 1 35  ? -16.099 -3.800  -0.383  1.00 20.34 ? 35   GLU A O   1 
ATOM   266  C CB  . GLU A 1 35  ? -16.363 -3.891  2.727   1.00 24.86 ? 35   GLU A CB  1 
ATOM   267  C CG  . GLU A 1 35  ? -17.652 -4.449  2.075   1.00 27.67 ? 35   GLU A CG  1 
ATOM   268  C CD  . GLU A 1 35  ? -17.456 -5.921  1.681   1.00 33.73 ? 35   GLU A CD  1 
ATOM   269  O OE1 . GLU A 1 35  ? -16.812 -6.663  2.484   1.00 33.63 ? 35   GLU A OE1 1 
ATOM   270  O OE2 . GLU A 1 35  ? -17.929 -6.325  0.582   1.00 33.75 ? 35   GLU A OE2 1 
ATOM   271  N N   . PRO A 1 36  ? -15.245 -1.906  0.455   1.00 20.94 ? 36   PRO A N   1 
ATOM   272  C CA  . PRO A 1 36  ? -15.651 -1.230  -0.785  1.00 22.04 ? 36   PRO A CA  1 
ATOM   273  C C   . PRO A 1 36  ? -14.908 -1.706  -2.012  1.00 21.55 ? 36   PRO A C   1 
ATOM   274  O O   . PRO A 1 36  ? -15.356 -1.511  -3.153  1.00 23.69 ? 36   PRO A O   1 
ATOM   275  C CB  . PRO A 1 36  ? -15.366 0.228   -0.491  1.00 23.28 ? 36   PRO A CB  1 
ATOM   276  C CG  . PRO A 1 36  ? -15.528 0.314   1.008   1.00 26.10 ? 36   PRO A CG  1 
ATOM   277  C CD  . PRO A 1 36  ? -14.813 -0.941  1.474   1.00 24.54 ? 36   PRO A CD  1 
ATOM   278  N N   . ILE A 1 37  ? -13.756 -2.314  -1.773  1.00 20.72 ? 37   ILE A N   1 
ATOM   279  C CA  . ILE A 1 37  ? -12.931 -2.822  -2.847  1.00 18.39 ? 37   ILE A CA  1 
ATOM   280  C C   . ILE A 1 37  ? -13.528 -4.123  -3.287  1.00 17.17 ? 37   ILE A C   1 
ATOM   281  O O   . ILE A 1 37  ? -13.653 -5.048  -2.528  1.00 16.93 ? 37   ILE A O   1 
ATOM   282  C CB  . ILE A 1 37  ? -11.487 -2.990  -2.363  1.00 19.62 ? 37   ILE A CB  1 
ATOM   283  C CG1 . ILE A 1 37  ? -10.873 -1.609  -2.239  1.00 16.53 ? 37   ILE A CG1 1 
ATOM   284  C CG2 . ILE A 1 37  ? -10.683 -3.829  -3.308  1.00 19.66 ? 37   ILE A CG2 1 
ATOM   285  C CD1 . ILE A 1 37  ? -9.508  -1.631  -1.619  1.00 21.60 ? 37   ILE A CD1 1 
ATOM   286  N N   . GLN A 1 38  ? -13.925 -4.170  -4.542  1.00 19.03 ? 38   GLN A N   1 
ATOM   287  C CA  . GLN A 1 38  ? -14.521 -5.363  -5.087  1.00 19.03 ? 38   GLN A CA  1 
ATOM   288  C C   . GLN A 1 38  ? -13.444 -6.258  -5.656  1.00 18.85 ? 38   GLN A C   1 
ATOM   289  O O   . GLN A 1 38  ? -13.492 -7.500  -5.464  1.00 14.65 ? 38   GLN A O   1 
ATOM   290  C CB  . GLN A 1 38  ? -15.508 -4.962  -6.170  1.00 22.65 ? 38   GLN A CB  1 
ATOM   291  C CG  . GLN A 1 38  ? -16.583 -3.990  -5.639  1.00 30.15 ? 38   GLN A CG  1 
ATOM   292  C CD  . GLN A 1 38  ? -17.218 -4.526  -4.373  1.00 32.38 ? 38   GLN A CD  1 
ATOM   293  O OE1 . GLN A 1 38  ? -17.879 -5.589  -4.381  1.00 33.62 ? 38   GLN A OE1 1 
ATOM   294  N NE2 . GLN A 1 38  ? -16.990 -3.822  -3.266  1.00 32.74 ? 38   GLN A NE2 1 
ATOM   295  N N   . SER A 1 39  ? -12.466 -5.653  -6.339  1.00 18.27 ? 39   SER A N   1 
ATOM   296  C CA  . SER A 1 39  ? -11.415 -6.462  -6.927  1.00 16.98 ? 39   SER A CA  1 
ATOM   297  C C   . SER A 1 39  ? -10.207 -5.647  -7.244  1.00 14.80 ? 39   SER A C   1 
ATOM   298  O O   . SER A 1 39  ? -10.254 -4.438  -7.177  1.00 13.05 ? 39   SER A O   1 
ATOM   299  C CB  . SER A 1 39  ? -11.912 -7.133  -8.199  1.00 17.00 ? 39   SER A CB  1 
ATOM   300  O OG  . SER A 1 39  ? -12.344 -6.164  -9.113  1.00 20.39 ? 39   SER A OG  1 
ATOM   301  N N   . VAL A 1 40  ? -9.113  -6.325  -7.557  1.00 13.76 ? 40   VAL A N   1 
ATOM   302  C CA  . VAL A 1 40  ? -7.857  -5.664  -7.892  1.00 12.30 ? 40   VAL A CA  1 
ATOM   303  C C   . VAL A 1 40  ? -7.432  -6.362  -9.167  1.00 13.78 ? 40   VAL A C   1 
ATOM   304  O O   . VAL A 1 40  ? -7.107  -7.576  -9.166  1.00 13.03 ? 40   VAL A O   1 
ATOM   305  C CB  . VAL A 1 40  ? -6.790  -5.870  -6.819  1.00 16.05 ? 40   VAL A CB  1 
ATOM   306  C CG1 . VAL A 1 40  ? -5.474  -5.155  -7.250  1.00 17.87 ? 40   VAL A CG1 1 
ATOM   307  C CG2 . VAL A 1 40  ? -7.283  -5.330  -5.479  1.00 16.74 ? 40   VAL A CG2 1 
ATOM   308  N N   . GLU A 1 41  ? -7.417  -5.596  -10.252 1.00 12.93 ? 41   GLU A N   1 
ATOM   309  C CA  . GLU A 1 41  ? -7.126  -6.163  -11.554 1.00 13.33 ? 41   GLU A CA  1 
ATOM   310  C C   . GLU A 1 41  ? -5.900  -5.619  -12.209 1.00 14.98 ? 41   GLU A C   1 
ATOM   311  O O   . GLU A 1 41  ? -5.753  -4.416  -12.293 1.00 14.26 ? 41   GLU A O   1 
ATOM   312  C CB  . GLU A 1 41  ? -8.315  -5.889  -12.452 1.00 15.33 ? 41   GLU A CB  1 
ATOM   313  C CG  . GLU A 1 41  ? -9.610  -6.159  -11.693 1.00 20.60 ? 41   GLU A CG  1 
ATOM   314  C CD  . GLU A 1 41  ? -10.859 -5.976  -12.541 1.00 21.46 ? 41   GLU A CD  1 
ATOM   315  O OE1 . GLU A 1 41  ? -11.942 -6.462  -12.106 1.00 23.26 ? 41   GLU A OE1 1 
ATOM   316  O OE2 . GLU A 1 41  ? -10.717 -5.360  -13.620 1.00 16.45 ? 41   GLU A OE2 1 
ATOM   317  N N   . ILE A 1 42  ? -5.039  -6.514  -12.693 1.00 13.55 ? 42   ILE A N   1 
ATOM   318  C CA  . ILE A 1 42  ? -3.827  -6.153  -13.420 1.00 13.76 ? 42   ILE A CA  1 
ATOM   319  C C   . ILE A 1 42  ? -4.207  -5.681  -14.812 1.00 12.69 ? 42   ILE A C   1 
ATOM   320  O O   . ILE A 1 42  ? -4.711  -6.464  -15.611 1.00 12.93 ? 42   ILE A O   1 
ATOM   321  C CB  . ILE A 1 42  ? -2.914  -7.371  -13.548 1.00 16.18 ? 42   ILE A CB  1 
ATOM   322  C CG1 . ILE A 1 42  ? -2.389  -7.705  -12.169 1.00 16.51 ? 42   ILE A CG1 1 
ATOM   323  C CG2 . ILE A 1 42  ? -1.836  -7.113  -14.535 1.00 13.27 ? 42   ILE A CG2 1 
ATOM   324  C CD1 . ILE A 1 42  ? -1.698  -8.998  -12.107 1.00 20.65 ? 42   ILE A CD1 1 
ATOM   325  N N   . VAL A 1 43  ? -4.006  -4.410  -15.121 1.00 11.90 ? 43   VAL A N   1 
ATOM   326  C CA  . VAL A 1 43  ? -4.372  -3.917  -16.439 1.00 12.31 ? 43   VAL A CA  1 
ATOM   327  C C   . VAL A 1 43  ? -3.172  -3.734  -17.354 1.00 15.28 ? 43   VAL A C   1 
ATOM   328  O O   . VAL A 1 43  ? -3.310  -3.425  -18.528 1.00 15.47 ? 43   VAL A O   1 
ATOM   329  C CB  . VAL A 1 43  ? -5.162  -2.615  -16.297 1.00 12.02 ? 43   VAL A CB  1 
ATOM   330  C CG1 . VAL A 1 43  ? -6.399  -2.896  -15.550 1.00 14.36 ? 43   VAL A CG1 1 
ATOM   331  C CG2 . VAL A 1 43  ? -4.346  -1.571  -15.532 1.00 10.11 ? 43   VAL A CG2 1 
ATOM   332  N N   . GLU A 1 44  ? -1.976  -3.916  -16.817 1.00 16.26 ? 44   GLU A N   1 
ATOM   333  C CA  . GLU A 1 44  ? -0.790  -3.813  -17.633 1.00 19.99 ? 44   GLU A CA  1 
ATOM   334  C C   . GLU A 1 44  ? 0.328   -4.477  -16.917 1.00 20.00 ? 44   GLU A C   1 
ATOM   335  O O   . GLU A 1 44  ? 0.405   -4.399  -15.701 1.00 18.37 ? 44   GLU A O   1 
ATOM   336  C CB  . GLU A 1 44  ? -0.378  -2.392  -17.858 1.00 21.00 ? 44   GLU A CB  1 
ATOM   337  C CG  . GLU A 1 44  ? 1.096   -2.332  -18.196 1.00 28.86 ? 44   GLU A CG  1 
ATOM   338  C CD  . GLU A 1 44  ? 1.383   -1.355  -19.273 1.00 29.80 ? 44   GLU A CD  1 
ATOM   339  O OE1 . GLU A 1 44  ? 1.215   -0.154  -19.009 1.00 35.59 ? 44   GLU A OE1 1 
ATOM   340  O OE2 . GLU A 1 44  ? 1.766   -1.782  -20.375 1.00 31.61 ? 44   GLU A OE2 1 
ATOM   341  N N   . GLY A 1 45  ? 1.214   -5.128  -17.659 1.00 23.19 ? 45   GLY A N   1 
ATOM   342  C CA  . GLY A 1 45  ? 2.305   -5.786  -16.997 1.00 27.43 ? 45   GLY A CA  1 
ATOM   343  C C   . GLY A 1 45  ? 2.018   -7.216  -16.601 1.00 33.20 ? 45   GLY A C   1 
ATOM   344  O O   . GLY A 1 45  ? 0.877   -7.711  -16.657 1.00 30.76 ? 45   GLY A O   1 
ATOM   345  N N   . ASN A 1 46  ? 3.080   -7.890  -16.192 1.00 35.56 ? 46   ASN A N   1 
ATOM   346  C CA  . ASN A 1 46  ? 2.995   -9.283  -15.837 1.00 43.73 ? 46   ASN A CA  1 
ATOM   347  C C   . ASN A 1 46  ? 3.427   -9.475  -14.405 1.00 44.95 ? 46   ASN A C   1 
ATOM   348  O O   . ASN A 1 46  ? 3.993   -10.509 -14.057 1.00 43.12 ? 46   ASN A O   1 
ATOM   349  C CB  . ASN A 1 46  ? 3.855   -10.147 -16.796 1.00 48.79 ? 46   ASN A CB  1 
ATOM   350  C CG  . ASN A 1 46  ? 3.230   -11.532 -17.068 1.00 52.19 ? 46   ASN A CG  1 
ATOM   351  O OD1 . ASN A 1 46  ? 2.023   -11.634 -17.258 1.00 54.09 ? 46   ASN A OD1 1 
ATOM   352  N ND2 . ASN A 1 46  ? 4.054   -12.592 -17.086 1.00 54.13 ? 46   ASN A ND2 1 
ATOM   353  N N   . GLY A 1 47  ? 3.198   -8.451  -13.589 1.00 45.63 ? 47   GLY A N   1 
ATOM   354  C CA  . GLY A 1 47  ? 3.481   -8.581  -12.168 1.00 44.37 ? 47   GLY A CA  1 
ATOM   355  C C   . GLY A 1 47  ? 4.754   -8.075  -11.503 1.00 43.61 ? 47   GLY A C   1 
ATOM   356  O O   . GLY A 1 47  ? 4.775   -7.917  -10.259 1.00 44.13 ? 47   GLY A O   1 
ATOM   357  N N   . GLY A 1 48  ? 5.812   -7.845  -12.280 1.00 41.31 ? 48   GLY A N   1 
ATOM   358  C CA  . GLY A 1 48  ? 7.038   -7.362  -11.682 1.00 39.19 ? 48   GLY A CA  1 
ATOM   359  C C   . GLY A 1 48  ? 6.932   -5.860  -11.759 1.00 40.24 ? 48   GLY A C   1 
ATOM   360  O O   . GLY A 1 48  ? 5.814   -5.361  -11.798 1.00 40.46 ? 48   GLY A O   1 
ATOM   361  N N   . PRO A 1 49  ? 8.052   -5.103  -11.757 1.00 38.41 ? 49   PRO A N   1 
ATOM   362  C CA  . PRO A 1 49  ? 8.008   -3.629  -11.849 1.00 35.13 ? 49   PRO A CA  1 
ATOM   363  C C   . PRO A 1 49  ? 7.150   -3.246  -13.034 1.00 31.06 ? 49   PRO A C   1 
ATOM   364  O O   . PRO A 1 49  ? 6.848   -4.110  -13.837 1.00 28.37 ? 49   PRO A O   1 
ATOM   365  C CB  . PRO A 1 49  ? 9.480   -3.248  -12.021 1.00 38.82 ? 49   PRO A CB  1 
ATOM   366  C CG  . PRO A 1 49  ? 10.159  -4.270  -11.029 1.00 39.92 ? 49   PRO A CG  1 
ATOM   367  C CD  . PRO A 1 49  ? 9.382   -5.578  -11.299 1.00 40.07 ? 49   PRO A CD  1 
ATOM   368  N N   . GLY A 1 50  ? 6.712   -1.982  -13.085 1.00 28.41 ? 50   GLY A N   1 
ATOM   369  C CA  . GLY A 1 50  ? 5.871   -1.471  -14.172 1.00 23.76 ? 50   GLY A CA  1 
ATOM   370  C C   . GLY A 1 50  ? 4.382   -1.879  -14.229 1.00 20.69 ? 50   GLY A C   1 
ATOM   371  O O   . GLY A 1 50  ? 3.534   -1.226  -14.895 1.00 20.35 ? 50   GLY A O   1 
ATOM   372  N N   . THR A 1 51  ? 4.048   -2.960  -13.533 1.00 18.04 ? 51   THR A N   1 
ATOM   373  C CA  . THR A 1 51  ? 2.680   -3.433  -13.524 1.00 18.07 ? 51   THR A CA  1 
ATOM   374  C C   . THR A 1 51  ? 1.673   -2.445  -12.954 1.00 14.58 ? 51   THR A C   1 
ATOM   375  O O   . THR A 1 51  ? 1.910   -1.837  -11.906 1.00 13.60 ? 51   THR A O   1 
ATOM   376  C CB  . THR A 1 51  ? 2.587   -4.751  -12.785 1.00 21.61 ? 51   THR A CB  1 
ATOM   377  O OG1 . THR A 1 51  ? 3.380   -5.703  -13.513 1.00 26.04 ? 51   THR A OG1 1 
ATOM   378  C CG2 . THR A 1 51  ? 1.141   -5.231  -12.660 1.00 24.73 ? 51   THR A CG2 1 
ATOM   379  N N   . ILE A 1 52  ? 0.566   -2.258  -13.673 1.00 14.07 ? 52   ILE A N   1 
ATOM   380  C CA  . ILE A 1 52  ? -0.491  -1.380  -13.210 1.00 12.31 ? 52   ILE A CA  1 
ATOM   381  C C   . ILE A 1 52  ? -1.712  -2.168  -12.800 1.00 11.53 ? 52   ILE A C   1 
ATOM   382  O O   . ILE A 1 52  ? -2.151  -3.073  -13.500 1.00 12.99 ? 52   ILE A O   1 
ATOM   383  C CB  . ILE A 1 52  ? -0.915  -0.410  -14.290 1.00 14.09 ? 52   ILE A CB  1 
ATOM   384  C CG1 . ILE A 1 52  ? 0.287   0.426   -14.695 1.00 18.72 ? 52   ILE A CG1 1 
ATOM   385  C CG2 . ILE A 1 52  ? -2.011  0.537   -13.771 1.00 10.06 ? 52   ILE A CG2 1 
ATOM   386  C CD1 . ILE A 1 52  ? -0.122  1.504   -15.652 1.00 23.51 ? 52   ILE A CD1 1 
ATOM   387  N N   . LYS A 1 53  ? -2.268  -1.782  -11.670 1.00 12.08 ? 53   LYS A N   1 
ATOM   388  C CA  . LYS A 1 53  ? -3.426  -2.421  -11.150 1.00 13.68 ? 53   LYS A CA  1 
ATOM   389  C C   . LYS A 1 53  ? -4.546  -1.457  -10.970 1.00 16.47 ? 53   LYS A C   1 
ATOM   390  O O   . LYS A 1 53  ? -4.353  -0.340  -10.534 1.00 14.93 ? 53   LYS A O   1 
ATOM   391  C CB  . LYS A 1 53  ? -3.104  -3.057  -9.825  1.00 16.14 ? 53   LYS A CB  1 
ATOM   392  C CG  . LYS A 1 53  ? -2.253  -4.278  -9.972  1.00 13.84 ? 53   LYS A CG  1 
ATOM   393  C CD  . LYS A 1 53  ? -1.977  -4.890  -8.627  1.00 15.57 ? 53   LYS A CD  1 
ATOM   394  C CE  . LYS A 1 53  ? -1.038  -6.108  -8.773  1.00 15.65 ? 53   LYS A CE  1 
ATOM   395  N NZ  . LYS A 1 53  ? -0.743  -6.801  -7.473  1.00 21.50 ? 53   LYS A NZ  1 
ATOM   396  N N   . LYS A 1 54  ? -5.735  -1.900  -11.343 1.00 15.54 ? 54   LYS A N   1 
ATOM   397  C CA  . LYS A 1 54  ? -6.948  -1.113  -11.196 1.00 17.43 ? 54   LYS A CA  1 
ATOM   398  C C   . LYS A 1 54  ? -7.663  -1.731  -10.004 1.00 15.35 ? 54   LYS A C   1 
ATOM   399  O O   . LYS A 1 54  ? -8.033  -2.905  -10.024 1.00 15.17 ? 54   LYS A O   1 
ATOM   400  C CB  . LYS A 1 54  ? -7.819  -1.255  -12.441 1.00 21.85 ? 54   LYS A CB  1 
ATOM   401  C CG  . LYS A 1 54  ? -8.960  -0.235  -12.607 1.00 26.33 ? 54   LYS A CG  1 
ATOM   402  C CD  . LYS A 1 54  ? -9.635  -0.470  -13.986 1.00 27.84 ? 54   LYS A CD  1 
ATOM   403  C CE  . LYS A 1 54  ? -10.595 0.657   -14.432 1.00 34.91 ? 54   LYS A CE  1 
ATOM   404  N NZ  . LYS A 1 54  ? -11.607 0.166   -15.437 1.00 34.54 ? 54   LYS A NZ  1 
ATOM   405  N N   . ILE A 1 55  ? -7.814  -0.939  -8.949  1.00 14.86 ? 55   ILE A N   1 
ATOM   406  C CA  . ILE A 1 55  ? -8.484  -1.371  -7.731  1.00 17.25 ? 55   ILE A CA  1 
ATOM   407  C C   . ILE A 1 55  ? -9.899  -0.798  -7.860  1.00 19.72 ? 55   ILE A C   1 
ATOM   408  O O   . ILE A 1 55  ? -10.127 0.415   -7.761  1.00 20.46 ? 55   ILE A O   1 
ATOM   409  C CB  . ILE A 1 55  ? -7.711  -0.839  -6.488  1.00 18.51 ? 55   ILE A CB  1 
ATOM   410  C CG1 . ILE A 1 55  ? -6.336  -1.493  -6.476  1.00 19.94 ? 55   ILE A CG1 1 
ATOM   411  C CG2 . ILE A 1 55  ? -8.454  -1.165  -5.197  1.00 22.05 ? 55   ILE A CG2 1 
ATOM   412  C CD1 . ILE A 1 55  ? -5.330  -0.781  -5.705  1.00 24.81 ? 55   ILE A CD1 1 
ATOM   413  N N   . ILE A 1 56  ? -10.836 -1.694  -8.135  1.00 21.21 ? 56   ILE A N   1 
ATOM   414  C CA  . ILE A 1 56  ? -12.234 -1.350  -8.345  1.00 22.76 ? 56   ILE A CA  1 
ATOM   415  C C   . ILE A 1 56  ? -12.941 -1.326  -7.010  1.00 25.76 ? 56   ILE A C   1 
ATOM   416  O O   . ILE A 1 56  ? -12.877 -2.290  -6.230  1.00 22.12 ? 56   ILE A O   1 
ATOM   417  C CB  . ILE A 1 56  ? -12.933 -2.395  -9.230  1.00 24.06 ? 56   ILE A CB  1 
ATOM   418  C CG1 . ILE A 1 56  ? -12.028 -2.822  -10.387 1.00 26.24 ? 56   ILE A CG1 1 
ATOM   419  C CG2 . ILE A 1 56  ? -14.199 -1.824  -9.808  1.00 25.50 ? 56   ILE A CG2 1 
ATOM   420  C CD1 . ILE A 1 56  ? -12.077 -1.920  -11.579 1.00 29.76 ? 56   ILE A CD1 1 
ATOM   421  N N   . ALA A 1 57  ? -13.618 -0.214  -6.756  1.00 29.97 ? 57   ALA A N   1 
ATOM   422  C CA  . ALA A 1 57  ? -14.338 -0.028  -5.510  1.00 35.19 ? 57   ALA A CA  1 
ATOM   423  C C   . ALA A 1 57  ? -15.653 0.660   -5.819  1.00 38.19 ? 57   ALA A C   1 
ATOM   424  O O   . ALA A 1 57  ? -15.847 1.189   -6.914  1.00 36.34 ? 57   ALA A O   1 
ATOM   425  C CB  . ALA A 1 57  ? -13.519 0.830   -4.550  1.00 35.82 ? 57   ALA A CB  1 
ATOM   426  N N   . ILE A 1 58  ? -16.554 0.623   -4.837  1.00 44.04 ? 58   ILE A N   1 
ATOM   427  C CA  . ILE A 1 58  ? -17.862 1.261   -4.925  1.00 48.54 ? 58   ILE A CA  1 
ATOM   428  C C   . ILE A 1 58  ? -18.069 2.027   -3.628  1.00 55.42 ? 58   ILE A C   1 
ATOM   429  O O   . ILE A 1 58  ? -18.707 1.532   -2.692  1.00 56.15 ? 58   ILE A O   1 
ATOM   430  C CB  . ILE A 1 58  ? -18.960 0.232   -5.097  1.00 45.69 ? 58   ILE A CB  1 
ATOM   431  C CG1 . ILE A 1 58  ? -18.460 -0.887  -6.009  1.00 43.77 ? 58   ILE A CG1 1 
ATOM   432  C CG2 . ILE A 1 58  ? -20.163 0.881   -5.748  1.00 44.66 ? 58   ILE A CG2 1 
ATOM   433  C CD1 . ILE A 1 58  ? -19.482 -1.907  -6.371  1.00 42.42 ? 58   ILE A CD1 1 
ATOM   434  N N   . HIS A 1 59  ? -17.484 3.228   -3.589  1.00 63.47 ? 59   HIS A N   1 
ATOM   435  C CA  . HIS A 1 59  ? -17.544 4.144   -2.429  1.00 70.87 ? 59   HIS A CA  1 
ATOM   436  C C   . HIS A 1 59  ? -18.998 4.683   -2.310  1.00 74.88 ? 59   HIS A C   1 
ATOM   437  O O   . HIS A 1 59  ? -19.302 5.812   -2.739  1.00 75.96 ? 59   HIS A O   1 
ATOM   438  C CB  . HIS A 1 59  ? -16.491 5.290   -2.639  1.00 72.63 ? 59   HIS A CB  1 
ATOM   439  C CG  . HIS A 1 59  ? -16.402 6.313   -1.521  1.00 74.05 ? 59   HIS A CG  1 
ATOM   440  N ND1 . HIS A 1 59  ? -16.117 5.988   -0.206  1.00 74.33 ? 59   HIS A ND1 1 
ATOM   441  C CD2 . HIS A 1 59  ? -16.528 7.663   -1.548  1.00 73.85 ? 59   HIS A CD2 1 
ATOM   442  C CE1 . HIS A 1 59  ? -16.079 7.094   0.523   1.00 73.40 ? 59   HIS A CE1 1 
ATOM   443  N NE2 . HIS A 1 59  ? -16.326 8.122   -0.266  1.00 73.63 ? 59   HIS A NE2 1 
ATOM   444  N N   . ASP A 1 60  ? -19.892 3.853   -1.756  1.00 77.41 ? 60   ASP A N   1 
ATOM   445  C CA  . ASP A 1 60  ? -21.295 4.218   -1.580  1.00 79.00 ? 60   ASP A CA  1 
ATOM   446  C C   . ASP A 1 60  ? -21.964 4.684   -2.893  1.00 79.19 ? 60   ASP A C   1 
ATOM   447  O O   . ASP A 1 60  ? -21.812 5.838   -3.328  1.00 79.84 ? 60   ASP A O   1 
ATOM   448  C CB  . ASP A 1 60  ? -21.421 5.305   -0.480  1.00 80.45 ? 60   ASP A CB  1 
ATOM   449  N N   . GLY A 1 61  ? -22.697 3.766   -3.522  1.00 78.50 ? 61   GLY A N   1 
ATOM   450  C CA  . GLY A 1 61  ? -23.405 4.087   -4.752  1.00 75.85 ? 61   GLY A CA  1 
ATOM   451  C C   . GLY A 1 61  ? -22.821 3.552   -6.051  1.00 73.57 ? 61   GLY A C   1 
ATOM   452  O O   . GLY A 1 61  ? -23.321 2.568   -6.619  1.00 73.80 ? 61   GLY A O   1 
ATOM   453  N N   . HIS A 1 62  ? -21.750 4.185   -6.523  1.00 71.53 ? 62   HIS A N   1 
ATOM   454  C CA  . HIS A 1 62  ? -21.150 3.775   -7.780  1.00 69.15 ? 62   HIS A CA  1 
ATOM   455  C C   . HIS A 1 62  ? -19.691 3.313   -7.724  1.00 64.48 ? 62   HIS A C   1 
ATOM   456  O O   . HIS A 1 62  ? -18.909 3.713   -6.841  1.00 63.23 ? 62   HIS A O   1 
ATOM   457  C CB  . HIS A 1 62  ? -21.316 4.914   -8.800  1.00 74.42 ? 62   HIS A CB  1 
ATOM   458  C CG  . HIS A 1 62  ? -22.748 5.305   -9.033  1.00 79.20 ? 62   HIS A CG  1 
ATOM   459  N ND1 . HIS A 1 62  ? -23.483 4.846   -10.110 1.00 81.51 ? 62   HIS A ND1 1 
ATOM   460  C CD2 . HIS A 1 62  ? -23.587 6.080   -8.302  1.00 81.04 ? 62   HIS A CD2 1 
ATOM   461  C CE1 . HIS A 1 62  ? -24.715 5.327   -10.030 1.00 83.23 ? 62   HIS A CE1 1 
ATOM   462  N NE2 . HIS A 1 62  ? -24.805 6.079   -8.945  1.00 82.82 ? 62   HIS A NE2 1 
ATOM   463  N N   . THR A 1 63  ? -19.356 2.450   -8.686  1.00 59.31 ? 63   THR A N   1 
ATOM   464  C CA  . THR A 1 63  ? -18.020 1.898   -8.827  1.00 54.70 ? 63   THR A CA  1 
ATOM   465  C C   . THR A 1 63  ? -17.055 2.975   -9.340  1.00 51.58 ? 63   THR A C   1 
ATOM   466  O O   . THR A 1 63  ? -17.417 3.810   -10.175 1.00 51.61 ? 63   THR A O   1 
ATOM   467  C CB  . THR A 1 63  ? -18.002 0.648   -9.801  1.00 54.23 ? 63   THR A CB  1 
ATOM   468  O OG1 . THR A 1 63  ? -18.864 0.884   -10.916 1.00 53.36 ? 63   THR A OG1 1 
ATOM   469  C CG2 . THR A 1 63  ? -18.470 -0.623  -9.088  1.00 53.93 ? 63   THR A CG2 1 
ATOM   470  N N   . SER A 1 64  ? -15.842 2.967   -8.795  1.00 47.09 ? 64   SER A N   1 
ATOM   471  C CA  . SER A 1 64  ? -14.795 3.889   -9.172  1.00 41.55 ? 64   SER A CA  1 
ATOM   472  C C   . SER A 1 64  ? -13.561 3.032   -9.010  1.00 38.55 ? 64   SER A C   1 
ATOM   473  O O   . SER A 1 64  ? -13.680 1.826   -8.804  1.00 35.72 ? 64   SER A O   1 
ATOM   474  C CB  . SER A 1 64  ? -14.733 5.069   -8.209  1.00 42.79 ? 64   SER A CB  1 
ATOM   475  O OG  . SER A 1 64  ? -14.426 4.654   -6.886  1.00 42.52 ? 64   SER A OG  1 
ATOM   476  N N   . PHE A 1 65  ? -12.382 3.645   -9.077  1.00 33.31 ? 65   PHE A N   1 
ATOM   477  C CA  . PHE A 1 65  ? -11.139 2.897   -8.942  1.00 31.14 ? 65   PHE A CA  1 
ATOM   478  C C   . PHE A 1 65  ? -9.988  3.761   -8.549  1.00 28.09 ? 65   PHE A C   1 
ATOM   479  O O   . PHE A 1 65  ? -10.091 4.976   -8.477  1.00 26.31 ? 65   PHE A O   1 
ATOM   480  C CB  . PHE A 1 65  ? -10.750 2.212   -10.256 1.00 32.50 ? 65   PHE A CB  1 
ATOM   481  C CG  . PHE A 1 65  ? -10.471 3.172   -11.390 1.00 36.15 ? 65   PHE A CG  1 
ATOM   482  C CD1 . PHE A 1 65  ? -11.486 3.569   -12.250 1.00 37.08 ? 65   PHE A CD1 1 
ATOM   483  C CD2 . PHE A 1 65  ? -9.192  3.647   -11.619 1.00 35.53 ? 65   PHE A CD2 1 
ATOM   484  C CE1 . PHE A 1 65  ? -11.227 4.426   -13.299 1.00 39.48 ? 65   PHE A CE1 1 
ATOM   485  C CE2 . PHE A 1 65  ? -8.932  4.498   -12.660 1.00 37.12 ? 65   PHE A CE2 1 
ATOM   486  C CZ  . PHE A 1 65  ? -9.945  4.885   -13.509 1.00 39.08 ? 65   PHE A CZ  1 
ATOM   487  N N   . VAL A 1 66  ? -8.887  3.113   -8.233  1.00 25.98 ? 66   VAL A N   1 
ATOM   488  C CA  . VAL A 1 66  ? -7.696  3.849   -7.947  1.00 24.47 ? 66   VAL A CA  1 
ATOM   489  C C   . VAL A 1 66  ? -6.673  3.023   -8.705  1.00 22.69 ? 66   VAL A C   1 
ATOM   490  O O   . VAL A 1 66  ? -6.831  1.791   -8.849  1.00 22.18 ? 66   VAL A O   1 
ATOM   491  C CB  . VAL A 1 66  ? -7.352  3.919   -6.473  1.00 26.39 ? 66   VAL A CB  1 
ATOM   492  C CG1 . VAL A 1 66  ? -7.280  2.569   -5.900  1.00 27.99 ? 66   VAL A CG1 1 
ATOM   493  C CG2 . VAL A 1 66  ? -6.028  4.606   -6.319  1.00 24.84 ? 66   VAL A CG2 1 
ATOM   494  N N   . LEU A 1 67  ? -5.678  3.729   -9.236  1.00 17.85 ? 67   LEU A N   1 
ATOM   495  C CA  . LEU A 1 67  ? -4.630  3.125   -10.007 1.00 16.90 ? 67   LEU A CA  1 
ATOM   496  C C   . LEU A 1 67  ? -3.383  2.961   -9.178  1.00 16.52 ? 67   LEU A C   1 
ATOM   497  O O   . LEU A 1 67  ? -2.941  3.891   -8.529  1.00 15.27 ? 67   LEU A O   1 
ATOM   498  C CB  . LEU A 1 67  ? -4.311  3.987   -11.223 1.00 20.04 ? 67   LEU A CB  1 
ATOM   499  C CG  . LEU A 1 67  ? -5.336  4.042   -12.360 1.00 22.55 ? 67   LEU A CG  1 
ATOM   500  C CD1 . LEU A 1 67  ? -4.744  4.942   -13.388 1.00 18.91 ? 67   LEU A CD1 1 
ATOM   501  C CD2 . LEU A 1 67  ? -5.597  2.670   -12.988 1.00 20.30 ? 67   LEU A CD2 1 
ATOM   502  N N   . HIS A 1 68  ? -2.804  1.774   -9.247  1.00 14.58 ? 68   HIS A N   1 
ATOM   503  C CA  . HIS A 1 68  ? -1.605  1.447   -8.513  1.00 12.35 ? 68   HIS A CA  1 
ATOM   504  C C   . HIS A 1 68  ? -0.586  0.927   -9.518  1.00 12.18 ? 68   HIS A C   1 
ATOM   505  O O   . HIS A 1 68  ? -0.926  0.171   -10.442 1.00 12.32 ? 68   HIS A O   1 
ATOM   506  C CB  . HIS A 1 68  ? -1.970  0.392   -7.440  1.00 15.82 ? 68   HIS A CB  1 
ATOM   507  C CG  . HIS A 1 68  ? -0.828  -0.484  -6.991  1.00 17.22 ? 68   HIS A CG  1 
ATOM   508  N ND1 . HIS A 1 68  ? -0.514  -0.673  -5.655  1.00 23.77 ? 68   HIS A ND1 1 
ATOM   509  C CD2 . HIS A 1 68  ? -0.011  -1.319  -7.683  1.00 21.20 ? 68   HIS A CD2 1 
ATOM   510  C CE1 . HIS A 1 68  ? 0.439   -1.586  -5.553  1.00 20.69 ? 68   HIS A CE1 1 
ATOM   511  N NE2 . HIS A 1 68  ? 0.766   -1.999  -6.768  1.00 22.56 ? 68   HIS A NE2 1 
ATOM   512  N N   . LYS A 1 69  ? 0.661   1.338   -9.329  1.00 11.50 ? 69   LYS A N   1 
ATOM   513  C CA  . LYS A 1 69  ? 1.751   0.905   -10.158 1.00 13.20 ? 69   LYS A CA  1 
ATOM   514  C C   . LYS A 1 69  ? 2.835   0.301   -9.270  1.00 11.85 ? 69   LYS A C   1 
ATOM   515  O O   . LYS A 1 69  ? 3.178   0.841   -8.210  1.00 11.79 ? 69   LYS A O   1 
ATOM   516  C CB  . LYS A 1 69  ? 2.349   2.077   -10.899 1.00 13.73 ? 69   LYS A CB  1 
ATOM   517  C CG  . LYS A 1 69  ? 3.521   1.686   -11.750 1.00 10.01 ? 69   LYS A CG  1 
ATOM   518  C CD  . LYS A 1 69  ? 3.948   2.833   -12.608 1.00 21.55 ? 69   LYS A CD  1 
ATOM   519  C CE  . LYS A 1 69  ? 5.400   2.599   -13.088 1.00 26.83 ? 69   LYS A CE  1 
ATOM   520  N NZ  . LYS A 1 69  ? 6.094   3.902   -13.507 1.00 28.37 ? 69   LYS A NZ  1 
ATOM   521  N N   . LEU A 1 70  ? 3.358   -0.843  -9.666  1.00 13.82 ? 70   LEU A N   1 
ATOM   522  C CA  . LEU A 1 70  ? 4.444   -1.467  -8.921  1.00 17.04 ? 70   LEU A CA  1 
ATOM   523  C C   . LEU A 1 70  ? 5.720   -0.815  -9.447  1.00 14.97 ? 70   LEU A C   1 
ATOM   524  O O   . LEU A 1 70  ? 6.023   -0.874  -10.637 1.00 18.36 ? 70   LEU A O   1 
ATOM   525  C CB  . LEU A 1 70  ? 4.483   -2.969  -9.182  1.00 20.73 ? 70   LEU A CB  1 
ATOM   526  C CG  . LEU A 1 70  ? 5.636   -3.795  -8.580  1.00 25.03 ? 70   LEU A CG  1 
ATOM   527  C CD1 . LEU A 1 70  ? 5.645   -3.693  -7.056  1.00 26.20 ? 70   LEU A CD1 1 
ATOM   528  C CD2 . LEU A 1 70  ? 5.445   -5.271  -8.986  1.00 26.91 ? 70   LEU A CD2 1 
ATOM   529  N N   . ASP A 1 71  ? 6.484   -0.169  -8.573  1.00 13.93 ? 71   ASP A N   1 
ATOM   530  C CA  . ASP A 1 71  ? 7.716   0.489   -9.035  1.00 13.30 ? 71   ASP A CA  1 
ATOM   531  C C   . ASP A 1 71  ? 8.944   -0.434  -8.916  1.00 14.08 ? 71   ASP A C   1 
ATOM   532  O O   . ASP A 1 71  ? 9.875   -0.370  -9.744  1.00 15.53 ? 71   ASP A O   1 
ATOM   533  C CB  . ASP A 1 71  ? 7.951   1.753   -8.229  1.00 13.26 ? 71   ASP A CB  1 
ATOM   534  C CG  . ASP A 1 71  ? 6.802   2.709   -8.348  1.00 15.37 ? 71   ASP A CG  1 
ATOM   535  O OD1 . ASP A 1 71  ? 6.335   2.902   -9.461  1.00 11.32 ? 71   ASP A OD1 1 
ATOM   536  O OD2 . ASP A 1 71  ? 6.361   3.278   -7.358  1.00 15.45 ? 71   ASP A OD2 1 
ATOM   537  N N   . ALA A 1 72  ? 8.974   -1.277  -7.891  1.00 12.81 ? 72   ALA A N   1 
ATOM   538  C CA  . ALA A 1 72  ? 10.107  -2.165  -7.747  1.00 11.93 ? 72   ALA A CA  1 
ATOM   539  C C   . ALA A 1 72  ? 9.756   -3.188  -6.708  1.00 14.30 ? 72   ALA A C   1 
ATOM   540  O O   . ALA A 1 72  ? 9.006   -2.924  -5.785  1.00 13.08 ? 72   ALA A O   1 
ATOM   541  C CB  . ALA A 1 72  ? 11.297  -1.375  -7.292  1.00 17.91 ? 72   ALA A CB  1 
ATOM   542  N N   . ILE A 1 73  ? 10.276  -4.383  -6.878  1.00 11.27 ? 73   ILE A N   1 
ATOM   543  C CA  . ILE A 1 73  ? 10.035  -5.400  -5.895  1.00 13.26 ? 73   ILE A CA  1 
ATOM   544  C C   . ILE A 1 73  ? 11.310  -6.228  -5.805  1.00 14.58 ? 73   ILE A C   1 
ATOM   545  O O   . ILE A 1 73  ? 11.954  -6.510  -6.841  1.00 14.84 ? 73   ILE A O   1 
ATOM   546  C CB  . ILE A 1 73  ? 8.820   -6.295  -6.244  1.00 13.39 ? 73   ILE A CB  1 
ATOM   547  C CG1 . ILE A 1 73  ? 8.595   -7.264  -5.107  1.00 13.96 ? 73   ILE A CG1 1 
ATOM   548  C CG2 . ILE A 1 73  ? 9.034   -7.099  -7.539  1.00 17.68 ? 73   ILE A CG2 1 
ATOM   549  C CD1 . ILE A 1 73  ? 7.363   -8.017  -5.273  1.00 15.60 ? 73   ILE A CD1 1 
ATOM   550  N N   . ASP A 1 74  ? 11.708  -6.566  -4.574  1.00 14.87 ? 74   ASP A N   1 
ATOM   551  C CA  . ASP A 1 74  ? 12.895  -7.359  -4.344  1.00 13.05 ? 74   ASP A CA  1 
ATOM   552  C C   . ASP A 1 74  ? 12.569  -8.274  -3.184  1.00 13.23 ? 74   ASP A C   1 
ATOM   553  O O   . ASP A 1 74  ? 12.781  -7.947  -2.013  1.00 11.44 ? 74   ASP A O   1 
ATOM   554  C CB  . ASP A 1 74  ? 14.048  -6.438  -4.015  1.00 11.01 ? 74   ASP A CB  1 
ATOM   555  C CG  . ASP A 1 74  ? 15.381  -7.173  -3.916  1.00 16.01 ? 74   ASP A CG  1 
ATOM   556  O OD1 . ASP A 1 74  ? 15.409  -8.417  -3.957  1.00 16.11 ? 74   ASP A OD1 1 
ATOM   557  O OD2 . ASP A 1 74  ? 16.393  -6.499  -3.780  1.00 18.62 ? 74   ASP A OD2 1 
ATOM   558  N N   . GLU A 1 75  ? 12.034  -9.436  -3.524  1.00 11.61 ? 75   GLU A N   1 
ATOM   559  C CA  . GLU A 1 75  ? 11.610  -10.370 -2.491  1.00 16.67 ? 75   GLU A CA  1 
ATOM   560  C C   . GLU A 1 75  ? 12.750  -10.866 -1.621  1.00 15.25 ? 75   GLU A C   1 
ATOM   561  O O   . GLU A 1 75  ? 12.562  -11.098 -0.450  1.00 16.73 ? 75   GLU A O   1 
ATOM   562  C CB  . GLU A 1 75  ? 10.881  -11.557 -3.132  1.00 17.81 ? 75   GLU A CB  1 
ATOM   563  C CG  . GLU A 1 75  ? 9.686   -11.143 -4.020  1.00 24.42 ? 75   GLU A CG  1 
ATOM   564  C CD  . GLU A 1 75  ? 10.042  -10.954 -5.530  1.00 28.10 ? 75   GLU A CD  1 
ATOM   565  O OE1 . GLU A 1 75  ? 11.209  -10.597 -5.895  1.00 28.46 ? 75   GLU A OE1 1 
ATOM   566  O OE2 . GLU A 1 75  ? 9.118   -11.153 -6.365  1.00 30.81 ? 75   GLU A OE2 1 
ATOM   567  N N   . ALA A 1 76  ? 13.940  -10.997 -2.193  1.00 13.26 ? 76   ALA A N   1 
ATOM   568  C CA  . ALA A 1 76  ? 15.072  -11.499 -1.453  1.00 13.81 ? 76   ALA A CA  1 
ATOM   569  C C   . ALA A 1 76  ? 15.390  -10.578 -0.280  1.00 14.18 ? 76   ALA A C   1 
ATOM   570  O O   . ALA A 1 76  ? 15.858  -11.051 0.778   1.00 11.05 ? 76   ALA A O   1 
ATOM   571  C CB  . ALA A 1 76  ? 16.277  -11.658 -2.394  1.00 13.30 ? 76   ALA A CB  1 
ATOM   572  N N   . ASN A 1 77  ? 15.103  -9.272  -0.443  1.00 13.20 ? 77   ASN A N   1 
ATOM   573  C CA  . ASN A 1 77  ? 15.346  -8.274  0.591   1.00 15.04 ? 77   ASN A CA  1 
ATOM   574  C C   . ASN A 1 77  ? 14.070  -7.802  1.226   1.00 13.62 ? 77   ASN A C   1 
ATOM   575  O O   . ASN A 1 77  ? 14.080  -6.855  2.025   1.00 15.44 ? 77   ASN A O   1 
ATOM   576  C CB  . ASN A 1 77  ? 16.068  -7.066  0.026   1.00 18.46 ? 77   ASN A CB  1 
ATOM   577  C CG  . ASN A 1 77  ? 17.498  -7.346  -0.233  1.00 20.56 ? 77   ASN A CG  1 
ATOM   578  O OD1 . ASN A 1 77  ? 18.238  -7.692  0.676   1.00 23.29 ? 77   ASN A OD1 1 
ATOM   579  N ND2 . ASN A 1 77  ? 17.910  -7.221  -1.487  1.00 21.53 ? 77   ASN A ND2 1 
ATOM   580  N N   . LEU A 1 78  ? 12.980  -8.481  0.891   1.00 12.07 ? 78   LEU A N   1 
ATOM   581  C CA  . LEU A 1 78  ? 11.663  -8.147  1.412   1.00 12.73 ? 78   LEU A CA  1 
ATOM   582  C C   . LEU A 1 78  ? 11.312  -6.671  1.225   1.00 14.33 ? 78   LEU A C   1 
ATOM   583  O O   . LEU A 1 78  ? 10.763  -6.026  2.135   1.00 14.43 ? 78   LEU A O   1 
ATOM   584  C CB  . LEU A 1 78  ? 11.581  -8.529  2.886   1.00 15.91 ? 78   LEU A CB  1 
ATOM   585  C CG  . LEU A 1 78  ? 11.785  -9.981  3.352   1.00 15.79 ? 78   LEU A CG  1 
ATOM   586  C CD1 . LEU A 1 78  ? 11.424  -9.937  4.809   1.00 20.64 ? 78   LEU A CD1 1 
ATOM   587  C CD2 . LEU A 1 78  ? 10.893  -11.006 2.633   1.00 17.46 ? 78   LEU A CD2 1 
ATOM   588  N N   . THR A 1 79  ? 11.617  -6.118  0.059   1.00 13.99 ? 79   THR A N   1 
ATOM   589  C CA  . THR A 1 79  ? 11.282  -4.725  -0.204  1.00 14.05 ? 79   THR A CA  1 
ATOM   590  C C   . THR A 1 79  ? 10.306  -4.593  -1.392  1.00 13.39 ? 79   THR A C   1 
ATOM   591  O O   . THR A 1 79  ? 10.291  -5.411  -2.300  1.00 13.40 ? 79   THR A O   1 
ATOM   592  C CB  . THR A 1 79  ? 12.595  -3.857  -0.507  1.00 16.63 ? 79   THR A CB  1 
ATOM   593  O OG1 . THR A 1 79  ? 13.219  -4.287  -1.724  1.00 12.52 ? 79   THR A OG1 1 
ATOM   594  C CG2 . THR A 1 79  ? 13.618  -4.001  0.618   1.00 17.46 ? 79   THR A CG2 1 
ATOM   595  N N   . TYR A 1 80  ? 9.448   -3.592  -1.374  1.00 12.20 ? 80   TYR A N   1 
ATOM   596  C CA  . TYR A 1 80  ? 8.575   -3.399  -2.506  1.00 14.82 ? 80   TYR A CA  1 
ATOM   597  C C   . TYR A 1 80  ? 8.125   -1.973  -2.466  1.00 12.32 ? 80   TYR A C   1 
ATOM   598  O O   . TYR A 1 80  ? 7.798   -1.431  -1.414  1.00 12.89 ? 80   TYR A O   1 
ATOM   599  C CB  . TYR A 1 80  ? 7.397   -4.354  -2.490  1.00 18.42 ? 80   TYR A CB  1 
ATOM   600  C CG  . TYR A 1 80  ? 6.309   -4.011  -1.536  1.00 27.78 ? 80   TYR A CG  1 
ATOM   601  C CD1 . TYR A 1 80  ? 5.011   -3.684  -1.992  1.00 30.19 ? 80   TYR A CD1 1 
ATOM   602  C CD2 . TYR A 1 80  ? 6.552   -4.049  -0.150  1.00 30.30 ? 80   TYR A CD2 1 
ATOM   603  C CE1 . TYR A 1 80  ? 3.981   -3.404  -1.074  1.00 36.46 ? 80   TYR A CE1 1 
ATOM   604  C CE2 . TYR A 1 80  ? 5.540   -3.777  0.770   1.00 35.06 ? 80   TYR A CE2 1 
ATOM   605  C CZ  . TYR A 1 80  ? 4.256   -3.451  0.318   1.00 37.12 ? 80   TYR A CZ  1 
ATOM   606  O OH  . TYR A 1 80  ? 3.294   -3.151  1.276   1.00 38.84 ? 80   TYR A OH  1 
ATOM   607  N N   . ASN A 1 81  ? 8.172   -1.360  -3.637  1.00 12.84 ? 81   ASN A N   1 
ATOM   608  C CA  . ASN A 1 81  ? 7.815   0.038   -3.798  1.00 13.11 ? 81   ASN A CA  1 
ATOM   609  C C   . ASN A 1 81  ? 6.715   0.052   -4.822  1.00 11.80 ? 81   ASN A C   1 
ATOM   610  O O   . ASN A 1 81  ? 6.812   -0.642  -5.835  1.00 12.20 ? 81   ASN A O   1 
ATOM   611  C CB  . ASN A 1 81  ? 8.970   0.869   -4.367  1.00 13.16 ? 81   ASN A CB  1 
ATOM   612  C CG  . ASN A 1 81  ? 10.263  0.744   -3.579  1.00 18.60 ? 81   ASN A CG  1 
ATOM   613  O OD1 . ASN A 1 81  ? 11.323  1.042   -4.108  1.00 24.11 ? 81   ASN A OD1 1 
ATOM   614  N ND2 . ASN A 1 81  ? 10.186  0.323   -2.334  1.00 13.02 ? 81   ASN A ND2 1 
ATOM   615  N N   . TYR A 1 82  ? 5.683   0.842   -4.528  1.00 11.82 ? 82   TYR A N   1 
ATOM   616  C CA  . TYR A 1 82  ? 4.531   0.975   -5.389  1.00 12.69 ? 82   TYR A CA  1 
ATOM   617  C C   . TYR A 1 82  ? 4.013   2.404   -5.225  1.00 15.07 ? 82   TYR A C   1 
ATOM   618  O O   . TYR A 1 82  ? 4.394   3.085   -4.250  1.00 15.74 ? 82   TYR A O   1 
ATOM   619  C CB  . TYR A 1 82  ? 3.467   -0.007  -4.969  1.00 10.48 ? 82   TYR A CB  1 
ATOM   620  C CG  . TYR A 1 82  ? 2.785   0.309   -3.653  1.00 12.26 ? 82   TYR A CG  1 
ATOM   621  C CD1 . TYR A 1 82  ? 3.263   -0.199  -2.459  1.00 14.63 ? 82   TYR A CD1 1 
ATOM   622  C CD2 . TYR A 1 82  ? 1.613   1.058   -3.616  1.00 15.31 ? 82   TYR A CD2 1 
ATOM   623  C CE1 . TYR A 1 82  ? 2.585   0.017   -1.254  1.00 18.09 ? 82   TYR A CE1 1 
ATOM   624  C CE2 . TYR A 1 82  ? 0.922   1.290   -2.424  1.00 18.35 ? 82   TYR A CE2 1 
ATOM   625  C CZ  . TYR A 1 82  ? 1.414   0.754   -1.251  1.00 19.05 ? 82   TYR A CZ  1 
ATOM   626  O OH  . TYR A 1 82  ? 0.726   0.914   -0.072  1.00 23.22 ? 82   TYR A OH  1 
ATOM   627  N N   . SER A 1 83  ? 3.182   2.877   -6.161  1.00 13.23 ? 83   SER A N   1 
ATOM   628  C CA  . SER A 1 83  ? 2.618   4.238   -6.072  1.00 13.97 ? 83   SER A CA  1 
ATOM   629  C C   . SER A 1 83  ? 1.147   4.227   -6.362  1.00 13.92 ? 83   SER A C   1 
ATOM   630  O O   . SER A 1 83  ? 0.659   3.345   -7.083  1.00 14.21 ? 83   SER A O   1 
ATOM   631  C CB  . SER A 1 83  ? 3.199   5.199   -7.121  1.00 14.07 ? 83   SER A CB  1 
ATOM   632  O OG  . SER A 1 83  ? 4.596   5.418   -6.988  1.00 14.53 ? 83   SER A OG  1 
ATOM   633  N N   . ILE A 1 84  ? 0.458   5.234   -5.831  1.00 15.74 ? 84   ILE A N   1 
ATOM   634  C CA  . ILE A 1 84  ? -0.951  5.448   -6.106  1.00 13.89 ? 84   ILE A CA  1 
ATOM   635  C C   . ILE A 1 84  ? -0.830  6.545   -7.143  1.00 13.71 ? 84   ILE A C   1 
ATOM   636  O O   . ILE A 1 84  ? -0.352  7.628   -6.838  1.00 11.13 ? 84   ILE A O   1 
ATOM   637  C CB  . ILE A 1 84  ? -1.695  5.933   -4.889  1.00 17.29 ? 84   ILE A CB  1 
ATOM   638  C CG1 . ILE A 1 84  ? -1.763  4.804   -3.856  1.00 17.56 ? 84   ILE A CG1 1 
ATOM   639  C CG2 . ILE A 1 84  ? -3.071  6.338   -5.283  1.00 12.73 ? 84   ILE A CG2 1 
ATOM   640  C CD1 . ILE A 1 84  ? -2.244  3.459   -4.444  1.00 24.40 ? 84   ILE A CD1 1 
ATOM   641  N N   . ILE A 1 85  ? -1.275  6.254   -8.364  1.00 13.12 ? 85   ILE A N   1 
ATOM   642  C CA  . ILE A 1 85  ? -1.088  7.157   -9.473  1.00 14.74 ? 85   ILE A CA  1 
ATOM   643  C C   . ILE A 1 85  ? -2.299  7.752   -10.127 1.00 17.78 ? 85   ILE A C   1 
ATOM   644  O O   . ILE A 1 85  ? -2.177  8.507   -11.096 1.00 17.07 ? 85   ILE A O   1 
ATOM   645  C CB  . ILE A 1 85  ? -0.279  6.444   -10.582 1.00 15.03 ? 85   ILE A CB  1 
ATOM   646  C CG1 . ILE A 1 85  ? -1.089  5.279   -11.161 1.00 15.50 ? 85   ILE A CG1 1 
ATOM   647  C CG2 . ILE A 1 85  ? 0.995   5.885   -10.023 1.00 15.42 ? 85   ILE A CG2 1 
ATOM   648  C CD1 . ILE A 1 85  ? -0.468  4.651   -12.406 1.00 18.24 ? 85   ILE A CD1 1 
ATOM   649  N N   . GLY A 1 86  ? -3.479  7.405   -9.652  1.00 19.86 ? 86   GLY A N   1 
ATOM   650  C CA  . GLY A 1 86  ? -4.641  7.954   -10.304 1.00 25.13 ? 86   GLY A CA  1 
ATOM   651  C C   . GLY A 1 86  ? -5.915  7.473   -9.704  1.00 28.01 ? 86   GLY A C   1 
ATOM   652  O O   . GLY A 1 86  ? -5.912  6.622   -8.809  1.00 26.55 ? 86   GLY A O   1 
ATOM   653  N N   . GLY A 1 87  ? -7.001  8.063   -10.203 1.00 34.13 ? 87   GLY A N   1 
ATOM   654  C CA  . GLY A 1 87  ? -8.344  7.754   -9.752  1.00 38.50 ? 87   GLY A CA  1 
ATOM   655  C C   . GLY A 1 87  ? -8.750  8.434   -8.463  1.00 42.59 ? 87   GLY A C   1 
ATOM   656  O O   . GLY A 1 87  ? -7.962  9.128   -7.823  1.00 42.72 ? 87   GLY A O   1 
ATOM   657  N N   . GLU A 1 88  ? -10.002 8.210   -8.084  1.00 46.47 ? 88   GLU A N   1 
ATOM   658  C CA  . GLU A 1 88  ? -10.580 8.768   -6.863  1.00 48.71 ? 88   GLU A CA  1 
ATOM   659  C C   . GLU A 1 88  ? -9.750  8.352   -5.657  1.00 46.66 ? 88   GLU A C   1 
ATOM   660  O O   . GLU A 1 88  ? -9.052  7.333   -5.699  1.00 48.08 ? 88   GLU A O   1 
ATOM   661  C CB  . GLU A 1 88  ? -12.062 8.325   -6.714  1.00 52.56 ? 88   GLU A CB  1 
ATOM   662  C CG  . GLU A 1 88  ? -13.000 9.084   -7.685  1.00 57.13 ? 88   GLU A CG  1 
ATOM   663  C CD  . GLU A 1 88  ? -14.505 8.791   -7.503  1.00 59.89 ? 88   GLU A CD  1 
ATOM   664  O OE1 . GLU A 1 88  ? -15.050 8.993   -6.389  1.00 60.19 ? 88   GLU A OE1 1 
ATOM   665  O OE2 . GLU A 1 88  ? -15.144 8.371   -8.501  1.00 61.99 ? 88   GLU A OE2 1 
ATOM   666  N N   . GLY A 1 89  ? -9.812  9.161   -4.596  1.00 43.30 ? 89   GLY A N   1 
ATOM   667  C CA  . GLY A 1 89  ? -9.033  8.859   -3.403  1.00 40.32 ? 89   GLY A CA  1 
ATOM   668  C C   . GLY A 1 89  ? -7.667  9.554   -3.412  1.00 37.44 ? 89   GLY A C   1 
ATOM   669  O O   . GLY A 1 89  ? -7.069  9.792   -2.333  1.00 38.05 ? 89   GLY A O   1 
ATOM   670  N N   . LEU A 1 90  ? -7.159  9.866   -4.613  1.00 33.77 ? 90   LEU A N   1 
ATOM   671  C CA  . LEU A 1 90  ? -5.883  10.576  -4.748  1.00 30.52 ? 90   LEU A CA  1 
ATOM   672  C C   . LEU A 1 90  ? -6.195  12.094  -4.733  1.00 29.75 ? 90   LEU A C   1 
ATOM   673  O O   . LEU A 1 90  ? -6.751  12.629  -5.711  1.00 27.93 ? 90   LEU A O   1 
ATOM   674  C CB  . LEU A 1 90  ? -5.192  10.195  -6.062  1.00 28.41 ? 90   LEU A CB  1 
ATOM   675  C CG  . LEU A 1 90  ? -3.808  10.823  -6.254  1.00 29.75 ? 90   LEU A CG  1 
ATOM   676  C CD1 . LEU A 1 90  ? -2.840  10.244  -5.253  1.00 28.60 ? 90   LEU A CD1 1 
ATOM   677  C CD2 . LEU A 1 90  ? -3.277  10.568  -7.657  1.00 27.63 ? 90   LEU A CD2 1 
ATOM   678  N N   . ASP A 1 91  ? -5.881  12.771  -3.629  1.00 26.19 ? 91   ASP A N   1 
ATOM   679  C CA  . ASP A 1 91  ? -6.145  14.187  -3.511  1.00 23.28 ? 91   ASP A CA  1 
ATOM   680  C C   . ASP A 1 91  ? -5.809  14.912  -4.807  1.00 21.97 ? 91   ASP A C   1 
ATOM   681  O O   . ASP A 1 91  ? -4.919  14.507  -5.561  1.00 19.54 ? 91   ASP A O   1 
ATOM   682  C CB  . ASP A 1 91  ? -5.334  14.779  -2.379  1.00 24.76 ? 91   ASP A CB  1 
ATOM   683  C CG  . ASP A 1 91  ? -5.816  16.170  -1.962  1.00 23.69 ? 91   ASP A CG  1 
ATOM   684  O OD1 . ASP A 1 91  ? -6.711  16.240  -1.109  1.00 24.23 ? 91   ASP A OD1 1 
ATOM   685  O OD2 . ASP A 1 91  ? -5.308  17.187  -2.490  1.00 24.40 ? 91   ASP A OD2 1 
ATOM   686  N N   . GLU A 1 92  ? -6.563  15.976  -5.062  1.00 20.08 ? 92   GLU A N   1 
ATOM   687  C CA  . GLU A 1 92  ? -6.434  16.838  -6.235  1.00 21.01 ? 92   GLU A CA  1 
ATOM   688  C C   . GLU A 1 92  ? -5.061  17.559  -6.306  1.00 18.36 ? 92   GLU A C   1 
ATOM   689  O O   . GLU A 1 92  ? -4.577  17.907  -7.382  1.00 17.42 ? 92   GLU A O   1 
ATOM   690  C CB  . GLU A 1 92  ? -7.579  17.882  -6.182  1.00 25.59 ? 92   GLU A CB  1 
ATOM   691  C CG  . GLU A 1 92  ? -7.537  18.916  -7.274  1.00 33.83 ? 92   GLU A CG  1 
ATOM   692  C CD  . GLU A 1 92  ? -7.606  18.238  -8.625  1.00 37.19 ? 92   GLU A CD  1 
ATOM   693  O OE1 . GLU A 1 92  ? -6.857  18.653  -9.551  1.00 41.62 ? 92   GLU A OE1 1 
ATOM   694  O OE2 . GLU A 1 92  ? -8.419  17.275  -8.729  1.00 39.27 ? 92   GLU A OE2 1 
ATOM   695  N N   . SER A 1 93  ? -4.453  17.795  -5.148  1.00 18.03 ? 93   SER A N   1 
ATOM   696  C CA  . SER A 1 93  ? -3.177  18.471  -5.064  1.00 18.78 ? 93   SER A CA  1 
ATOM   697  C C   . SER A 1 93  ? -2.004  17.552  -5.328  1.00 20.87 ? 93   SER A C   1 
ATOM   698  O O   . SER A 1 93  ? -0.878  18.043  -5.439  1.00 19.95 ? 93   SER A O   1 
ATOM   699  C CB  . SER A 1 93  ? -2.995  19.063  -3.669  1.00 19.40 ? 93   SER A CB  1 
ATOM   700  O OG  . SER A 1 93  ? -2.776  18.047  -2.687  1.00 18.49 ? 93   SER A OG  1 
ATOM   701  N N   . LEU A 1 94  ? -2.240  16.236  -5.417  1.00 19.18 ? 94   LEU A N   1 
ATOM   702  C CA  . LEU A 1 94  ? -1.151  15.256  -5.621  1.00 20.13 ? 94   LEU A CA  1 
ATOM   703  C C   . LEU A 1 94  ? -0.980  14.737  -7.013  1.00 19.16 ? 94   LEU A C   1 
ATOM   704  O O   . LEU A 1 94  ? -1.951  14.507  -7.718  1.00 20.31 ? 94   LEU A O   1 
ATOM   705  C CB  . LEU A 1 94  ? -1.368  14.040  -4.738  1.00 17.39 ? 94   LEU A CB  1 
ATOM   706  C CG  . LEU A 1 94  ? -1.553  14.366  -3.273  1.00 19.55 ? 94   LEU A CG  1 
ATOM   707  C CD1 . LEU A 1 94  ? -1.778  13.120  -2.517  1.00 18.20 ? 94   LEU A CD1 1 
ATOM   708  C CD2 . LEU A 1 94  ? -0.340  15.101  -2.757  1.00 19.37 ? 94   LEU A CD2 1 
ATOM   709  N N   . GLU A 1 95  ? 0.257   14.532  -7.415  1.00 18.31 ? 95   GLU A N   1 
ATOM   710  C CA  . GLU A 1 95  ? 0.530   13.935  -8.710  1.00 19.33 ? 95   GLU A CA  1 
ATOM   711  C C   . GLU A 1 95  ? 0.374   12.436  -8.488  1.00 15.67 ? 95   GLU A C   1 
ATOM   712  O O   . GLU A 1 95  ? -0.233  11.711  -9.296  1.00 14.01 ? 95   GLU A O   1 
ATOM   713  C CB  . GLU A 1 95  ? 1.959   14.207  -9.132  1.00 21.66 ? 95   GLU A CB  1 
ATOM   714  C CG  . GLU A 1 95  ? 2.143   15.422  -9.972  1.00 30.94 ? 95   GLU A CG  1 
ATOM   715  C CD  . GLU A 1 95  ? 3.610   15.742  -10.153 1.00 35.86 ? 95   GLU A CD  1 
ATOM   716  O OE1 . GLU A 1 95  ? 4.414   14.782  -10.298 1.00 38.31 ? 95   GLU A OE1 1 
ATOM   717  O OE2 . GLU A 1 95  ? 3.954   16.947  -10.158 1.00 39.82 ? 95   GLU A OE2 1 
ATOM   718  N N   . LYS A 1 96  ? 0.910   11.989  -7.353  1.00 13.97 ? 96   LYS A N   1 
ATOM   719  C CA  . LYS A 1 96  ? 0.896   10.579  -6.959  1.00 13.44 ? 96   LYS A CA  1 
ATOM   720  C C   . LYS A 1 96  ? 1.463   10.426  -5.567  1.00 13.32 ? 96   LYS A C   1 
ATOM   721  O O   . LYS A 1 96  ? 2.068   11.343  -5.017  1.00 12.43 ? 96   LYS A O   1 
ATOM   722  C CB  . LYS A 1 96  ? 1.784   9.770   -7.893  1.00 15.91 ? 96   LYS A CB  1 
ATOM   723  C CG  . LYS A 1 96  ? 3.237   10.167  -7.804  1.00 19.53 ? 96   LYS A CG  1 
ATOM   724  C CD  . LYS A 1 96  ? 4.060   9.240   -8.629  1.00 24.14 ? 96   LYS A CD  1 
ATOM   725  C CE  . LYS A 1 96  ? 5.505   9.618   -8.508  1.00 29.81 ? 96   LYS A CE  1 
ATOM   726  N NZ  . LYS A 1 96  ? 6.462   8.883   -9.375  1.00 30.47 ? 96   LYS A NZ  1 
ATOM   727  N N   . ILE A 1 97  ? 1.247   9.252   -4.991  1.00 12.45 ? 97   ILE A N   1 
ATOM   728  C CA  . ILE A 1 97  ? 1.814   8.953   -3.683  1.00 12.51 ? 97   ILE A CA  1 
ATOM   729  C C   . ILE A 1 97  ? 2.658   7.702   -3.885  1.00 14.61 ? 97   ILE A C   1 
ATOM   730  O O   . ILE A 1 97  ? 2.151   6.692   -4.386  1.00 14.95 ? 97   ILE A O   1 
ATOM   731  C CB  . ILE A 1 97  ? 0.756   8.630   -2.682  1.00 12.63 ? 97   ILE A CB  1 
ATOM   732  C CG1 . ILE A 1 97  ? -0.178  9.833   -2.563  1.00 15.96 ? 97   ILE A CG1 1 
ATOM   733  C CG2 . ILE A 1 97  ? 1.405   8.261   -1.340  1.00 15.55 ? 97   ILE A CG2 1 
ATOM   734  C CD1 . ILE A 1 97  ? -1.281  9.604   -1.573  1.00 18.16 ? 97   ILE A CD1 1 
ATOM   735  N N   . SER A 1 98  ? 3.931   7.773   -3.531  1.00 12.48 ? 98   SER A N   1 
ATOM   736  C CA  . SER A 1 98  ? 4.812   6.627   -3.665  1.00 14.81 ? 98   SER A CA  1 
ATOM   737  C C   . SER A 1 98  ? 5.152   6.051   -2.318  1.00 16.92 ? 98   SER A C   1 
ATOM   738  O O   . SER A 1 98  ? 5.396   6.787   -1.338  1.00 18.07 ? 98   SER A O   1 
ATOM   739  C CB  . SER A 1 98  ? 6.090   7.030   -4.344  1.00 15.62 ? 98   SER A CB  1 
ATOM   740  O OG  . SER A 1 98  ? 5.760   7.654   -5.565  1.00 15.94 ? 98   SER A OG  1 
ATOM   741  N N   . TYR A 1 99  ? 5.175   4.727   -2.255  1.00 15.83 ? 99   TYR A N   1 
ATOM   742  C CA  . TYR A 1 99  ? 5.499   4.063   -1.006  1.00 18.27 ? 99   TYR A CA  1 
ATOM   743  C C   . TYR A 1 99  ? 6.711   3.190   -1.266  1.00 20.29 ? 99   TYR A C   1 
ATOM   744  O O   . TYR A 1 99  ? 6.792   2.564   -2.304  1.00 19.89 ? 99   TYR A O   1 
ATOM   745  C CB  . TYR A 1 99  ? 4.327   3.183   -0.538  1.00 19.06 ? 99   TYR A CB  1 
ATOM   746  C CG  . TYR A 1 99  ? 2.991   3.907   -0.249  1.00 19.22 ? 99   TYR A CG  1 
ATOM   747  C CD1 . TYR A 1 99  ? 2.123   4.291   -1.289  1.00 19.53 ? 99   TYR A CD1 1 
ATOM   748  C CD2 . TYR A 1 99  ? 2.592   4.186   1.044   1.00 19.42 ? 99   TYR A CD2 1 
ATOM   749  C CE1 . TYR A 1 99  ? 0.914   4.937   -1.034  1.00 21.86 ? 99   TYR A CE1 1 
ATOM   750  C CE2 . TYR A 1 99  ? 1.383   4.834   1.307   1.00 22.77 ? 99   TYR A CE2 1 
ATOM   751  C CZ  . TYR A 1 99  ? 0.566   5.201   0.266   1.00 21.65 ? 99   TYR A CZ  1 
ATOM   752  O OH  . TYR A 1 99  ? -0.583  5.900   0.515   1.00 24.65 ? 99   TYR A OH  1 
ATOM   753  N N   . GLU A 1 100 ? 7.675   3.195   -0.350  1.00 18.33 ? 100  GLU A N   1 
ATOM   754  C CA  . GLU A 1 100 ? 8.861   2.318   -0.443  1.00 17.92 ? 100  GLU A CA  1 
ATOM   755  C C   . GLU A 1 100 ? 8.838   1.541   0.869   1.00 17.05 ? 100  GLU A C   1 
ATOM   756  O O   . GLU A 1 100 ? 9.011   2.128   1.938   1.00 18.97 ? 100  GLU A O   1 
ATOM   757  C CB  . GLU A 1 100 ? 10.139  3.135   -0.560  1.00 16.50 ? 100  GLU A CB  1 
ATOM   758  C CG  . GLU A 1 100 ? 10.117  4.024   -1.793  1.00 18.96 ? 100  GLU A CG  1 
ATOM   759  C CD  . GLU A 1 100 ? 11.416  4.834   -1.965  1.00 23.70 ? 100  GLU A CD  1 
ATOM   760  O OE1 . GLU A 1 100 ? 11.505  5.599   -2.948  1.00 26.03 ? 100  GLU A OE1 1 
ATOM   761  O OE2 . GLU A 1 100 ? 12.335  4.689   -1.123  1.00 22.42 ? 100  GLU A OE2 1 
ATOM   762  N N   . SER A 1 101 ? 8.558   0.243   0.791   1.00 17.74 ? 101  SER A N   1 
ATOM   763  C CA  . SER A 1 101 ? 8.443   -0.614  1.975   1.00 15.96 ? 101  SER A CA  1 
ATOM   764  C C   . SER A 1 101 ? 9.509   -1.644  2.117   1.00 14.57 ? 101  SER A C   1 
ATOM   765  O O   . SER A 1 101 ? 10.053  -2.154  1.130   1.00 12.47 ? 101  SER A O   1 
ATOM   766  C CB  . SER A 1 101 ? 7.135   -1.376  1.958   1.00 14.89 ? 101  SER A CB  1 
ATOM   767  O OG  . SER A 1 101 ? 6.067   -0.482  2.111   1.00 20.79 ? 101  SER A OG  1 
ATOM   768  N N   . LYS A 1 102 ? 9.810   -1.968  3.355   1.00 17.59 ? 102  LYS A N   1 
ATOM   769  C CA  . LYS A 1 102 ? 10.802  -2.998  3.604   1.00 18.65 ? 102  LYS A CA  1 
ATOM   770  C C   . LYS A 1 102 ? 10.375  -3.714  4.887   1.00 17.36 ? 102  LYS A C   1 
ATOM   771  O O   . LYS A 1 102 ? 9.992   -3.060  5.885   1.00 15.75 ? 102  LYS A O   1 
ATOM   772  C CB  . LYS A 1 102 ? 12.189  -2.371  3.753   1.00 24.06 ? 102  LYS A CB  1 
ATOM   773  C CG  . LYS A 1 102 ? 13.204  -3.397  4.091   1.00 28.68 ? 102  LYS A CG  1 
ATOM   774  C CD  . LYS A 1 102 ? 14.605  -2.910  4.044   1.00 29.45 ? 102  LYS A CD  1 
ATOM   775  C CE  . LYS A 1 102 ? 15.544  -4.102  4.183   1.00 29.22 ? 102  LYS A CE  1 
ATOM   776  N NZ  . LYS A 1 102 ? 16.961  -3.738  3.831   1.00 30.58 ? 102  LYS A NZ  1 
ATOM   777  N N   . ILE A 1 103 ? 10.379  -5.046  4.866   1.00 15.69 ? 103  ILE A N   1 
ATOM   778  C CA  . ILE A 1 103 ? 10.005  -5.801  6.059   1.00 13.93 ? 103  ILE A CA  1 
ATOM   779  C C   . ILE A 1 103 ? 11.267  -6.328  6.656   1.00 15.89 ? 103  ILE A C   1 
ATOM   780  O O   . ILE A 1 103 ? 11.998  -7.078  6.050   1.00 16.16 ? 103  ILE A O   1 
ATOM   781  C CB  . ILE A 1 103 ? 9.074   -6.978  5.757   1.00 15.53 ? 103  ILE A CB  1 
ATOM   782  C CG1 . ILE A 1 103 ? 7.805   -6.440  5.144   1.00 14.55 ? 103  ILE A CG1 1 
ATOM   783  C CG2 . ILE A 1 103 ? 8.642   -7.637  7.039   1.00 17.88 ? 103  ILE A CG2 1 
ATOM   784  C CD1 . ILE A 1 103 ? 7.294   -5.201  5.952   1.00 17.57 ? 103  ILE A CD1 1 
ATOM   785  N N   . LEU A 1 104 ? 11.530  -5.895  7.868   1.00 16.49 ? 104  LEU A N   1 
ATOM   786  C CA  . LEU A 1 104 ? 12.730  -6.301  8.566   1.00 20.58 ? 104  LEU A CA  1 
ATOM   787  C C   . LEU A 1 104 ? 12.422  -7.317  9.643   1.00 19.55 ? 104  LEU A C   1 
ATOM   788  O O   . LEU A 1 104 ? 11.288  -7.416  10.121  1.00 18.47 ? 104  LEU A O   1 
ATOM   789  C CB  . LEU A 1 104 ? 13.347  -5.113  9.261   1.00 18.01 ? 104  LEU A CB  1 
ATOM   790  C CG  . LEU A 1 104 ? 13.676  -3.922  8.401   1.00 24.30 ? 104  LEU A CG  1 
ATOM   791  C CD1 . LEU A 1 104 ? 13.929  -2.757  9.320   1.00 25.86 ? 104  LEU A CD1 1 
ATOM   792  C CD2 . LEU A 1 104 ? 14.862  -4.215  7.566   1.00 22.46 ? 104  LEU A CD2 1 
ATOM   793  N N   . PRO A 1 105 ? 13.444  -8.096  10.036  1.00 22.08 ? 105  PRO A N   1 
ATOM   794  C CA  . PRO A 1 105 ? 13.319  -9.113  11.096  1.00 22.16 ? 105  PRO A CA  1 
ATOM   795  C C   . PRO A 1 105 ? 13.174  -8.336  12.417  1.00 21.87 ? 105  PRO A C   1 
ATOM   796  O O   . PRO A 1 105 ? 13.864  -7.343  12.620  1.00 20.74 ? 105  PRO A O   1 
ATOM   797  C CB  . PRO A 1 105 ? 14.675  -9.843  11.044  1.00 23.61 ? 105  PRO A CB  1 
ATOM   798  C CG  . PRO A 1 105 ? 15.038  -9.732  9.602   1.00 23.11 ? 105  PRO A CG  1 
ATOM   799  C CD  . PRO A 1 105 ? 14.697  -8.288  9.278   1.00 21.80 ? 105  PRO A CD  1 
ATOM   800  N N   . GLY A 1 106 ? 12.253  -8.757  13.276  1.00 20.26 ? 106  GLY A N   1 
ATOM   801  C CA  . GLY A 1 106 ? 12.092  -8.110  14.561  1.00 22.51 ? 106  GLY A CA  1 
ATOM   802  C C   . GLY A 1 106 ? 12.379  -9.159  15.625  1.00 24.62 ? 106  GLY A C   1 
ATOM   803  O O   . GLY A 1 106 ? 12.659  -10.310 15.284  1.00 25.77 ? 106  GLY A O   1 
ATOM   804  N N   . PRO A 1 107 ? 12.291  -8.816  16.924  1.00 25.79 ? 107  PRO A N   1 
ATOM   805  C CA  . PRO A 1 107 ? 12.580  -9.862  17.920  1.00 27.01 ? 107  PRO A CA  1 
ATOM   806  C C   . PRO A 1 107 ? 11.472  -10.902 18.008  1.00 27.97 ? 107  PRO A C   1 
ATOM   807  O O   . PRO A 1 107 ? 10.321  -10.640 17.615  1.00 27.59 ? 107  PRO A O   1 
ATOM   808  C CB  . PRO A 1 107 ? 12.704  -9.079  19.232  1.00 26.74 ? 107  PRO A CB  1 
ATOM   809  C CG  . PRO A 1 107 ? 13.102  -7.685  18.788  1.00 26.80 ? 107  PRO A CG  1 
ATOM   810  C CD  . PRO A 1 107 ? 12.213  -7.488  17.561  1.00 25.56 ? 107  PRO A CD  1 
ATOM   811  N N   . ASP A 1 108 ? 11.822  -12.080 18.515  1.00 30.14 ? 108  ASP A N   1 
ATOM   812  C CA  . ASP A 1 108 ? 10.827  -13.109 18.736  1.00 29.72 ? 108  ASP A CA  1 
ATOM   813  C C   . ASP A 1 108 ? 10.201  -13.572 17.473  1.00 28.71 ? 108  ASP A C   1 
ATOM   814  O O   . ASP A 1 108 ? 8.995   -13.885 17.457  1.00 27.70 ? 108  ASP A O   1 
ATOM   815  C CB  . ASP A 1 108 ? 9.711   -12.595 19.664  1.00 32.75 ? 108  ASP A CB  1 
ATOM   816  C CG  . ASP A 1 108 ? 10.209  -12.316 21.070  1.00 37.64 ? 108  ASP A CG  1 
ATOM   817  O OD1 . ASP A 1 108 ? 11.108  -13.085 21.497  1.00 37.53 ? 108  ASP A OD1 1 
ATOM   818  O OD2 . ASP A 1 108 ? 9.707   -11.357 21.736  1.00 39.56 ? 108  ASP A OD2 1 
ATOM   819  N N   . GLY A 1 109 ? 11.007  -13.618 16.423  1.00 24.60 ? 109  GLY A N   1 
ATOM   820  C CA  . GLY A 1 109 ? 10.513  -14.097 15.139  1.00 22.58 ? 109  GLY A CA  1 
ATOM   821  C C   . GLY A 1 109 ? 9.427   -13.245 14.498  1.00 20.21 ? 109  GLY A C   1 
ATOM   822  O O   . GLY A 1 109 ? 8.772   -13.677 13.566  1.00 20.55 ? 109  GLY A O   1 
ATOM   823  N N   . GLY A 1 110 ? 9.219   -12.036 15.013  1.00 17.72 ? 110  GLY A N   1 
ATOM   824  C CA  . GLY A 1 110 ? 8.230   -11.125 14.457  1.00 18.10 ? 110  GLY A CA  1 
ATOM   825  C C   . GLY A 1 110 ? 8.902   -10.259 13.390  1.00 19.65 ? 110  GLY A C   1 
ATOM   826  O O   . GLY A 1 110 ? 9.987   -10.588 12.868  1.00 17.83 ? 110  GLY A O   1 
ATOM   827  N N   . SER A 1 111 ? 8.296   -9.131  13.064  1.00 19.55 ? 111  SER A N   1 
ATOM   828  C CA  . SER A 1 111 ? 8.893   -8.290  12.042  1.00 19.64 ? 111  SER A CA  1 
ATOM   829  C C   . SER A 1 111 ? 8.609   -6.822  12.271  1.00 19.01 ? 111  SER A C   1 
ATOM   830  O O   . SER A 1 111 ? 7.923   -6.445  13.221  1.00 14.84 ? 111  SER A O   1 
ATOM   831  C CB  . SER A 1 111 ? 8.386   -8.723  10.669  1.00 20.63 ? 111  SER A CB  1 
ATOM   832  O OG  . SER A 1 111 ? 6.983   -8.830  10.697  1.00 23.65 ? 111  SER A OG  1 
ATOM   833  N N   . ILE A 1 112 ? 9.178   -5.990  11.404  1.00 18.29 ? 112  ILE A N   1 
ATOM   834  C CA  . ILE A 1 112 ? 8.987   -4.558  11.474  1.00 17.42 ? 112  ILE A CA  1 
ATOM   835  C C   . ILE A 1 112 ? 8.734   -4.081  10.054  1.00 17.90 ? 112  ILE A C   1 
ATOM   836  O O   . ILE A 1 112 ? 9.531   -4.358  9.160   1.00 14.80 ? 112  ILE A O   1 
ATOM   837  C CB  . ILE A 1 112 ? 10.233  -3.813  11.943  1.00 20.28 ? 112  ILE A CB  1 
ATOM   838  C CG1 . ILE A 1 112 ? 10.725  -4.371  13.282  1.00 19.55 ? 112  ILE A CG1 1 
ATOM   839  C CG2 . ILE A 1 112 ? 9.910   -2.314  11.985  1.00 20.14 ? 112  ILE A CG2 1 
ATOM   840  C CD1 . ILE A 1 112 ? 12.070  -3.755  13.708  1.00 22.57 ? 112  ILE A CD1 1 
ATOM   841  N N   . GLY A 1 113 ? 7.637   -3.351  9.874   1.00 15.00 ? 113  GLY A N   1 
ATOM   842  C CA  . GLY A 1 113 ? 7.309   -2.822  8.573   1.00 18.08 ? 113  GLY A CA  1 
ATOM   843  C C   . GLY A 1 113 ? 7.778   -1.381  8.562   1.00 18.75 ? 113  GLY A C   1 
ATOM   844  O O   . GLY A 1 113 ? 7.301   -0.580  9.357   1.00 16.08 ? 113  GLY A O   1 
ATOM   845  N N   . LYS A 1 114 ? 8.752   -1.063  7.714   1.00 17.35 ? 114  LYS A N   1 
ATOM   846  C CA  . LYS A 1 114 ? 9.248   0.302   7.562   1.00 21.80 ? 114  LYS A CA  1 
ATOM   847  C C   . LYS A 1 114 ? 8.639   0.780   6.255   1.00 21.99 ? 114  LYS A C   1 
ATOM   848  O O   . LYS A 1 114 ? 8.891   0.202   5.183   1.00 20.62 ? 114  LYS A O   1 
ATOM   849  C CB  . LYS A 1 114 ? 10.772  0.359   7.410   1.00 25.58 ? 114  LYS A CB  1 
ATOM   850  C CG  . LYS A 1 114 ? 11.578  -0.116  8.602   1.00 32.25 ? 114  LYS A CG  1 
ATOM   851  C CD  . LYS A 1 114 ? 13.090  0.190   8.384   1.00 37.18 ? 114  LYS A CD  1 
ATOM   852  C CE  . LYS A 1 114 ? 13.581  1.515   8.993   1.00 40.18 ? 114  LYS A CE  1 
ATOM   853  N NZ  . LYS A 1 114 ? 13.945  1.436   10.475  1.00 42.64 ? 114  LYS A NZ  1 
ATOM   854  N N   . ILE A 1 115 ? 7.825   1.825   6.338   1.00 20.79 ? 115  ILE A N   1 
ATOM   855  C CA  . ILE A 1 115 ? 7.172   2.374   5.160   1.00 22.84 ? 115  ILE A CA  1 
ATOM   856  C C   . ILE A 1 115 ? 7.570   3.833   4.960   1.00 23.21 ? 115  ILE A C   1 
ATOM   857  O O   . ILE A 1 115 ? 7.328   4.680   5.836   1.00 23.71 ? 115  ILE A O   1 
ATOM   858  C CB  . ILE A 1 115 ? 5.632   2.292   5.295   1.00 25.39 ? 115  ILE A CB  1 
ATOM   859  C CG1 . ILE A 1 115 ? 5.211   0.842   5.516   1.00 28.67 ? 115  ILE A CG1 1 
ATOM   860  C CG2 . ILE A 1 115 ? 4.948   2.822   4.036   1.00 25.87 ? 115  ILE A CG2 1 
ATOM   861  C CD1 . ILE A 1 115 ? 4.197   0.710   6.585   1.00 32.20 ? 115  ILE A CD1 1 
ATOM   862  N N   . ASN A 1 116 ? 8.209   4.122   3.832   1.00 19.51 ? 116  ASN A N   1 
ATOM   863  C CA  . ASN A 1 116 ? 8.593   5.489   3.540   1.00 18.35 ? 116  ASN A CA  1 
ATOM   864  C C   . ASN A 1 116 ? 7.578   5.941   2.487   1.00 16.87 ? 116  ASN A C   1 
ATOM   865  O O   . ASN A 1 116 ? 7.547   5.377   1.413   1.00 17.66 ? 116  ASN A O   1 
ATOM   866  C CB  . ASN A 1 116 ? 10.034  5.507   3.013   1.00 18.31 ? 116  ASN A CB  1 
ATOM   867  C CG  . ASN A 1 116 ? 10.588  6.951   2.747   1.00 22.44 ? 116  ASN A CG  1 
ATOM   868  O OD1 . ASN A 1 116 ? 10.002  7.974   3.163   1.00 25.37 ? 116  ASN A OD1 1 
ATOM   869  N ND2 . ASN A 1 116 ? 11.733  7.015   2.047   1.00 20.50 ? 116  ASN A ND2 1 
ATOM   870  N N   . VAL A 1 117 ? 6.716   6.908   2.824   1.00 15.08 ? 117  VAL A N   1 
ATOM   871  C CA  . VAL A 1 117 ? 5.722   7.427   1.885   1.00 15.07 ? 117  VAL A CA  1 
ATOM   872  C C   . VAL A 1 117 ? 6.093   8.795   1.348   1.00 15.84 ? 117  VAL A C   1 
ATOM   873  O O   . VAL A 1 117 ? 6.539   9.683   2.091   1.00 14.38 ? 117  VAL A O   1 
ATOM   874  C CB  . VAL A 1 117 ? 4.278   7.455   2.473   1.00 17.46 ? 117  VAL A CB  1 
ATOM   875  C CG1 . VAL A 1 117 ? 4.223   8.196   3.788   1.00 18.98 ? 117  VAL A CG1 1 
ATOM   876  C CG2 . VAL A 1 117 ? 3.312   8.091   1.444   1.00 18.38 ? 117  VAL A CG2 1 
ATOM   877  N N   . LYS A 1 118 ? 5.941   8.963   0.044   1.00 12.50 ? 118  LYS A N   1 
ATOM   878  C CA  . LYS A 1 118 ? 6.301   10.235  -0.586  1.00 11.64 ? 118  LYS A CA  1 
ATOM   879  C C   . LYS A 1 118 ? 5.155   10.849  -1.345  1.00 12.14 ? 118  LYS A C   1 
ATOM   880  O O   . LYS A 1 118 ? 4.670   10.283  -2.282  1.00 13.98 ? 118  LYS A O   1 
ATOM   881  C CB  . LYS A 1 118 ? 7.465   10.005  -1.512  1.00 10.98 ? 118  LYS A CB  1 
ATOM   882  C CG  . LYS A 1 118 ? 8.579   9.341   -0.737  1.00 17.39 ? 118  LYS A CG  1 
ATOM   883  C CD  . LYS A 1 118 ? 9.528   8.613   -1.630  1.00 21.69 ? 118  LYS A CD  1 
ATOM   884  C CE  . LYS A 1 118 ? 10.779  8.210   -0.852  1.00 25.13 ? 118  LYS A CE  1 
ATOM   885  N NZ  . LYS A 1 118 ? 11.955  8.231   -1.816  1.00 27.05 ? 118  LYS A NZ  1 
ATOM   886  N N   . PHE A 1 119 ? 4.708   12.005  -0.910  1.00 11.93 ? 119  PHE A N   1 
ATOM   887  C CA  . PHE A 1 119 ? 3.633   12.702  -1.542  1.00 12.88 ? 119  PHE A CA  1 
ATOM   888  C C   . PHE A 1 119 ? 4.230   13.631  -2.591  1.00 11.85 ? 119  PHE A C   1 
ATOM   889  O O   . PHE A 1 119 ? 4.996   14.532  -2.253  1.00 15.21 ? 119  PHE A O   1 
ATOM   890  C CB  . PHE A 1 119 ? 2.838   13.496  -0.480  1.00 13.31 ? 119  PHE A CB  1 
ATOM   891  C CG  . PHE A 1 119 ? 2.149   12.643  0.549   1.00 16.65 ? 119  PHE A CG  1 
ATOM   892  C CD1 . PHE A 1 119 ? 2.821   12.221  1.697   1.00 18.88 ? 119  PHE A CD1 1 
ATOM   893  C CD2 . PHE A 1 119 ? 0.830   12.215  0.345   1.00 17.72 ? 119  PHE A CD2 1 
ATOM   894  C CE1 . PHE A 1 119 ? 2.191   11.381  2.637   1.00 20.75 ? 119  PHE A CE1 1 
ATOM   895  C CE2 . PHE A 1 119 ? 0.179   11.361  1.290   1.00 19.53 ? 119  PHE A CE2 1 
ATOM   896  C CZ  . PHE A 1 119 ? 0.869   10.948  2.431   1.00 17.94 ? 119  PHE A CZ  1 
ATOM   897  N N   . HIS A 1 120 ? 3.901   13.401  -3.864  1.00 11.31 ? 120  HIS A N   1 
ATOM   898  C CA  . HIS A 1 120 ? 4.392   14.245  -4.964  1.00 13.01 ? 120  HIS A CA  1 
ATOM   899  C C   . HIS A 1 120 ? 3.273   15.216  -5.219  1.00 12.93 ? 120  HIS A C   1 
ATOM   900  O O   . HIS A 1 120 ? 2.255   14.862  -5.808  1.00 13.72 ? 120  HIS A O   1 
ATOM   901  C CB  . HIS A 1 120 ? 4.671   13.398  -6.206  1.00 12.67 ? 120  HIS A CB  1 
ATOM   902  C CG  . HIS A 1 120 ? 5.779   12.420  -6.010  1.00 15.11 ? 120  HIS A CG  1 
ATOM   903  N ND1 . HIS A 1 120 ? 7.030   12.607  -6.566  1.00 15.44 ? 120  HIS A ND1 1 
ATOM   904  C CD2 . HIS A 1 120 ? 5.873   11.316  -5.235  1.00 14.98 ? 120  HIS A CD2 1 
ATOM   905  C CE1 . HIS A 1 120 ? 7.845   11.658  -6.134  1.00 15.11 ? 120  HIS A CE1 1 
ATOM   906  N NE2 . HIS A 1 120 ? 7.173   10.864  -5.322  1.00 16.04 ? 120  HIS A NE2 1 
ATOM   907  N N   . THR A 1 121 ? 3.445   16.433  -4.700  1.00 14.62 ? 121  THR A N   1 
ATOM   908  C CA  . THR A 1 121 ? 2.436   17.494  -4.785  1.00 17.36 ? 121  THR A CA  1 
ATOM   909  C C   . THR A 1 121 ? 2.589   18.294  -6.053  1.00 18.77 ? 121  THR A C   1 
ATOM   910  O O   . THR A 1 121 ? 3.686   18.435  -6.581  1.00 17.68 ? 121  THR A O   1 
ATOM   911  C CB  . THR A 1 121 ? 2.586   18.482  -3.624  1.00 18.82 ? 121  THR A CB  1 
ATOM   912  O OG1 . THR A 1 121 ? 3.882   19.114  -3.717  1.00 17.43 ? 121  THR A OG1 1 
ATOM   913  C CG2 . THR A 1 121 ? 2.454   17.767  -2.269  1.00 18.55 ? 121  THR A CG2 1 
ATOM   914  N N   . LYS A 1 122 ? 1.462   18.798  -6.538  1.00 19.27 ? 122  LYS A N   1 
ATOM   915  C CA  . LYS A 1 122 ? 1.423   19.627  -7.747  1.00 21.79 ? 122  LYS A CA  1 
ATOM   916  C C   . LYS A 1 122 ? 1.988   21.042  -7.452  1.00 21.84 ? 122  LYS A C   1 
ATOM   917  O O   . LYS A 1 122 ? 2.482   21.717  -8.328  1.00 23.93 ? 122  LYS A O   1 
ATOM   918  C CB  . LYS A 1 122 ? -0.013  19.685  -8.289  1.00 20.84 ? 122  LYS A CB  1 
ATOM   919  C CG  . LYS A 1 122 ? -0.456  18.354  -8.934  1.00 21.97 ? 122  LYS A CG  1 
ATOM   920  C CD  . LYS A 1 122 ? -1.926  18.367  -9.164  1.00 25.14 ? 122  LYS A CD  1 
ATOM   921  C CE  . LYS A 1 122 ? -2.391  17.115  -9.858  1.00 30.10 ? 122  LYS A CE  1 
ATOM   922  N NZ  . LYS A 1 122 ? -3.888  17.141  -10.005 1.00 30.62 ? 122  LYS A NZ  1 
ATOM   923  N N   . GLY A 1 123 ? 1.952   21.457  -6.199  1.00 20.90 ? 123  GLY A N   1 
ATOM   924  C CA  . GLY A 1 123 ? 2.517   22.748  -5.831  1.00 20.98 ? 123  GLY A CA  1 
ATOM   925  C C   . GLY A 1 123 ? 3.733   22.628  -4.891  1.00 22.15 ? 123  GLY A C   1 
ATOM   926  O O   . GLY A 1 123 ? 4.318   21.515  -4.783  1.00 20.59 ? 123  GLY A O   1 
ATOM   927  N N   . ASP A 1 124 ? 4.132   23.726  -4.214  1.00 21.82 ? 124  ASP A N   1 
ATOM   928  C CA  . ASP A 1 124 ? 5.294   23.660  -3.318  1.00 26.73 ? 124  ASP A CA  1 
ATOM   929  C C   . ASP A 1 124 ? 4.828   23.444  -1.887  1.00 24.73 ? 124  ASP A C   1 
ATOM   930  O O   . ASP A 1 124 ? 5.620   23.395  -0.964  1.00 26.24 ? 124  ASP A O   1 
ATOM   931  C CB  . ASP A 1 124 ? 6.136   24.945  -3.395  1.00 31.15 ? 124  ASP A CB  1 
ATOM   932  C CG  . ASP A 1 124 ? 6.533   25.326  -4.828  1.00 35.17 ? 124  ASP A CG  1 
ATOM   933  O OD1 . ASP A 1 124 ? 6.864   24.437  -5.669  1.00 35.53 ? 124  ASP A OD1 1 
ATOM   934  O OD2 . ASP A 1 124 ? 6.529   26.549  -5.109  1.00 37.36 ? 124  ASP A OD2 1 
ATOM   935  N N   . VAL A 1 125 ? 3.527   23.293  -1.717  1.00 24.69 ? 125  VAL A N   1 
ATOM   936  C CA  . VAL A 1 125 ? 2.907   23.101  -0.407  1.00 22.78 ? 125  VAL A CA  1 
ATOM   937  C C   . VAL A 1 125 ? 2.203   21.753  -0.244  1.00 22.98 ? 125  VAL A C   1 
ATOM   938  O O   . VAL A 1 125 ? 1.530   21.277  -1.169  1.00 22.54 ? 125  VAL A O   1 
ATOM   939  C CB  . VAL A 1 125 ? 1.834   24.216  -0.185  1.00 24.42 ? 125  VAL A CB  1 
ATOM   940  C CG1 . VAL A 1 125 ? 0.877   23.840  0.949   1.00 25.38 ? 125  VAL A CG1 1 
ATOM   941  C CG2 . VAL A 1 125 ? 2.525   25.573  0.059   1.00 24.89 ? 125  VAL A CG2 1 
ATOM   942  N N   . LEU A 1 126 ? 2.342   21.132  0.928   1.00 21.66 ? 126  LEU A N   1 
ATOM   943  C CA  . LEU A 1 126 ? 1.632   19.877  1.210   1.00 22.44 ? 126  LEU A CA  1 
ATOM   944  C C   . LEU A 1 126 ? 0.397   20.326  1.999   1.00 23.79 ? 126  LEU A C   1 
ATOM   945  O O   . LEU A 1 126 ? 0.517   20.737  3.164   1.00 23.63 ? 126  LEU A O   1 
ATOM   946  C CB  . LEU A 1 126 ? 2.465   18.944  2.084   1.00 22.24 ? 126  LEU A CB  1 
ATOM   947  C CG  . LEU A 1 126 ? 1.804   17.600  2.394   1.00 23.98 ? 126  LEU A CG  1 
ATOM   948  C CD1 . LEU A 1 126 ? 1.641   16.761  1.151   1.00 21.66 ? 126  LEU A CD1 1 
ATOM   949  C CD2 . LEU A 1 126 ? 2.617   16.879  3.362   1.00 23.46 ? 126  LEU A CD2 1 
ATOM   950  N N   . SER A 1 127 ? -0.786  20.252  1.393   1.00 25.13 ? 127  SER A N   1 
ATOM   951  C CA  . SER A 1 127 ? -1.983  20.725  2.098   1.00 26.82 ? 127  SER A CA  1 
ATOM   952  C C   . SER A 1 127 ? -2.160  20.084  3.461   1.00 28.07 ? 127  SER A C   1 
ATOM   953  O O   . SER A 1 127 ? -1.762  18.938  3.672   1.00 26.51 ? 127  SER A O   1 
ATOM   954  C CB  . SER A 1 127 ? -3.271  20.506  1.274   1.00 27.11 ? 127  SER A CB  1 
ATOM   955  O OG  . SER A 1 127 ? -3.655  19.116  1.220   1.00 25.90 ? 127  SER A OG  1 
ATOM   956  N N   . GLU A 1 128 ? -2.760  20.850  4.372   1.00 27.74 ? 128  GLU A N   1 
ATOM   957  C CA  . GLU A 1 128 ? -3.040  20.388  5.714   1.00 28.12 ? 128  GLU A CA  1 
ATOM   958  C C   . GLU A 1 128 ? -4.054  19.266  5.602   1.00 28.60 ? 128  GLU A C   1 
ATOM   959  O O   . GLU A 1 128 ? -4.085  18.373  6.445   1.00 26.23 ? 128  GLU A O   1 
ATOM   960  C CB  . GLU A 1 128 ? -3.629  21.523  6.555   1.00 29.92 ? 128  GLU A CB  1 
ATOM   961  C CG  . GLU A 1 128 ? -2.657  22.642  6.818   1.00 31.59 ? 128  GLU A CG  1 
ATOM   962  C CD  . GLU A 1 128 ? -1.510  22.188  7.736   1.00 31.67 ? 128  GLU A CD  1 
ATOM   963  O OE1 . GLU A 1 128 ? -1.781  22.019  8.952   1.00 31.23 ? 128  GLU A OE1 1 
ATOM   964  O OE2 . GLU A 1 128 ? -0.366  21.987  7.241   1.00 33.92 ? 128  GLU A OE2 1 
ATOM   965  N N   . THR A 1 129 ? -4.892  19.308  4.565   1.00 28.77 ? 129  THR A N   1 
ATOM   966  C CA  . THR A 1 129 ? -5.895  18.259  4.394   1.00 32.22 ? 129  THR A CA  1 
ATOM   967  C C   . THR A 1 129 ? -5.161  16.971  4.097   1.00 33.39 ? 129  THR A C   1 
ATOM   968  O O   . THR A 1 129 ? -5.582  15.907  4.560   1.00 35.71 ? 129  THR A O   1 
ATOM   969  C CB  . THR A 1 129 ? -6.870  18.551  3.224   1.00 33.49 ? 129  THR A CB  1 
ATOM   970  O OG1 . THR A 1 129 ? -7.712  19.656  3.571   1.00 36.37 ? 129  THR A OG1 1 
ATOM   971  C CG2 . THR A 1 129 ? -7.763  17.320  2.935   1.00 33.04 ? 129  THR A CG2 1 
ATOM   972  N N   . VAL A 1 130 ? -4.073  17.064  3.323   1.00 32.32 ? 130  VAL A N   1 
ATOM   973  C CA  . VAL A 1 130 ? -3.309  15.861  3.034   1.00 32.04 ? 130  VAL A CA  1 
ATOM   974  C C   . VAL A 1 130 ? -2.367  15.528  4.192   1.00 35.91 ? 130  VAL A C   1 
ATOM   975  O O   . VAL A 1 130 ? -2.363  14.387  4.623   1.00 36.11 ? 130  VAL A O   1 
ATOM   976  C CB  . VAL A 1 130 ? -2.515  15.925  1.708   1.00 31.04 ? 130  VAL A CB  1 
ATOM   977  C CG1 . VAL A 1 130 ? -1.559  14.743  1.635   1.00 28.30 ? 130  VAL A CG1 1 
ATOM   978  C CG2 . VAL A 1 130 ? -3.461  15.808  0.519   1.00 26.01 ? 130  VAL A CG2 1 
ATOM   979  N N   . ARG A 1 131 ? -1.588  16.489  4.705   1.00 38.63 ? 131  ARG A N   1 
ATOM   980  C CA  . ARG A 1 131 ? -0.687  16.225  5.848   1.00 43.33 ? 131  ARG A CA  1 
ATOM   981  C C   . ARG A 1 131 ? -1.487  15.653  7.018   1.00 46.46 ? 131  ARG A C   1 
ATOM   982  O O   . ARG A 1 131 ? -0.923  15.019  7.900   1.00 46.90 ? 131  ARG A O   1 
ATOM   983  C CB  . ARG A 1 131 ? 0.033   17.500  6.330   1.00 42.91 ? 131  ARG A CB  1 
ATOM   984  C CG  . ARG A 1 131 ? 0.912   17.274  7.579   1.00 46.63 ? 131  ARG A CG  1 
ATOM   985  C CD  . ARG A 1 131 ? 1.835   18.442  7.989   1.00 47.23 ? 131  ARG A CD  1 
ATOM   986  N NE  . ARG A 1 131 ? 3.090   18.523  7.225   1.00 49.96 ? 131  ARG A NE  1 
ATOM   987  C CZ  . ARG A 1 131 ? 3.230   19.149  6.050   1.00 49.12 ? 131  ARG A CZ  1 
ATOM   988  N NH1 . ARG A 1 131 ? 2.194   19.763  5.470   1.00 50.58 ? 131  ARG A NH1 1 
ATOM   989  N NH2 . ARG A 1 131 ? 4.418   19.185  5.454   1.00 47.45 ? 131  ARG A NH2 1 
ATOM   990  N N   . ASP A 1 132 ? -2.805  15.883  7.015   1.00 49.67 ? 132  ASP A N   1 
ATOM   991  C CA  . ASP A 1 132 ? -3.726  15.398  8.062   1.00 54.13 ? 132  ASP A CA  1 
ATOM   992  C C   . ASP A 1 132 ? -4.412  14.128  7.621   1.00 55.50 ? 132  ASP A C   1 
ATOM   993  O O   . ASP A 1 132 ? -5.374  13.702  8.233   1.00 56.32 ? 132  ASP A O   1 
ATOM   994  C CB  . ASP A 1 132 ? -4.830  16.426  8.368   1.00 55.94 ? 132  ASP A CB  1 
ATOM   995  C CG  . ASP A 1 132 ? -4.367  17.559  9.312   1.00 57.79 ? 132  ASP A CG  1 
ATOM   996  O OD1 . ASP A 1 132 ? -3.139  17.784  9.469   1.00 58.28 ? 132  ASP A OD1 1 
ATOM   997  O OD2 . ASP A 1 132 ? -5.253  18.237  9.889   1.00 59.74 ? 132  ASP A OD2 1 
ATOM   998  N N   . GLN A 1 133 ? -3.940  13.546  6.531   1.00 56.43 ? 133  GLN A N   1 
ATOM   999  C CA  . GLN A 1 133 ? -4.506  12.312  6.010   1.00 56.29 ? 133  GLN A CA  1 
ATOM   1000 C C   . GLN A 1 133 ? -3.312  11.435  5.638   1.00 56.07 ? 133  GLN A C   1 
ATOM   1001 O O   . GLN A 1 133 ? -3.495  10.330  5.129   1.00 56.42 ? 133  GLN A O   1 
ATOM   1002 C CB  . GLN A 1 133 ? -5.374  12.596  4.776   1.00 56.31 ? 133  GLN A CB  1 
ATOM   1003 N N   . ALA A 1 134 ? -2.100  11.955  5.905   1.00 56.10 ? 134  ALA A N   1 
ATOM   1004 C CA  . ALA A 1 134 ? -0.800  11.285  5.640   1.00 55.29 ? 134  ALA A CA  1 
ATOM   1005 C C   . ALA A 1 134 ? -0.699  10.011  6.492   1.00 56.10 ? 134  ALA A C   1 
ATOM   1006 O O   . ALA A 1 134 ? 0.240   9.177   6.331   1.00 53.79 ? 134  ALA A O   1 
ATOM   1007 C CB  . ALA A 1 134 ? 0.408   12.247  5.968   1.00 54.52 ? 134  ALA A CB  1 
ATOM   1008 N N   . LYS A 1 135 ? -1.698  9.904   7.388   1.00 56.85 ? 135  LYS A N   1 
ATOM   1009 C CA  . LYS A 1 135 ? -1.908  8.806   8.345   1.00 57.94 ? 135  LYS A CA  1 
ATOM   1010 C C   . LYS A 1 135 ? -2.555  7.608   7.608   1.00 58.34 ? 135  LYS A C   1 
ATOM   1011 O O   . LYS A 1 135 ? -1.866  6.625   7.267   1.00 58.30 ? 135  LYS A O   1 
ATOM   1012 C CB  . LYS A 1 135 ? -2.824  9.296   9.486   1.00 58.46 ? 135  LYS A CB  1 
ATOM   1013 N N   . PHE A 1 136 ? -3.870  7.702   7.376   1.00 57.46 ? 136  PHE A N   1 
ATOM   1014 C CA  . PHE A 1 136 ? -4.621  6.673   6.659   1.00 56.17 ? 136  PHE A CA  1 
ATOM   1015 C C   . PHE A 1 136 ? -3.767  6.265   5.462   1.00 55.72 ? 136  PHE A C   1 
ATOM   1016 O O   . PHE A 1 136 ? -3.574  5.081   5.178   1.00 55.49 ? 136  PHE A O   1 
ATOM   1017 C CB  . PHE A 1 136 ? -5.957  7.243   6.181   1.00 54.77 ? 136  PHE A CB  1 
ATOM   1018 N N   . LYS A 1 137 ? -3.248  7.273   4.770   1.00 55.18 ? 137  LYS A N   1 
ATOM   1019 C CA  . LYS A 1 137 ? -2.407  7.053   3.613   1.00 55.60 ? 137  LYS A CA  1 
ATOM   1020 C C   . LYS A 1 137 ? -1.070  6.380   4.014   1.00 54.67 ? 137  LYS A C   1 
ATOM   1021 O O   . LYS A 1 137 ? -0.643  5.399   3.359   1.00 55.21 ? 137  LYS A O   1 
ATOM   1022 C CB  . LYS A 1 137 ? -2.203  8.392   2.880   1.00 56.43 ? 137  LYS A CB  1 
ATOM   1023 C CG  . LYS A 1 137 ? -3.521  8.985   2.373   1.00 56.99 ? 137  LYS A CG  1 
ATOM   1024 C CD  . LYS A 1 137 ? -3.336  10.412  1.891   1.00 57.35 ? 137  LYS A CD  1 
ATOM   1025 C CE  . LYS A 1 137 ? -4.676  11.119  1.642   1.00 57.25 ? 137  LYS A CE  1 
ATOM   1026 N NZ  . LYS A 1 137 ? -4.501  12.499  1.091   1.00 56.33 ? 137  LYS A NZ  1 
ATOM   1027 N N   . GLY A 1 138 ? -0.421  6.859   5.083   1.00 52.40 ? 138  GLY A N   1 
ATOM   1028 C CA  . GLY A 1 138 ? 0.837   6.233   5.502   1.00 49.93 ? 138  GLY A CA  1 
ATOM   1029 C C   . GLY A 1 138 ? 0.827   4.698   5.714   1.00 47.25 ? 138  GLY A C   1 
ATOM   1030 O O   . GLY A 1 138 ? 1.347   3.940   4.881   1.00 47.67 ? 138  GLY A O   1 
ATOM   1031 N N   . LEU A 1 139 ? 0.208   4.255   6.821   1.00 43.48 ? 139  LEU A N   1 
ATOM   1032 C CA  . LEU A 1 139 ? 0.120   2.850   7.238   1.00 38.34 ? 139  LEU A CA  1 
ATOM   1033 C C   . LEU A 1 139 ? -1.223  2.148   7.047   1.00 36.06 ? 139  LEU A C   1 
ATOM   1034 O O   . LEU A 1 139 ? -1.361  0.991   7.425   1.00 34.69 ? 139  LEU A O   1 
ATOM   1035 C CB  . LEU A 1 139 ? 0.433   2.755   8.730   1.00 37.59 ? 139  LEU A CB  1 
ATOM   1036 C CG  . LEU A 1 139 ? 1.786   3.203   9.258   1.00 37.82 ? 139  LEU A CG  1 
ATOM   1037 C CD1 . LEU A 1 139 ? 1.690   3.575   10.709  1.00 39.55 ? 139  LEU A CD1 1 
ATOM   1038 C CD2 . LEU A 1 139 ? 2.764   2.067   9.085   1.00 38.32 ? 139  LEU A CD2 1 
ATOM   1039 N N   . GLY A 1 140 ? -2.225  2.828   6.513   1.00 33.57 ? 140  GLY A N   1 
ATOM   1040 C CA  . GLY A 1 140 ? -3.524  2.180   6.353   1.00 32.45 ? 140  GLY A CA  1 
ATOM   1041 C C   . GLY A 1 140 ? -3.559  0.809   5.673   1.00 30.92 ? 140  GLY A C   1 
ATOM   1042 O O   . GLY A 1 140 ? -4.077  -0.172  6.208   1.00 30.39 ? 140  GLY A O   1 
ATOM   1043 N N   . LEU A 1 141 ? -3.008  0.741   4.469   1.00 30.22 ? 141  LEU A N   1 
ATOM   1044 C CA  . LEU A 1 141 ? -2.996  -0.489  3.731   1.00 29.01 ? 141  LEU A CA  1 
ATOM   1045 C C   . LEU A 1 141 ? -2.292  -1.538  4.579   1.00 28.69 ? 141  LEU A C   1 
ATOM   1046 O O   . LEU A 1 141 ? -2.881  -2.565  4.911   1.00 28.91 ? 141  LEU A O   1 
ATOM   1047 C CB  . LEU A 1 141 ? -2.296  -0.285  2.387   1.00 28.73 ? 141  LEU A CB  1 
ATOM   1048 C CG  . LEU A 1 141 ? -2.388  -1.514  1.482   1.00 29.04 ? 141  LEU A CG  1 
ATOM   1049 C CD1 . LEU A 1 141 ? -3.810  -2.100  1.489   1.00 26.57 ? 141  LEU A CD1 1 
ATOM   1050 C CD2 . LEU A 1 141 ? -1.937  -1.106  0.088   1.00 26.04 ? 141  LEU A CD2 1 
ATOM   1051 N N   . PHE A 1 142 ? -1.054  -1.251  4.969   1.00 26.97 ? 142  PHE A N   1 
ATOM   1052 C CA  . PHE A 1 142 ? -0.252  -2.152  5.789   1.00 26.61 ? 142  PHE A CA  1 
ATOM   1053 C C   . PHE A 1 142 ? -0.978  -2.706  7.001   1.00 25.16 ? 142  PHE A C   1 
ATOM   1054 O O   . PHE A 1 142 ? -0.910  -3.883  7.274   1.00 23.10 ? 142  PHE A O   1 
ATOM   1055 C CB  . PHE A 1 142 ? 0.994   -1.446  6.314   1.00 25.44 ? 142  PHE A CB  1 
ATOM   1056 C CG  . PHE A 1 142 ? 1.844   -2.317  7.222   1.00 24.70 ? 142  PHE A CG  1 
ATOM   1057 C CD1 . PHE A 1 142 ? 2.889   -3.078  6.691   1.00 23.13 ? 142  PHE A CD1 1 
ATOM   1058 C CD2 . PHE A 1 142 ? 1.599   -2.397  8.591   1.00 23.92 ? 142  PHE A CD2 1 
ATOM   1059 C CE1 . PHE A 1 142 ? 3.678   -3.909  7.504   1.00 22.65 ? 142  PHE A CE1 1 
ATOM   1060 C CE2 . PHE A 1 142 ? 2.380   -3.220  9.398   1.00 22.95 ? 142  PHE A CE2 1 
ATOM   1061 C CZ  . PHE A 1 142 ? 3.425   -3.974  8.842   1.00 20.92 ? 142  PHE A CZ  1 
ATOM   1062 N N   . LYS A 1 143 ? -1.653  -1.848  7.745   1.00 25.42 ? 143  LYS A N   1 
ATOM   1063 C CA  . LYS A 1 143 ? -2.295  -2.309  8.954   1.00 25.86 ? 143  LYS A CA  1 
ATOM   1064 C C   . LYS A 1 143 ? -3.442  -3.273  8.682   1.00 26.20 ? 143  LYS A C   1 
ATOM   1065 O O   . LYS A 1 143 ? -3.675  -4.250  9.434   1.00 25.89 ? 143  LYS A O   1 
ATOM   1066 C CB  . LYS A 1 143 ? -2.757  -1.089  9.770   1.00 32.79 ? 143  LYS A CB  1 
ATOM   1067 C CG  . LYS A 1 143 ? -1.617  -0.321  10.525  1.00 36.92 ? 143  LYS A CG  1 
ATOM   1068 C CD  . LYS A 1 143 ? -2.186  0.791   11.468  1.00 42.72 ? 143  LYS A CD  1 
ATOM   1069 C CE  . LYS A 1 143 ? -1.087  1.578   12.239  1.00 47.70 ? 143  LYS A CE  1 
ATOM   1070 N NZ  . LYS A 1 143 ? -1.574  2.776   13.028  1.00 47.43 ? 143  LYS A NZ  1 
ATOM   1071 N N   . ALA A 1 144 ? -4.150  -3.009  7.585   1.00 23.38 ? 144  ALA A N   1 
ATOM   1072 C CA  . ALA A 1 144 ? -5.301  -3.801  7.197   1.00 23.34 ? 144  ALA A CA  1 
ATOM   1073 C C   . ALA A 1 144 ? -4.852  -5.214  6.898   1.00 22.03 ? 144  ALA A C   1 
ATOM   1074 O O   . ALA A 1 144 ? -5.394  -6.195  7.412   1.00 23.02 ? 144  ALA A O   1 
ATOM   1075 C CB  . ALA A 1 144 ? -5.936  -3.186  5.952   1.00 24.26 ? 144  ALA A CB  1 
ATOM   1076 N N   . ILE A 1 145 ? -3.861  -5.295  6.030   1.00 20.58 ? 145  ILE A N   1 
ATOM   1077 C CA  . ILE A 1 145 ? -3.315  -6.556  5.616   1.00 18.51 ? 145  ILE A CA  1 
ATOM   1078 C C   . ILE A 1 145 ? -2.699  -7.322  6.792   1.00 18.40 ? 145  ILE A C   1 
ATOM   1079 O O   . ILE A 1 145 ? -3.010  -8.494  6.993   1.00 18.50 ? 145  ILE A O   1 
ATOM   1080 C CB  . ILE A 1 145 ? -2.341  -6.283  4.495   1.00 17.10 ? 145  ILE A CB  1 
ATOM   1081 C CG1 . ILE A 1 145 ? -3.145  -5.846  3.290   1.00 13.39 ? 145  ILE A CG1 1 
ATOM   1082 C CG2 . ILE A 1 145 ? -1.521  -7.484  4.165   1.00 13.95 ? 145  ILE A CG2 1 
ATOM   1083 C CD1 . ILE A 1 145 ? -2.334  -5.402  2.112   1.00 16.43 ? 145  ILE A CD1 1 
ATOM   1084 N N   . GLU A 1 146 ? -1.870  -6.657  7.596   1.00 20.90 ? 146  GLU A N   1 
ATOM   1085 C CA  . GLU A 1 146 ? -1.212  -7.272  8.764   1.00 23.51 ? 146  GLU A CA  1 
ATOM   1086 C C   . GLU A 1 146 ? -2.259  -7.832  9.756   1.00 25.65 ? 146  GLU A C   1 
ATOM   1087 O O   . GLU A 1 146 ? -2.134  -8.978  10.249  1.00 24.21 ? 146  GLU A O   1 
ATOM   1088 C CB  . GLU A 1 146 ? -0.312  -6.237  9.444   1.00 24.77 ? 146  GLU A CB  1 
ATOM   1089 C CG  . GLU A 1 146 ? 0.712   -6.820  10.408  1.00 26.47 ? 146  GLU A CG  1 
ATOM   1090 C CD  . GLU A 1 146 ? 0.236   -6.868  11.845  1.00 26.11 ? 146  GLU A CD  1 
ATOM   1091 O OE1 . GLU A 1 146 ? -0.821  -6.283  12.134  1.00 25.03 ? 146  GLU A OE1 1 
ATOM   1092 O OE2 . GLU A 1 146 ? 0.915   -7.471  12.701  1.00 26.60 ? 146  GLU A OE2 1 
ATOM   1093 N N   . GLY A 1 147 ? -3.298  -7.018  10.023  1.00 25.28 ? 147  GLY A N   1 
ATOM   1094 C CA  . GLY A 1 147 ? -4.371  -7.443  10.903  1.00 26.68 ? 147  GLY A CA  1 
ATOM   1095 C C   . GLY A 1 147 ? -4.991  -8.727  10.362  1.00 27.82 ? 147  GLY A C   1 
ATOM   1096 O O   . GLY A 1 147 ? -5.212  -9.682  11.108  1.00 25.34 ? 147  GLY A O   1 
ATOM   1097 N N   . TYR A 1 148 ? -5.286  -8.765  9.059   1.00 26.87 ? 148  TYR A N   1 
ATOM   1098 C CA  . TYR A 1 148 ? -5.882  -9.954  8.437   1.00 26.03 ? 148  TYR A CA  1 
ATOM   1099 C C   . TYR A 1 148 ? -5.014  -11.200 8.631   1.00 25.62 ? 148  TYR A C   1 
ATOM   1100 O O   . TYR A 1 148 ? -5.507  -12.246 9.095   1.00 25.35 ? 148  TYR A O   1 
ATOM   1101 C CB  . TYR A 1 148 ? -6.069  -9.760  6.933   1.00 28.51 ? 148  TYR A CB  1 
ATOM   1102 C CG  . TYR A 1 148 ? -6.764  -10.945 6.283   1.00 28.54 ? 148  TYR A CG  1 
ATOM   1103 C CD1 . TYR A 1 148 ? -8.131  -11.131 6.441   1.00 30.98 ? 148  TYR A CD1 1 
ATOM   1104 C CD2 . TYR A 1 148 ? -6.059  -11.877 5.506   1.00 27.26 ? 148  TYR A CD2 1 
ATOM   1105 C CE1 . TYR A 1 148 ? -8.785  -12.194 5.842   1.00 30.07 ? 148  TYR A CE1 1 
ATOM   1106 C CE2 . TYR A 1 148 ? -6.709  -12.963 4.904   1.00 28.98 ? 148  TYR A CE2 1 
ATOM   1107 C CZ  . TYR A 1 148 ? -8.075  -13.101 5.082   1.00 29.82 ? 148  TYR A CZ  1 
ATOM   1108 O OH  . TYR A 1 148 ? -8.761  -14.140 4.530   1.00 32.36 ? 148  TYR A OH  1 
ATOM   1109 N N   . VAL A 1 149 ? -3.738  -11.087 8.235   1.00 23.80 ? 149  VAL A N   1 
ATOM   1110 C CA  . VAL A 1 149 ? -2.756  -12.177 8.343   1.00 24.27 ? 149  VAL A CA  1 
ATOM   1111 C C   . VAL A 1 149 ? -2.600  -12.575 9.808   1.00 27.18 ? 149  VAL A C   1 
ATOM   1112 O O   . VAL A 1 149 ? -2.447  -13.745 10.132  1.00 27.12 ? 149  VAL A O   1 
ATOM   1113 C CB  . VAL A 1 149 ? -1.370  -11.744 7.829   1.00 26.00 ? 149  VAL A CB  1 
ATOM   1114 C CG1 . VAL A 1 149 ? -0.362  -12.854 8.057   1.00 26.01 ? 149  VAL A CG1 1 
ATOM   1115 C CG2 . VAL A 1 149 ? -1.434  -11.442 6.376   1.00 24.54 ? 149  VAL A CG2 1 
ATOM   1116 N N   . LEU A 1 150 ? -2.630  -11.576 10.675  1.00 28.21 ? 150  LEU A N   1 
ATOM   1117 C CA  . LEU A 1 150 ? -2.519  -11.815 12.093  1.00 30.53 ? 150  LEU A CA  1 
ATOM   1118 C C   . LEU A 1 150 ? -3.649  -12.714 12.530  1.00 31.69 ? 150  LEU A C   1 
ATOM   1119 O O   . LEU A 1 150 ? -3.426  -13.727 13.185  1.00 34.15 ? 150  LEU A O   1 
ATOM   1120 C CB  . LEU A 1 150 ? -2.611  -10.508 12.868  1.00 27.77 ? 150  LEU A CB  1 
ATOM   1121 C CG  . LEU A 1 150 ? -2.602  -10.697 14.372  1.00 28.57 ? 150  LEU A CG  1 
ATOM   1122 C CD1 . LEU A 1 150 ? -1.324  -11.400 14.836  1.00 26.92 ? 150  LEU A CD1 1 
ATOM   1123 C CD2 . LEU A 1 150 ? -2.746  -9.328  14.981  1.00 30.08 ? 150  LEU A CD2 1 
ATOM   1124 N N   . ALA A 1 151 ? -4.869  -12.347 12.163  1.00 34.20 ? 151  ALA A N   1 
ATOM   1125 C CA  . ALA A 1 151 ? -6.044  -13.122 12.536  1.00 33.27 ? 151  ALA A CA  1 
ATOM   1126 C C   . ALA A 1 151 ? -6.330  -14.338 11.662  1.00 33.67 ? 151  ALA A C   1 
ATOM   1127 O O   . ALA A 1 151 ? -7.130  -15.182 12.040  1.00 32.40 ? 151  ALA A O   1 
ATOM   1128 C CB  . ALA A 1 151 ? -7.246  -12.219 12.552  1.00 35.05 ? 151  ALA A CB  1 
ATOM   1129 N N   . HIS A 1 152 ? -5.697  -14.433 10.491  1.00 32.70 ? 152  HIS A N   1 
ATOM   1130 C CA  . HIS A 1 152 ? -5.909  -15.571 9.587   1.00 31.76 ? 152  HIS A CA  1 
ATOM   1131 C C   . HIS A 1 152 ? -4.613  -16.046 8.998   1.00 30.90 ? 152  HIS A C   1 
ATOM   1132 O O   . HIS A 1 152 ? -4.417  -15.979 7.798   1.00 28.25 ? 152  HIS A O   1 
ATOM   1133 C CB  . HIS A 1 152 ? -6.842  -15.200 8.447   1.00 33.42 ? 152  HIS A CB  1 
ATOM   1134 C CG  . HIS A 1 152 ? -8.167  -14.700 8.910   1.00 37.58 ? 152  HIS A CG  1 
ATOM   1135 N ND1 . HIS A 1 152 ? -8.358  -13.411 9.356   1.00 40.36 ? 152  HIS A ND1 1 
ATOM   1136 C CD2 . HIS A 1 152 ? -9.348  -15.343 9.087   1.00 38.54 ? 152  HIS A CD2 1 
ATOM   1137 C CE1 . HIS A 1 152 ? -9.601  -13.279 9.796   1.00 41.19 ? 152  HIS A CE1 1 
ATOM   1138 N NE2 . HIS A 1 152 ? -10.221 -14.436 9.644   1.00 42.77 ? 152  HIS A NE2 1 
ATOM   1139 N N   . PRO A 1 153 ? -3.703  -16.526 9.847   1.00 31.81 ? 153  PRO A N   1 
ATOM   1140 C CA  . PRO A 1 153 ? -2.403  -17.021 9.404   1.00 32.38 ? 153  PRO A CA  1 
ATOM   1141 C C   . PRO A 1 153 ? -2.532  -18.111 8.373   1.00 33.39 ? 153  PRO A C   1 
ATOM   1142 O O   . PRO A 1 153 ? -1.727  -18.192 7.449   1.00 32.85 ? 153  PRO A O   1 
ATOM   1143 C CB  . PRO A 1 153 ? -1.754  -17.517 10.696  1.00 34.43 ? 153  PRO A CB  1 
ATOM   1144 C CG  . PRO A 1 153 ? -2.920  -17.904 11.531  1.00 32.09 ? 153  PRO A CG  1 
ATOM   1145 C CD  . PRO A 1 153 ? -3.893  -16.772 11.286  1.00 32.27 ? 153  PRO A CD  1 
ATOM   1146 N N   . ASP A 1 154 ? -3.549  -18.946 8.479   1.00 35.14 ? 154  ASP A N   1 
ATOM   1147 C CA  . ASP A 1 154 ? -3.649  -20.007 7.491   1.00 38.23 ? 154  ASP A CA  1 
ATOM   1148 C C   . ASP A 1 154 ? -4.417  -19.658 6.197   1.00 38.01 ? 154  ASP A C   1 
ATOM   1149 O O   . ASP A 1 154 ? -4.666  -20.527 5.331   1.00 39.89 ? 154  ASP A O   1 
ATOM   1150 C CB  . ASP A 1 154 ? -4.249  -21.249 8.110   1.00 38.61 ? 154  ASP A CB  1 
ATOM   1151 C CG  . ASP A 1 154 ? -4.263  -22.398 7.133   1.00 39.00 ? 154  ASP A CG  1 
ATOM   1152 O OD1 . ASP A 1 154 ? -3.163  -22.913 6.794   1.00 40.99 ? 154  ASP A OD1 1 
ATOM   1153 O OD2 . ASP A 1 154 ? -5.372  -22.760 6.684   1.00 37.22 ? 154  ASP A OD2 1 
ATOM   1154 N N   . TYR A 1 155 ? -4.757  -18.378 6.059   1.00 37.64 ? 155  TYR A N   1 
ATOM   1155 C CA  . TYR A 1 155 ? -5.481  -17.903 4.883   1.00 37.21 ? 155  TYR A CA  1 
ATOM   1156 C C   . TYR A 1 155 ? -4.824  -18.525 3.634   1.00 38.44 ? 155  TYR A C   1 
ATOM   1157 O O   . TYR A 1 155 ? -3.548  -18.737 3.600   1.00 38.44 ? 155  TYR A O   1 
ATOM   1158 C CB  . TYR A 1 155 ? -5.433  -16.353 4.796   1.00 33.36 ? 155  TYR A CB  1 
ATOM   1159 C CG  . TYR A 1 155 ? -4.130  -15.791 4.186   1.00 29.51 ? 155  TYR A CG  1 
ATOM   1160 C CD1 . TYR A 1 155 ? -3.943  -15.730 2.787   1.00 28.37 ? 155  TYR A CD1 1 
ATOM   1161 C CD2 . TYR A 1 155 ? -3.087  -15.321 5.006   1.00 29.49 ? 155  TYR A CD2 1 
ATOM   1162 C CE1 . TYR A 1 155 ? -2.757  -15.214 2.230   1.00 25.15 ? 155  TYR A CE1 1 
ATOM   1163 C CE2 . TYR A 1 155 ? -1.901  -14.802 4.455   1.00 26.85 ? 155  TYR A CE2 1 
ATOM   1164 C CZ  . TYR A 1 155 ? -1.747  -14.749 3.065   1.00 26.77 ? 155  TYR A CZ  1 
ATOM   1165 O OH  . TYR A 1 155 ? -0.607  -14.219 2.499   1.00 19.41 ? 155  TYR A OH  1 
ATOM   1166 O OXT . TYR A 1 155 ? -5.630  -18.785 2.686   1.00 26.78 ? 155  TYR A OXT 1 
HETATM 1167 O O   . HOH B 2 .   ? -1.421  2.706   0.219   1.00 25.14 ? 1001 HOH A O   1 
HETATM 1168 O O   . HOH B 2 .   ? -1.938  2.990   3.242   1.00 29.54 ? 1002 HOH A O   1 
HETATM 1169 O O   . HOH B 2 .   ? 1.298   0.233   2.200   1.00 27.63 ? 1003 HOH A O   1 
HETATM 1170 O O   . HOH B 2 .   ? 7.665   3.797   -4.967  1.00 17.63 ? 1004 HOH A O   1 
HETATM 1171 O O   . HOH B 2 .   ? 3.636   -1.025  2.719   1.00 28.14 ? 1005 HOH A O   1 
HETATM 1172 O O   . HOH B 2 .   ? 9.941   -14.363 -1.932  1.00 40.47 ? 1006 HOH A O   1 
HETATM 1173 O O   . HOH B 2 .   ? -0.080  -4.254  -0.514  1.00 30.52 ? 1007 HOH A O   1 
HETATM 1174 O O   . HOH B 2 .   ? 1.036   -2.518  1.266   1.00 30.31 ? 1008 HOH A O   1 
HETATM 1175 O O   . HOH B 2 .   ? -7.056  -10.746 -7.646  1.00 14.08 ? 1009 HOH A O   1 
HETATM 1176 O O   . HOH B 2 .   ? -8.815  -9.066  -6.489  1.00 20.04 ? 1010 HOH A O   1 
HETATM 1177 O O   . HOH B 2 .   ? -5.282  -9.440  -9.379  1.00 22.23 ? 1011 HOH A O   1 
HETATM 1178 O O   . HOH B 2 .   ? -12.867 -10.085 -6.034  1.00 22.01 ? 1012 HOH A O   1 
HETATM 1179 O O   . HOH B 2 .   ? 7.440   14.614  -8.047  1.00 29.54 ? 1013 HOH A O   1 
HETATM 1180 O O   . HOH B 2 .   ? 13.322  4.049   1.265   1.00 40.14 ? 1014 HOH A O   1 
HETATM 1181 O O   . HOH B 2 .   ? 11.333  1.768   3.752   1.00 32.46 ? 1015 HOH A O   1 
HETATM 1182 O O   . HOH B 2 .   ? 11.634  -0.273  -0.286  1.00 20.63 ? 1016 HOH A O   1 
HETATM 1183 O O   . HOH B 2 .   ? -15.263 -6.512  -0.855  1.00 21.83 ? 1017 HOH A O   1 
HETATM 1184 O O   . HOH B 2 .   ? -5.451  19.590  -1.193  1.00 21.01 ? 1018 HOH A O   1 
HETATM 1185 O O   . HOH B 2 .   ? -10.406 -11.575 -2.682  1.00 25.98 ? 1019 HOH A O   1 
HETATM 1186 O O   . HOH B 2 .   ? -12.723 -12.100 -1.894  1.00 33.77 ? 1020 HOH A O   1 
HETATM 1187 O O   . HOH B 2 .   ? 14.755  -1.044  12.636  1.00 32.79 ? 1021 HOH A O   1 
HETATM 1188 O O   . HOH B 2 .   ? 3.918   -15.357 11.461  1.00 14.19 ? 1022 HOH A O   1 
HETATM 1189 O O   . HOH B 2 .   ? 1.685   -13.439 14.481  1.00 17.00 ? 1023 HOH A O   1 
HETATM 1190 O O   . HOH B 2 .   ? 1.258   -14.752 4.115   1.00 21.73 ? 1024 HOH A O   1 
HETATM 1191 O O   . HOH B 2 .   ? 6.740   -11.849 -5.361  1.00 23.32 ? 1025 HOH A O   1 
HETATM 1192 O O   . HOH B 2 .   ? 6.279   -11.561 -2.979  1.00 27.26 ? 1026 HOH A O   1 
HETATM 1193 O O   . HOH B 2 .   ? 2.850   -12.463 -8.105  1.00 33.35 ? 1027 HOH A O   1 
HETATM 1194 O O   . HOH B 2 .   ? 7.728   -13.962 1.399   1.00 25.72 ? 1028 HOH A O   1 
HETATM 1195 O O   . HOH B 2 .   ? -7.137  -5.988  9.076   1.00 23.60 ? 1029 HOH A O   1 
HETATM 1196 O O   . HOH B 2 .   ? 1.083   21.455  -3.610  1.00 32.87 ? 1030 HOH A O   1 
HETATM 1197 O O   . HOH B 2 .   ? 8.738   -0.470  15.192  1.00 29.40 ? 1031 HOH A O   1 
HETATM 1198 O O   . HOH B 2 .   ? 12.232  3.632   5.581   1.00 46.59 ? 1032 HOH A O   1 
HETATM 1199 O O   . HOH B 2 .   ? -3.110  -12.193 -4.962  1.00 24.73 ? 1033 HOH A O   1 
HETATM 1200 O O   . HOH B 2 .   ? -1.414  -9.704  -4.980  1.00 29.12 ? 1034 HOH A O   1 
HETATM 1201 O O   . HOH B 2 .   ? -3.748  -7.566  -17.778 1.00 18.35 ? 1035 HOH A O   1 
HETATM 1202 O O   . HOH B 2 .   ? -1.259  -8.461  -18.048 1.00 20.20 ? 1036 HOH A O   1 
HETATM 1203 O O   . HOH B 2 .   ? 20.971  -7.696  -1.079  1.00 25.81 ? 1037 HOH A O   1 
HETATM 1204 O O   . HOH B 2 .   ? 12.262  -1.371  -10.328 1.00 23.91 ? 1038 HOH A O   1 
HETATM 1205 O O   . HOH B 2 .   ? 14.177  -3.389  -6.294  1.00 27.89 ? 1039 HOH A O   1 
HETATM 1206 O O   . HOH B 2 .   ? 12.006  -12.191 12.956  1.00 25.07 ? 1040 HOH A O   1 
HETATM 1207 O O   . HOH B 2 .   ? 1.137   -8.391  15.150  1.00 28.23 ? 1041 HOH A O   1 
HETATM 1208 O O   . HOH B 2 .   ? 4.360   -6.340  17.286  1.00 39.26 ? 1042 HOH A O   1 
HETATM 1209 O O   . HOH B 2 .   ? 10.434  -15.078 7.433   1.00 25.07 ? 1043 HOH A O   1 
HETATM 1210 O O   . HOH B 2 .   ? 12.552  -9.404  -8.299  1.00 28.82 ? 1044 HOH A O   1 
HETATM 1211 O O   . HOH B 2 .   ? 10.438  -12.491 -8.487  1.00 35.51 ? 1045 HOH A O   1 
HETATM 1212 O O   . HOH B 2 .   ? -3.359  -5.110  -4.203  1.00 31.79 ? 1046 HOH A O   1 
HETATM 1213 O O   . HOH B 2 .   ? 10.707  11.750  6.352   1.00 27.86 ? 1047 HOH A O   1 
HETATM 1214 O O   . HOH B 2 .   ? 4.565   -10.569 -5.719  1.00 32.67 ? 1048 HOH A O   1 
HETATM 1215 O O   . HOH B 2 .   ? 1.844   -5.088  -8.179  1.00 31.92 ? 1049 HOH A O   1 
HETATM 1216 O O   . HOH B 2 .   ? 15.548  -3.737  -2.104  1.00 26.19 ? 1050 HOH A O   1 
HETATM 1217 O O   . HOH B 2 .   ? 11.983  -3.268  -3.882  1.00 22.35 ? 1051 HOH A O   1 
HETATM 1218 O O   . HOH B 2 .   ? 6.237   6.072   -12.502 1.00 23.19 ? 1052 HOH A O   1 
HETATM 1219 O O   . HOH B 2 .   ? 5.113   5.217   -10.266 1.00 26.63 ? 1053 HOH A O   1 
HETATM 1220 O O   . HOH B 2 .   ? 6.734   -15.467 13.796  1.00 24.38 ? 1054 HOH A O   1 
HETATM 1221 O O   . HOH B 2 .   ? 10.135  -15.628 12.472  1.00 30.85 ? 1055 HOH A O   1 
HETATM 1222 O O   . HOH B 2 .   ? 7.625   21.885  -5.662  1.00 32.95 ? 1056 HOH A O   1 
HETATM 1223 O O   . HOH B 2 .   ? -2.699  -4.490  12.250  1.00 33.34 ? 1057 HOH A O   1 
HETATM 1224 O O   . HOH B 2 .   ? -6.374  -8.851  13.618  1.00 37.57 ? 1058 HOH A O   1 
HETATM 1225 O O   . HOH B 2 .   ? 12.676  11.151  7.953   1.00 34.99 ? 1059 HOH A O   1 
HETATM 1226 O O   . HOH B 2 .   ? 12.215  9.773   3.774   1.00 39.03 ? 1060 HOH A O   1 
HETATM 1227 O O   . HOH B 2 .   ? -22.441 8.336   -9.165  1.00 37.17 ? 1061 HOH A O   1 
HETATM 1228 O O   . HOH B 2 .   ? 0.110   -18.201 2.596   1.00 39.21 ? 1062 HOH A O   1 
HETATM 1229 O O   . HOH B 2 .   ? 5.043   -19.170 0.620   1.00 34.99 ? 1063 HOH A O   1 
HETATM 1230 O O   . HOH B 2 .   ? 0.503   -12.209 -6.976  1.00 29.68 ? 1064 HOH A O   1 
HETATM 1231 O O   . HOH B 2 .   ? -2.036  -10.964 -8.725  1.00 44.35 ? 1065 HOH A O   1 
HETATM 1232 O O   . HOH B 2 .   ? -10.661 -2.792  6.931   1.00 28.75 ? 1066 HOH A O   1 
HETATM 1233 O O   . HOH B 2 .   ? -15.090 -8.180  -3.275  1.00 27.72 ? 1067 HOH A O   1 
HETATM 1234 O O   . HOH B 2 .   ? -6.104  1.330   12.162  1.00 40.99 ? 1068 HOH A O   1 
HETATM 1235 O O   . HOH B 2 .   ? -2.797  13.152  -10.593 1.00 35.89 ? 1069 HOH A O   1 
HETATM 1236 O O   . HOH B 2 .   ? 10.480  3.330   8.216   1.00 36.78 ? 1070 HOH A O   1 
HETATM 1237 O O   . HOH B 2 .   ? 12.925  -12.900 1.372   1.00 33.62 ? 1071 HOH A O   1 
HETATM 1238 O O   . HOH B 2 .   ? -7.826  0.817   6.181   1.00 37.70 ? 1072 HOH A O   1 
HETATM 1239 O O   . HOH B 2 .   ? 16.701  -12.980 11.518  1.00 41.05 ? 1073 HOH A O   1 
HETATM 1240 O O   . HOH B 2 .   ? 5.702   -0.113  -0.655  1.00 30.63 ? 1074 HOH A O   1 
HETATM 1241 O O   . HOH B 2 .   ? -13.978 -10.233 -8.869  1.00 35.46 ? 1075 HOH A O   1 
HETATM 1242 O O   . HOH B 2 .   ? 5.894   9.389   -11.893 1.00 31.66 ? 1076 HOH A O   1 
HETATM 1243 O O   . HOH B 2 .   ? 7.016   -13.809 -1.318  1.00 29.97 ? 1077 HOH A O   1 
HETATM 1244 O O   . HOH B 2 .   ? 14.413  -7.646  5.079   1.00 36.09 ? 1078 HOH A O   1 
HETATM 1245 O O   . HOH B 2 .   ? -1.860  -24.570 6.123   1.00 39.23 ? 1079 HOH A O   1 
HETATM 1246 O O   . HOH B 2 .   ? 8.514   -8.665  17.603  1.00 28.97 ? 1080 HOH A O   1 
HETATM 1247 O O   . HOH B 2 .   ? -6.864  12.889  -8.534  1.00 35.75 ? 1081 HOH A O   1 
HETATM 1248 O O   . HOH B 2 .   ? 12.716  -14.290 6.380   1.00 35.17 ? 1082 HOH A O   1 
HETATM 1249 O O   . HOH B 2 .   ? 11.760  -15.871 20.965  1.00 40.76 ? 1083 HOH A O   1 
HETATM 1250 O O   . HOH B 2 .   ? 1.449   -13.244 -15.406 1.00 32.36 ? 1084 HOH A O   1 
HETATM 1251 O O   . HOH B 2 .   ? 8.634   0.925   -12.428 1.00 37.41 ? 1085 HOH A O   1 
HETATM 1252 O O   . HOH B 2 .   ? -13.740 6.392   -2.060  1.00 44.77 ? 1086 HOH A O   1 
HETATM 1253 O O   . HOH B 2 .   ? 5.463   4.954   12.837  1.00 35.70 ? 1087 HOH A O   1 
HETATM 1254 O O   . HOH B 2 .   ? 1.962   -3.871  -3.532  1.00 42.54 ? 1088 HOH A O   1 
HETATM 1255 O O   . HOH B 2 .   ? -15.883 -1.225  -12.937 1.00 35.45 ? 1089 HOH A O   1 
HETATM 1256 O O   . HOH B 2 .   ? 12.656  -3.887  -8.700  1.00 24.94 ? 1090 HOH A O   1 
HETATM 1257 O O   . HOH B 2 .   ? 0.659   -2.839  -9.819  1.00 29.97 ? 1091 HOH A O   1 
HETATM 1258 O O   . HOH B 2 .   ? -19.531 -8.056  -1.510  1.00 32.27 ? 1092 HOH A O   1 
HETATM 1259 O O   . HOH B 2 .   ? 8.284   14.270  7.268   1.00 40.27 ? 1093 HOH A O   1 
HETATM 1260 O O   . HOH B 2 .   ? 3.277   -7.990  -5.828  1.00 35.45 ? 1094 HOH A O   1 
HETATM 1261 O O   . HOH B 2 .   ? -13.994 -9.963  -1.076  1.00 33.77 ? 1095 HOH A O   1 
HETATM 1262 O O   . HOH B 2 .   ? -14.510 4.717   -14.228 1.00 48.47 ? 1096 HOH A O   1 
HETATM 1263 O O   . HOH B 2 .   ? -4.595  13.883  -8.541  1.00 41.84 ? 1097 HOH A O   1 
HETATM 1264 O O   . HOH B 2 .   ? 0.262   1.746   4.420   1.00 32.37 ? 1098 HOH A O   1 
HETATM 1265 O O   . HOH B 2 .   ? 14.070  -11.704 -5.093  1.00 29.74 ? 1099 HOH A O   1 
HETATM 1266 O O   . HOH B 2 .   ? 14.121  -0.423  -8.876  1.00 40.25 ? 1100 HOH A O   1 
HETATM 1267 O O   . HOH B 2 .   ? 8.105   18.038  -7.141  1.00 40.05 ? 1101 HOH A O   1 
HETATM 1268 O O   . HOH B 2 .   ? -10.407 -10.846 -5.564  1.00 30.27 ? 1102 HOH A O   1 
HETATM 1269 O O   . HOH B 2 .   ? 14.138  -12.265 14.257  1.00 37.24 ? 1103 HOH A O   1 
HETATM 1270 O O   . HOH B 2 .   ? 8.911   -6.866  15.565  1.00 37.40 ? 1104 HOH A O   1 
# 
loop_
_pdbx_poly_seq_scheme.asym_id 
_pdbx_poly_seq_scheme.entity_id 
_pdbx_poly_seq_scheme.seq_id 
_pdbx_poly_seq_scheme.mon_id 
_pdbx_poly_seq_scheme.ndb_seq_num 
_pdbx_poly_seq_scheme.pdb_seq_num 
_pdbx_poly_seq_scheme.auth_seq_num 
_pdbx_poly_seq_scheme.pdb_mon_id 
_pdbx_poly_seq_scheme.auth_mon_id 
_pdbx_poly_seq_scheme.pdb_strand_id 
_pdbx_poly_seq_scheme.pdb_ins_code 
_pdbx_poly_seq_scheme.hetero 
A 1 1   GLY 1   1   1   GLY GLY A . n 
A 1 2   ILE 2   2   2   ILE ILE A . n 
A 1 3   PHE 3   3   3   PHE PHE A . n 
A 1 4   ALA 4   4   4   ALA ALA A . n 
A 1 5   PHE 5   5   5   PHE PHE A . n 
A 1 6   GLU 6   6   6   GLU GLU A . n 
A 1 7   ASN 7   7   7   ASN ASN A . n 
A 1 8   GLU 8   8   8   GLU GLU A . n 
A 1 9   GLN 9   9   9   GLN GLN A . n 
A 1 10  SER 10  10  10  SER SER A . n 
A 1 11  SER 11  11  11  SER SER A . n 
A 1 12  THR 12  12  12  THR THR A . n 
A 1 13  VAL 13  13  13  VAL VAL A . n 
A 1 14  ALA 14  14  14  ALA ALA A . n 
A 1 15  PRO 15  15  15  PRO PRO A . n 
A 1 16  ALA 16  16  16  ALA ALA A . n 
A 1 17  LYS 17  17  17  LYS LYS A . n 
A 1 18  LEU 18  18  18  LEU LEU A . n 
A 1 19  TYR 19  19  19  TYR TYR A . n 
A 1 20  LYS 20  20  20  LYS LYS A . n 
A 1 21  ALA 21  21  21  ALA ALA A . n 
A 1 22  LEU 22  22  22  LEU LEU A . n 
A 1 23  THR 23  23  23  THR THR A . n 
A 1 24  LYS 24  24  24  LYS LYS A . n 
A 1 25  ASP 25  25  25  ASP ASP A . n 
A 1 26  SER 26  26  26  SER SER A . n 
A 1 27  ASP 27  27  27  ASP ASP A . n 
A 1 28  GLU 28  28  28  GLU GLU A . n 
A 1 29  ILE 29  29  29  ILE ILE A . n 
A 1 30  VAL 30  30  30  VAL VAL A . n 
A 1 31  PRO 31  31  31  PRO PRO A . n 
A 1 32  LYS 32  32  32  LYS LYS A . n 
A 1 33  VAL 33  33  33  VAL VAL A . n 
A 1 34  ILE 34  34  34  ILE ILE A . n 
A 1 35  GLU 35  35  35  GLU GLU A . n 
A 1 36  PRO 36  36  36  PRO PRO A . n 
A 1 37  ILE 37  37  37  ILE ILE A . n 
A 1 38  GLN 38  38  38  GLN GLN A . n 
A 1 39  SER 39  39  39  SER SER A . n 
A 1 40  VAL 40  40  40  VAL VAL A . n 
A 1 41  GLU 41  41  41  GLU GLU A . n 
A 1 42  ILE 42  42  42  ILE ILE A . n 
A 1 43  VAL 43  43  43  VAL VAL A . n 
A 1 44  GLU 44  44  44  GLU GLU A . n 
A 1 45  GLY 45  45  45  GLY GLY A . n 
A 1 46  ASN 46  46  46  ASN ASN A . n 
A 1 47  GLY 47  47  47  GLY GLY A . n 
A 1 48  GLY 48  48  48  GLY GLY A . n 
A 1 49  PRO 49  49  49  PRO PRO A . n 
A 1 50  GLY 50  50  50  GLY GLY A . n 
A 1 51  THR 51  51  51  THR THR A . n 
A 1 52  ILE 52  52  52  ILE ILE A . n 
A 1 53  LYS 53  53  53  LYS LYS A . n 
A 1 54  LYS 54  54  54  LYS LYS A . n 
A 1 55  ILE 55  55  55  ILE ILE A . n 
A 1 56  ILE 56  56  56  ILE ILE A . n 
A 1 57  ALA 57  57  57  ALA ALA A . n 
A 1 58  ILE 58  58  58  ILE ILE A . n 
A 1 59  HIS 59  59  59  HIS HIS A . n 
A 1 60  ASP 60  60  60  ASP ASP A . n 
A 1 61  GLY 61  61  61  GLY GLY A . n 
A 1 62  HIS 62  62  62  HIS HIS A . n 
A 1 63  THR 63  63  63  THR THR A . n 
A 1 64  SER 64  64  64  SER SER A . n 
A 1 65  PHE 65  65  65  PHE PHE A . n 
A 1 66  VAL 66  66  66  VAL VAL A . n 
A 1 67  LEU 67  67  67  LEU LEU A . n 
A 1 68  HIS 68  68  68  HIS HIS A . n 
A 1 69  LYS 69  69  69  LYS LYS A . n 
A 1 70  LEU 70  70  70  LEU LEU A . n 
A 1 71  ASP 71  71  71  ASP ASP A . n 
A 1 72  ALA 72  72  72  ALA ALA A . n 
A 1 73  ILE 73  73  73  ILE ILE A . n 
A 1 74  ASP 74  74  74  ASP ASP A . n 
A 1 75  GLU 75  75  75  GLU GLU A . n 
A 1 76  ALA 76  76  76  ALA ALA A . n 
A 1 77  ASN 77  77  77  ASN ASN A . n 
A 1 78  LEU 78  78  78  LEU LEU A . n 
A 1 79  THR 79  79  79  THR THR A . n 
A 1 80  TYR 80  80  80  TYR TYR A . n 
A 1 81  ASN 81  81  81  ASN ASN A . n 
A 1 82  TYR 82  82  82  TYR TYR A . n 
A 1 83  SER 83  83  83  SER SER A . n 
A 1 84  ILE 84  84  84  ILE ILE A . n 
A 1 85  ILE 85  85  85  ILE ILE A . n 
A 1 86  GLY 86  86  86  GLY GLY A . n 
A 1 87  GLY 87  87  87  GLY GLY A . n 
A 1 88  GLU 88  88  88  GLU GLU A . n 
A 1 89  GLY 89  89  89  GLY GLY A . n 
A 1 90  LEU 90  90  90  LEU LEU A . n 
A 1 91  ASP 91  91  91  ASP ASP A . n 
A 1 92  GLU 92  92  92  GLU GLU A . n 
A 1 93  SER 93  93  93  SER SER A . n 
A 1 94  LEU 94  94  94  LEU LEU A . n 
A 1 95  GLU 95  95  95  GLU GLU A . n 
A 1 96  LYS 96  96  96  LYS LYS A . n 
A 1 97  ILE 97  97  97  ILE ILE A . n 
A 1 98  SER 98  98  98  SER SER A . n 
A 1 99  TYR 99  99  99  TYR TYR A . n 
A 1 100 GLU 100 100 100 GLU GLU A . n 
A 1 101 SER 101 101 101 SER SER A . n 
A 1 102 LYS 102 102 102 LYS LYS A . n 
A 1 103 ILE 103 103 103 ILE ILE A . n 
A 1 104 LEU 104 104 104 LEU LEU A . n 
A 1 105 PRO 105 105 105 PRO PRO A . n 
A 1 106 GLY 106 106 106 GLY GLY A . n 
A 1 107 PRO 107 107 107 PRO PRO A . n 
A 1 108 ASP 108 108 108 ASP ASP A . n 
A 1 109 GLY 109 109 109 GLY GLY A . n 
A 1 110 GLY 110 110 110 GLY GLY A . n 
A 1 111 SER 111 111 111 SER SER A . n 
A 1 112 ILE 112 112 112 ILE ILE A . n 
A 1 113 GLY 113 113 113 GLY GLY A . n 
A 1 114 LYS 114 114 114 LYS LYS A . n 
A 1 115 ILE 115 115 115 ILE ILE A . n 
A 1 116 ASN 116 116 116 ASN ASN A . n 
A 1 117 VAL 117 117 117 VAL VAL A . n 
A 1 118 LYS 118 118 118 LYS LYS A . n 
A 1 119 PHE 119 119 119 PHE PHE A . n 
A 1 120 HIS 120 120 120 HIS HIS A . n 
A 1 121 THR 121 121 121 THR THR A . n 
A 1 122 LYS 122 122 122 LYS LYS A . n 
A 1 123 GLY 123 123 123 GLY GLY A . n 
A 1 124 ASP 124 124 124 ASP ASP A . n 
A 1 125 VAL 125 125 125 VAL VAL A . n 
A 1 126 LEU 126 126 126 LEU LEU A . n 
A 1 127 SER 127 127 127 SER SER A . n 
A 1 128 GLU 128 128 128 GLU GLU A . n 
A 1 129 THR 129 129 129 THR THR A . n 
A 1 130 VAL 130 130 130 VAL VAL A . n 
A 1 131 ARG 131 131 131 ARG ARG A . n 
A 1 132 ASP 132 132 132 ASP ASP A . n 
A 1 133 GLN 133 133 133 GLN GLN A . n 
A 1 134 ALA 134 134 134 ALA ALA A . n 
A 1 135 LYS 135 135 135 LYS LYS A . n 
A 1 136 PHE 136 136 136 PHE PHE A . n 
A 1 137 LYS 137 137 137 LYS LYS A . n 
A 1 138 GLY 138 138 138 GLY GLY A . n 
A 1 139 LEU 139 139 139 LEU LEU A . n 
A 1 140 GLY 140 140 140 GLY GLY A . n 
A 1 141 LEU 141 141 141 LEU LEU A . n 
A 1 142 PHE 142 142 142 PHE PHE A . n 
A 1 143 LYS 143 143 143 LYS LYS A . n 
A 1 144 ALA 144 144 144 ALA ALA A . n 
A 1 145 ILE 145 145 145 ILE ILE A . n 
A 1 146 GLU 146 146 146 GLU GLU A . n 
A 1 147 GLY 147 147 147 GLY GLY A . n 
A 1 148 TYR 148 148 148 TYR TYR A . n 
A 1 149 VAL 149 149 149 VAL VAL A . n 
A 1 150 LEU 150 150 150 LEU LEU A . n 
A 1 151 ALA 151 151 151 ALA ALA A . n 
A 1 152 HIS 152 152 152 HIS HIS A . n 
A 1 153 PRO 153 153 153 PRO PRO A . n 
A 1 154 ASP 154 154 154 ASP ASP A . n 
A 1 155 TYR 155 155 155 TYR TYR A . n 
# 
loop_
_pdbx_nonpoly_scheme.asym_id 
_pdbx_nonpoly_scheme.entity_id 
_pdbx_nonpoly_scheme.mon_id 
_pdbx_nonpoly_scheme.ndb_seq_num 
_pdbx_nonpoly_scheme.pdb_seq_num 
_pdbx_nonpoly_scheme.auth_seq_num 
_pdbx_nonpoly_scheme.pdb_mon_id 
_pdbx_nonpoly_scheme.auth_mon_id 
_pdbx_nonpoly_scheme.pdb_strand_id 
_pdbx_nonpoly_scheme.pdb_ins_code 
B 2 HOH 1   1001 1001 HOH HOH A . 
B 2 HOH 2   1002 1002 HOH HOH A . 
B 2 HOH 3   1003 1003 HOH HOH A . 
B 2 HOH 4   1004 1004 HOH HOH A . 
B 2 HOH 5   1005 1005 HOH HOH A . 
B 2 HOH 6   1006 1006 HOH HOH A . 
B 2 HOH 7   1007 1007 HOH HOH A . 
B 2 HOH 8   1008 1008 HOH HOH A . 
B 2 HOH 9   1009 1009 HOH HOH A . 
B 2 HOH 10  1010 1010 HOH HOH A . 
B 2 HOH 11  1011 1011 HOH HOH A . 
B 2 HOH 12  1012 1012 HOH HOH A . 
B 2 HOH 13  1013 1013 HOH HOH A . 
B 2 HOH 14  1014 1014 HOH HOH A . 
B 2 HOH 15  1015 1015 HOH HOH A . 
B 2 HOH 16  1016 1016 HOH HOH A . 
B 2 HOH 17  1017 1017 HOH HOH A . 
B 2 HOH 18  1018 1018 HOH HOH A . 
B 2 HOH 19  1019 1019 HOH HOH A . 
B 2 HOH 20  1020 1020 HOH HOH A . 
B 2 HOH 21  1021 1021 HOH HOH A . 
B 2 HOH 22  1022 1022 HOH HOH A . 
B 2 HOH 23  1023 1023 HOH HOH A . 
B 2 HOH 24  1024 1024 HOH HOH A . 
B 2 HOH 25  1025 1025 HOH HOH A . 
B 2 HOH 26  1026 1026 HOH HOH A . 
B 2 HOH 27  1027 1027 HOH HOH A . 
B 2 HOH 28  1028 1028 HOH HOH A . 
B 2 HOH 29  1029 1029 HOH HOH A . 
B 2 HOH 30  1030 1030 HOH HOH A . 
B 2 HOH 31  1031 1031 HOH HOH A . 
B 2 HOH 32  1032 1032 HOH HOH A . 
B 2 HOH 33  1033 1033 HOH HOH A . 
B 2 HOH 34  1034 1034 HOH HOH A . 
B 2 HOH 35  1035 1035 HOH HOH A . 
B 2 HOH 36  1036 1036 HOH HOH A . 
B 2 HOH 37  1037 1037 HOH HOH A . 
B 2 HOH 38  1038 1038 HOH HOH A . 
B 2 HOH 39  1039 1039 HOH HOH A . 
B 2 HOH 40  1040 1040 HOH HOH A . 
B 2 HOH 41  1041 1041 HOH HOH A . 
B 2 HOH 42  1042 1042 HOH HOH A . 
B 2 HOH 43  1043 1043 HOH HOH A . 
B 2 HOH 44  1044 1044 HOH HOH A . 
B 2 HOH 45  1045 1045 HOH HOH A . 
B 2 HOH 46  1046 1046 HOH HOH A . 
B 2 HOH 47  1047 1047 HOH HOH A . 
B 2 HOH 48  1048 1048 HOH HOH A . 
B 2 HOH 49  1049 1049 HOH HOH A . 
B 2 HOH 50  1050 1050 HOH HOH A . 
B 2 HOH 51  1051 1051 HOH HOH A . 
B 2 HOH 52  1052 1052 HOH HOH A . 
B 2 HOH 53  1053 1053 HOH HOH A . 
B 2 HOH 54  1054 1054 HOH HOH A . 
B 2 HOH 55  1055 1055 HOH HOH A . 
B 2 HOH 56  1056 1056 HOH HOH A . 
B 2 HOH 57  1057 1057 HOH HOH A . 
B 2 HOH 58  1058 1058 HOH HOH A . 
B 2 HOH 59  1059 1059 HOH HOH A . 
B 2 HOH 60  1060 1060 HOH HOH A . 
B 2 HOH 61  1061 1061 HOH HOH A . 
B 2 HOH 62  1062 1062 HOH HOH A . 
B 2 HOH 63  1063 1063 HOH HOH A . 
B 2 HOH 64  1064 1064 HOH HOH A . 
B 2 HOH 65  1065 1065 HOH HOH A . 
B 2 HOH 66  1066 1066 HOH HOH A . 
B 2 HOH 67  1067 1067 HOH HOH A . 
B 2 HOH 68  1068 1068 HOH HOH A . 
B 2 HOH 69  1069 1069 HOH HOH A . 
B 2 HOH 70  1070 1070 HOH HOH A . 
B 2 HOH 71  1071 1071 HOH HOH A . 
B 2 HOH 72  1072 1072 HOH HOH A . 
B 2 HOH 73  1073 1073 HOH HOH A . 
B 2 HOH 74  1074 1074 HOH HOH A . 
B 2 HOH 75  1075 1075 HOH HOH A . 
B 2 HOH 76  1076 1076 HOH HOH A . 
B 2 HOH 77  1077 1077 HOH HOH A . 
B 2 HOH 78  1078 1078 HOH HOH A . 
B 2 HOH 79  1079 1079 HOH HOH A . 
B 2 HOH 80  1080 1080 HOH HOH A . 
B 2 HOH 81  1081 1081 HOH HOH A . 
B 2 HOH 82  1082 1082 HOH HOH A . 
B 2 HOH 83  1083 1083 HOH HOH A . 
B 2 HOH 84  1084 1084 HOH HOH A . 
B 2 HOH 85  1085 1085 HOH HOH A . 
B 2 HOH 86  1086 1086 HOH HOH A . 
B 2 HOH 87  1087 1087 HOH HOH A . 
B 2 HOH 88  1088 1088 HOH HOH A . 
B 2 HOH 89  1089 1089 HOH HOH A . 
B 2 HOH 90  1090 1090 HOH HOH A . 
B 2 HOH 91  1091 1091 HOH HOH A . 
B 2 HOH 92  1092 1092 HOH HOH A . 
B 2 HOH 93  1093 1093 HOH HOH A . 
B 2 HOH 94  1094 1094 HOH HOH A . 
B 2 HOH 95  1095 1095 HOH HOH A . 
B 2 HOH 96  1096 1096 HOH HOH A . 
B 2 HOH 97  1097 1097 HOH HOH A . 
B 2 HOH 98  1098 1098 HOH HOH A . 
B 2 HOH 99  1099 1099 HOH HOH A . 
B 2 HOH 100 1100 1100 HOH HOH A . 
B 2 HOH 101 1101 1101 HOH HOH A . 
B 2 HOH 102 1102 1102 HOH HOH A . 
B 2 HOH 103 1103 1103 HOH HOH A . 
B 2 HOH 104 1104 1104 HOH HOH A . 
# 
_pdbx_struct_assembly.id                   1 
_pdbx_struct_assembly.details              author_defined_assembly 
_pdbx_struct_assembly.method_details       ? 
_pdbx_struct_assembly.oligomeric_details   monomeric 
_pdbx_struct_assembly.oligomeric_count     1 
# 
_pdbx_struct_assembly_gen.assembly_id       1 
_pdbx_struct_assembly_gen.oper_expression   1 
_pdbx_struct_assembly_gen.asym_id_list      A,B 
# 
_pdbx_struct_oper_list.id                   1 
_pdbx_struct_oper_list.type                 'identity operation' 
_pdbx_struct_oper_list.name                 1_555 
_pdbx_struct_oper_list.symmetry_operation   x,y,z 
_pdbx_struct_oper_list.matrix[1][1]         1.0000000000 
_pdbx_struct_oper_list.matrix[1][2]         0.0000000000 
_pdbx_struct_oper_list.matrix[1][3]         0.0000000000 
_pdbx_struct_oper_list.vector[1]            0.0000000000 
_pdbx_struct_oper_list.matrix[2][1]         0.0000000000 
_pdbx_struct_oper_list.matrix[2][2]         1.0000000000 
_pdbx_struct_oper_list.matrix[2][3]         0.0000000000 
_pdbx_struct_oper_list.vector[2]            0.0000000000 
_pdbx_struct_oper_list.matrix[3][1]         0.0000000000 
_pdbx_struct_oper_list.matrix[3][2]         0.0000000000 
_pdbx_struct_oper_list.matrix[3][3]         1.0000000000 
_pdbx_struct_oper_list.vector[3]            0.0000000000 
# 
loop_
_pdbx_audit_revision_history.ordinal 
_pdbx_audit_revision_history.data_content_type 
_pdbx_audit_revision_history.major_revision 
_pdbx_audit_revision_history.minor_revision 
_pdbx_audit_revision_history.revision_date 
1 'Structure model' 1 0 2002-07-10 
2 'Structure model' 1 1 2008-04-27 
3 'Structure model' 1 2 2011-07-13 
4 'Structure model' 1 3 2023-08-09 
# 
_pdbx_audit_revision_details.ordinal             1 
_pdbx_audit_revision_details.revision_ordinal    1 
_pdbx_audit_revision_details.data_content_type   'Structure model' 
_pdbx_audit_revision_details.provider            repository 
_pdbx_audit_revision_details.type                'Initial release' 
_pdbx_audit_revision_details.description         ? 
_pdbx_audit_revision_details.details             ? 
# 
loop_
_pdbx_audit_revision_group.ordinal 
_pdbx_audit_revision_group.revision_ordinal 
_pdbx_audit_revision_group.data_content_type 
_pdbx_audit_revision_group.group 
1 2 'Structure model' 'Version format compliance' 
2 3 'Structure model' 'Version format compliance' 
3 4 'Structure model' 'Data collection'           
4 4 'Structure model' 'Database references'       
5 4 'Structure model' 'Refinement description'    
# 
loop_
_pdbx_audit_revision_category.ordinal 
_pdbx_audit_revision_category.revision_ordinal 
_pdbx_audit_revision_category.data_content_type 
_pdbx_audit_revision_category.category 
1 4 'Structure model' chem_comp_atom                
2 4 'Structure model' chem_comp_bond                
3 4 'Structure model' database_2                    
4 4 'Structure model' pdbx_initial_refinement_model 
# 
loop_
_pdbx_audit_revision_item.ordinal 
_pdbx_audit_revision_item.revision_ordinal 
_pdbx_audit_revision_item.data_content_type 
_pdbx_audit_revision_item.item 
1 4 'Structure model' '_database_2.pdbx_DOI'                
2 4 'Structure model' '_database_2.pdbx_database_accession' 
# 
loop_
_software.name 
_software.classification 
_software.version 
_software.citation_id 
_software.pdbx_ordinal 
AMoRE     phasing          .   ? 1 
CNS       refinement       0.9 ? 2 
DENZO     'data reduction' .   ? 3 
SCALEPACK 'data scaling'   .   ? 4 
# 
loop_
_pdbx_validate_torsion.id 
_pdbx_validate_torsion.PDB_model_num 
_pdbx_validate_torsion.auth_comp_id 
_pdbx_validate_torsion.auth_asym_id 
_pdbx_validate_torsion.auth_seq_id 
_pdbx_validate_torsion.PDB_ins_code 
_pdbx_validate_torsion.label_alt_id 
_pdbx_validate_torsion.phi 
_pdbx_validate_torsion.psi 
1 1 THR A 23  ? ? -120.11 -86.47 
2 1 HIS A 59  ? ? -69.81  78.58  
3 1 ASP A 60  ? ? 53.88   99.14  
4 1 LYS A 135 ? ? -79.22  -78.51 
# 
loop_
_pdbx_unobs_or_zero_occ_atoms.id 
_pdbx_unobs_or_zero_occ_atoms.PDB_model_num 
_pdbx_unobs_or_zero_occ_atoms.polymer_flag 
_pdbx_unobs_or_zero_occ_atoms.occupancy_flag 
_pdbx_unobs_or_zero_occ_atoms.auth_asym_id 
_pdbx_unobs_or_zero_occ_atoms.auth_comp_id 
_pdbx_unobs_or_zero_occ_atoms.auth_seq_id 
_pdbx_unobs_or_zero_occ_atoms.PDB_ins_code 
_pdbx_unobs_or_zero_occ_atoms.auth_atom_id 
_pdbx_unobs_or_zero_occ_atoms.label_alt_id 
_pdbx_unobs_or_zero_occ_atoms.label_asym_id 
_pdbx_unobs_or_zero_occ_atoms.label_comp_id 
_pdbx_unobs_or_zero_occ_atoms.label_seq_id 
_pdbx_unobs_or_zero_occ_atoms.label_atom_id 
1  1 Y 1 A ASP 60  ? CG  ? A ASP 60  CG  
2  1 Y 1 A ASP 60  ? OD1 ? A ASP 60  OD1 
3  1 Y 1 A ASP 60  ? OD2 ? A ASP 60  OD2 
4  1 Y 1 A GLN 133 ? CG  ? A GLN 133 CG  
5  1 Y 1 A GLN 133 ? CD  ? A GLN 133 CD  
6  1 Y 1 A GLN 133 ? OE1 ? A GLN 133 OE1 
7  1 Y 1 A GLN 133 ? NE2 ? A GLN 133 NE2 
8  1 Y 1 A LYS 135 ? CG  ? A LYS 135 CG  
9  1 Y 1 A LYS 135 ? CD  ? A LYS 135 CD  
10 1 Y 1 A LYS 135 ? CE  ? A LYS 135 CE  
11 1 Y 1 A LYS 135 ? NZ  ? A LYS 135 NZ  
12 1 Y 1 A PHE 136 ? CG  ? A PHE 136 CG  
13 1 Y 1 A PHE 136 ? CD1 ? A PHE 136 CD1 
14 1 Y 1 A PHE 136 ? CD2 ? A PHE 136 CD2 
15 1 Y 1 A PHE 136 ? CE1 ? A PHE 136 CE1 
16 1 Y 1 A PHE 136 ? CE2 ? A PHE 136 CE2 
17 1 Y 1 A PHE 136 ? CZ  ? A PHE 136 CZ  
# 
loop_
_chem_comp_atom.comp_id 
_chem_comp_atom.atom_id 
_chem_comp_atom.type_symbol 
_chem_comp_atom.pdbx_aromatic_flag 
_chem_comp_atom.pdbx_stereo_config 
_chem_comp_atom.pdbx_ordinal 
ALA N    N N N 1   
ALA CA   C N S 2   
ALA C    C N N 3   
ALA O    O N N 4   
ALA CB   C N N 5   
ALA OXT  O N N 6   
ALA H    H N N 7   
ALA H2   H N N 8   
ALA HA   H N N 9   
ALA HB1  H N N 10  
ALA HB2  H N N 11  
ALA HB3  H N N 12  
ALA HXT  H N N 13  
ARG N    N N N 14  
ARG CA   C N S 15  
ARG C    C N N 16  
ARG O    O N N 17  
ARG CB   C N N 18  
ARG CG   C N N 19  
ARG CD   C N N 20  
ARG NE   N N N 21  
ARG CZ   C N N 22  
ARG NH1  N N N 23  
ARG NH2  N N N 24  
ARG OXT  O N N 25  
ARG H    H N N 26  
ARG H2   H N N 27  
ARG HA   H N N 28  
ARG HB2  H N N 29  
ARG HB3  H N N 30  
ARG HG2  H N N 31  
ARG HG3  H N N 32  
ARG HD2  H N N 33  
ARG HD3  H N N 34  
ARG HE   H N N 35  
ARG HH11 H N N 36  
ARG HH12 H N N 37  
ARG HH21 H N N 38  
ARG HH22 H N N 39  
ARG HXT  H N N 40  
ASN N    N N N 41  
ASN CA   C N S 42  
ASN C    C N N 43  
ASN O    O N N 44  
ASN CB   C N N 45  
ASN CG   C N N 46  
ASN OD1  O N N 47  
ASN ND2  N N N 48  
ASN OXT  O N N 49  
ASN H    H N N 50  
ASN H2   H N N 51  
ASN HA   H N N 52  
ASN HB2  H N N 53  
ASN HB3  H N N 54  
ASN HD21 H N N 55  
ASN HD22 H N N 56  
ASN HXT  H N N 57  
ASP N    N N N 58  
ASP CA   C N S 59  
ASP C    C N N 60  
ASP O    O N N 61  
ASP CB   C N N 62  
ASP CG   C N N 63  
ASP OD1  O N N 64  
ASP OD2  O N N 65  
ASP OXT  O N N 66  
ASP H    H N N 67  
ASP H2   H N N 68  
ASP HA   H N N 69  
ASP HB2  H N N 70  
ASP HB3  H N N 71  
ASP HD2  H N N 72  
ASP HXT  H N N 73  
GLN N    N N N 74  
GLN CA   C N S 75  
GLN C    C N N 76  
GLN O    O N N 77  
GLN CB   C N N 78  
GLN CG   C N N 79  
GLN CD   C N N 80  
GLN OE1  O N N 81  
GLN NE2  N N N 82  
GLN OXT  O N N 83  
GLN H    H N N 84  
GLN H2   H N N 85  
GLN HA   H N N 86  
GLN HB2  H N N 87  
GLN HB3  H N N 88  
GLN HG2  H N N 89  
GLN HG3  H N N 90  
GLN HE21 H N N 91  
GLN HE22 H N N 92  
GLN HXT  H N N 93  
GLU N    N N N 94  
GLU CA   C N S 95  
GLU C    C N N 96  
GLU O    O N N 97  
GLU CB   C N N 98  
GLU CG   C N N 99  
GLU CD   C N N 100 
GLU OE1  O N N 101 
GLU OE2  O N N 102 
GLU OXT  O N N 103 
GLU H    H N N 104 
GLU H2   H N N 105 
GLU HA   H N N 106 
GLU HB2  H N N 107 
GLU HB3  H N N 108 
GLU HG2  H N N 109 
GLU HG3  H N N 110 
GLU HE2  H N N 111 
GLU HXT  H N N 112 
GLY N    N N N 113 
GLY CA   C N N 114 
GLY C    C N N 115 
GLY O    O N N 116 
GLY OXT  O N N 117 
GLY H    H N N 118 
GLY H2   H N N 119 
GLY HA2  H N N 120 
GLY HA3  H N N 121 
GLY HXT  H N N 122 
HIS N    N N N 123 
HIS CA   C N S 124 
HIS C    C N N 125 
HIS O    O N N 126 
HIS CB   C N N 127 
HIS CG   C Y N 128 
HIS ND1  N Y N 129 
HIS CD2  C Y N 130 
HIS CE1  C Y N 131 
HIS NE2  N Y N 132 
HIS OXT  O N N 133 
HIS H    H N N 134 
HIS H2   H N N 135 
HIS HA   H N N 136 
HIS HB2  H N N 137 
HIS HB3  H N N 138 
HIS HD1  H N N 139 
HIS HD2  H N N 140 
HIS HE1  H N N 141 
HIS HE2  H N N 142 
HIS HXT  H N N 143 
HOH O    O N N 144 
HOH H1   H N N 145 
HOH H2   H N N 146 
ILE N    N N N 147 
ILE CA   C N S 148 
ILE C    C N N 149 
ILE O    O N N 150 
ILE CB   C N S 151 
ILE CG1  C N N 152 
ILE CG2  C N N 153 
ILE CD1  C N N 154 
ILE OXT  O N N 155 
ILE H    H N N 156 
ILE H2   H N N 157 
ILE HA   H N N 158 
ILE HB   H N N 159 
ILE HG12 H N N 160 
ILE HG13 H N N 161 
ILE HG21 H N N 162 
ILE HG22 H N N 163 
ILE HG23 H N N 164 
ILE HD11 H N N 165 
ILE HD12 H N N 166 
ILE HD13 H N N 167 
ILE HXT  H N N 168 
LEU N    N N N 169 
LEU CA   C N S 170 
LEU C    C N N 171 
LEU O    O N N 172 
LEU CB   C N N 173 
LEU CG   C N N 174 
LEU CD1  C N N 175 
LEU CD2  C N N 176 
LEU OXT  O N N 177 
LEU H    H N N 178 
LEU H2   H N N 179 
LEU HA   H N N 180 
LEU HB2  H N N 181 
LEU HB3  H N N 182 
LEU HG   H N N 183 
LEU HD11 H N N 184 
LEU HD12 H N N 185 
LEU HD13 H N N 186 
LEU HD21 H N N 187 
LEU HD22 H N N 188 
LEU HD23 H N N 189 
LEU HXT  H N N 190 
LYS N    N N N 191 
LYS CA   C N S 192 
LYS C    C N N 193 
LYS O    O N N 194 
LYS CB   C N N 195 
LYS CG   C N N 196 
LYS CD   C N N 197 
LYS CE   C N N 198 
LYS NZ   N N N 199 
LYS OXT  O N N 200 
LYS H    H N N 201 
LYS H2   H N N 202 
LYS HA   H N N 203 
LYS HB2  H N N 204 
LYS HB3  H N N 205 
LYS HG2  H N N 206 
LYS HG3  H N N 207 
LYS HD2  H N N 208 
LYS HD3  H N N 209 
LYS HE2  H N N 210 
LYS HE3  H N N 211 
LYS HZ1  H N N 212 
LYS HZ2  H N N 213 
LYS HZ3  H N N 214 
LYS HXT  H N N 215 
PHE N    N N N 216 
PHE CA   C N S 217 
PHE C    C N N 218 
PHE O    O N N 219 
PHE CB   C N N 220 
PHE CG   C Y N 221 
PHE CD1  C Y N 222 
PHE CD2  C Y N 223 
PHE CE1  C Y N 224 
PHE CE2  C Y N 225 
PHE CZ   C Y N 226 
PHE OXT  O N N 227 
PHE H    H N N 228 
PHE H2   H N N 229 
PHE HA   H N N 230 
PHE HB2  H N N 231 
PHE HB3  H N N 232 
PHE HD1  H N N 233 
PHE HD2  H N N 234 
PHE HE1  H N N 235 
PHE HE2  H N N 236 
PHE HZ   H N N 237 
PHE HXT  H N N 238 
PRO N    N N N 239 
PRO CA   C N S 240 
PRO C    C N N 241 
PRO O    O N N 242 
PRO CB   C N N 243 
PRO CG   C N N 244 
PRO CD   C N N 245 
PRO OXT  O N N 246 
PRO H    H N N 247 
PRO HA   H N N 248 
PRO HB2  H N N 249 
PRO HB3  H N N 250 
PRO HG2  H N N 251 
PRO HG3  H N N 252 
PRO HD2  H N N 253 
PRO HD3  H N N 254 
PRO HXT  H N N 255 
SER N    N N N 256 
SER CA   C N S 257 
SER C    C N N 258 
SER O    O N N 259 
SER CB   C N N 260 
SER OG   O N N 261 
SER OXT  O N N 262 
SER H    H N N 263 
SER H2   H N N 264 
SER HA   H N N 265 
SER HB2  H N N 266 
SER HB3  H N N 267 
SER HG   H N N 268 
SER HXT  H N N 269 
THR N    N N N 270 
THR CA   C N S 271 
THR C    C N N 272 
THR O    O N N 273 
THR CB   C N R 274 
THR OG1  O N N 275 
THR CG2  C N N 276 
THR OXT  O N N 277 
THR H    H N N 278 
THR H2   H N N 279 
THR HA   H N N 280 
THR HB   H N N 281 
THR HG1  H N N 282 
THR HG21 H N N 283 
THR HG22 H N N 284 
THR HG23 H N N 285 
THR HXT  H N N 286 
TYR N    N N N 287 
TYR CA   C N S 288 
TYR C    C N N 289 
TYR O    O N N 290 
TYR CB   C N N 291 
TYR CG   C Y N 292 
TYR CD1  C Y N 293 
TYR CD2  C Y N 294 
TYR CE1  C Y N 295 
TYR CE2  C Y N 296 
TYR CZ   C Y N 297 
TYR OH   O N N 298 
TYR OXT  O N N 299 
TYR H    H N N 300 
TYR H2   H N N 301 
TYR HA   H N N 302 
TYR HB2  H N N 303 
TYR HB3  H N N 304 
TYR HD1  H N N 305 
TYR HD2  H N N 306 
TYR HE1  H N N 307 
TYR HE2  H N N 308 
TYR HH   H N N 309 
TYR HXT  H N N 310 
VAL N    N N N 311 
VAL CA   C N S 312 
VAL C    C N N 313 
VAL O    O N N 314 
VAL CB   C N N 315 
VAL CG1  C N N 316 
VAL CG2  C N N 317 
VAL OXT  O N N 318 
VAL H    H N N 319 
VAL H2   H N N 320 
VAL HA   H N N 321 
VAL HB   H N N 322 
VAL HG11 H N N 323 
VAL HG12 H N N 324 
VAL HG13 H N N 325 
VAL HG21 H N N 326 
VAL HG22 H N N 327 
VAL HG23 H N N 328 
VAL HXT  H N N 329 
# 
loop_
_chem_comp_bond.comp_id 
_chem_comp_bond.atom_id_1 
_chem_comp_bond.atom_id_2 
_chem_comp_bond.value_order 
_chem_comp_bond.pdbx_aromatic_flag 
_chem_comp_bond.pdbx_stereo_config 
_chem_comp_bond.pdbx_ordinal 
ALA N   CA   sing N N 1   
ALA N   H    sing N N 2   
ALA N   H2   sing N N 3   
ALA CA  C    sing N N 4   
ALA CA  CB   sing N N 5   
ALA CA  HA   sing N N 6   
ALA C   O    doub N N 7   
ALA C   OXT  sing N N 8   
ALA CB  HB1  sing N N 9   
ALA CB  HB2  sing N N 10  
ALA CB  HB3  sing N N 11  
ALA OXT HXT  sing N N 12  
ARG N   CA   sing N N 13  
ARG N   H    sing N N 14  
ARG N   H2   sing N N 15  
ARG CA  C    sing N N 16  
ARG CA  CB   sing N N 17  
ARG CA  HA   sing N N 18  
ARG C   O    doub N N 19  
ARG C   OXT  sing N N 20  
ARG CB  CG   sing N N 21  
ARG CB  HB2  sing N N 22  
ARG CB  HB3  sing N N 23  
ARG CG  CD   sing N N 24  
ARG CG  HG2  sing N N 25  
ARG CG  HG3  sing N N 26  
ARG CD  NE   sing N N 27  
ARG CD  HD2  sing N N 28  
ARG CD  HD3  sing N N 29  
ARG NE  CZ   sing N N 30  
ARG NE  HE   sing N N 31  
ARG CZ  NH1  sing N N 32  
ARG CZ  NH2  doub N N 33  
ARG NH1 HH11 sing N N 34  
ARG NH1 HH12 sing N N 35  
ARG NH2 HH21 sing N N 36  
ARG NH2 HH22 sing N N 37  
ARG OXT HXT  sing N N 38  
ASN N   CA   sing N N 39  
ASN N   H    sing N N 40  
ASN N   H2   sing N N 41  
ASN CA  C    sing N N 42  
ASN CA  CB   sing N N 43  
ASN CA  HA   sing N N 44  
ASN C   O    doub N N 45  
ASN C   OXT  sing N N 46  
ASN CB  CG   sing N N 47  
ASN CB  HB2  sing N N 48  
ASN CB  HB3  sing N N 49  
ASN CG  OD1  doub N N 50  
ASN CG  ND2  sing N N 51  
ASN ND2 HD21 sing N N 52  
ASN ND2 HD22 sing N N 53  
ASN OXT HXT  sing N N 54  
ASP N   CA   sing N N 55  
ASP N   H    sing N N 56  
ASP N   H2   sing N N 57  
ASP CA  C    sing N N 58  
ASP CA  CB   sing N N 59  
ASP CA  HA   sing N N 60  
ASP C   O    doub N N 61  
ASP C   OXT  sing N N 62  
ASP CB  CG   sing N N 63  
ASP CB  HB2  sing N N 64  
ASP CB  HB3  sing N N 65  
ASP CG  OD1  doub N N 66  
ASP CG  OD2  sing N N 67  
ASP OD2 HD2  sing N N 68  
ASP OXT HXT  sing N N 69  
GLN N   CA   sing N N 70  
GLN N   H    sing N N 71  
GLN N   H2   sing N N 72  
GLN CA  C    sing N N 73  
GLN CA  CB   sing N N 74  
GLN CA  HA   sing N N 75  
GLN C   O    doub N N 76  
GLN C   OXT  sing N N 77  
GLN CB  CG   sing N N 78  
GLN CB  HB2  sing N N 79  
GLN CB  HB3  sing N N 80  
GLN CG  CD   sing N N 81  
GLN CG  HG2  sing N N 82  
GLN CG  HG3  sing N N 83  
GLN CD  OE1  doub N N 84  
GLN CD  NE2  sing N N 85  
GLN NE2 HE21 sing N N 86  
GLN NE2 HE22 sing N N 87  
GLN OXT HXT  sing N N 88  
GLU N   CA   sing N N 89  
GLU N   H    sing N N 90  
GLU N   H2   sing N N 91  
GLU CA  C    sing N N 92  
GLU CA  CB   sing N N 93  
GLU CA  HA   sing N N 94  
GLU C   O    doub N N 95  
GLU C   OXT  sing N N 96  
GLU CB  CG   sing N N 97  
GLU CB  HB2  sing N N 98  
GLU CB  HB3  sing N N 99  
GLU CG  CD   sing N N 100 
GLU CG  HG2  sing N N 101 
GLU CG  HG3  sing N N 102 
GLU CD  OE1  doub N N 103 
GLU CD  OE2  sing N N 104 
GLU OE2 HE2  sing N N 105 
GLU OXT HXT  sing N N 106 
GLY N   CA   sing N N 107 
GLY N   H    sing N N 108 
GLY N   H2   sing N N 109 
GLY CA  C    sing N N 110 
GLY CA  HA2  sing N N 111 
GLY CA  HA3  sing N N 112 
GLY C   O    doub N N 113 
GLY C   OXT  sing N N 114 
GLY OXT HXT  sing N N 115 
HIS N   CA   sing N N 116 
HIS N   H    sing N N 117 
HIS N   H2   sing N N 118 
HIS CA  C    sing N N 119 
HIS CA  CB   sing N N 120 
HIS CA  HA   sing N N 121 
HIS C   O    doub N N 122 
HIS C   OXT  sing N N 123 
HIS CB  CG   sing N N 124 
HIS CB  HB2  sing N N 125 
HIS CB  HB3  sing N N 126 
HIS CG  ND1  sing Y N 127 
HIS CG  CD2  doub Y N 128 
HIS ND1 CE1  doub Y N 129 
HIS ND1 HD1  sing N N 130 
HIS CD2 NE2  sing Y N 131 
HIS CD2 HD2  sing N N 132 
HIS CE1 NE2  sing Y N 133 
HIS CE1 HE1  sing N N 134 
HIS NE2 HE2  sing N N 135 
HIS OXT HXT  sing N N 136 
HOH O   H1   sing N N 137 
HOH O   H2   sing N N 138 
ILE N   CA   sing N N 139 
ILE N   H    sing N N 140 
ILE N   H2   sing N N 141 
ILE CA  C    sing N N 142 
ILE CA  CB   sing N N 143 
ILE CA  HA   sing N N 144 
ILE C   O    doub N N 145 
ILE C   OXT  sing N N 146 
ILE CB  CG1  sing N N 147 
ILE CB  CG2  sing N N 148 
ILE CB  HB   sing N N 149 
ILE CG1 CD1  sing N N 150 
ILE CG1 HG12 sing N N 151 
ILE CG1 HG13 sing N N 152 
ILE CG2 HG21 sing N N 153 
ILE CG2 HG22 sing N N 154 
ILE CG2 HG23 sing N N 155 
ILE CD1 HD11 sing N N 156 
ILE CD1 HD12 sing N N 157 
ILE CD1 HD13 sing N N 158 
ILE OXT HXT  sing N N 159 
LEU N   CA   sing N N 160 
LEU N   H    sing N N 161 
LEU N   H2   sing N N 162 
LEU CA  C    sing N N 163 
LEU CA  CB   sing N N 164 
LEU CA  HA   sing N N 165 
LEU C   O    doub N N 166 
LEU C   OXT  sing N N 167 
LEU CB  CG   sing N N 168 
LEU CB  HB2  sing N N 169 
LEU CB  HB3  sing N N 170 
LEU CG  CD1  sing N N 171 
LEU CG  CD2  sing N N 172 
LEU CG  HG   sing N N 173 
LEU CD1 HD11 sing N N 174 
LEU CD1 HD12 sing N N 175 
LEU CD1 HD13 sing N N 176 
LEU CD2 HD21 sing N N 177 
LEU CD2 HD22 sing N N 178 
LEU CD2 HD23 sing N N 179 
LEU OXT HXT  sing N N 180 
LYS N   CA   sing N N 181 
LYS N   H    sing N N 182 
LYS N   H2   sing N N 183 
LYS CA  C    sing N N 184 
LYS CA  CB   sing N N 185 
LYS CA  HA   sing N N 186 
LYS C   O    doub N N 187 
LYS C   OXT  sing N N 188 
LYS CB  CG   sing N N 189 
LYS CB  HB2  sing N N 190 
LYS CB  HB3  sing N N 191 
LYS CG  CD   sing N N 192 
LYS CG  HG2  sing N N 193 
LYS CG  HG3  sing N N 194 
LYS CD  CE   sing N N 195 
LYS CD  HD2  sing N N 196 
LYS CD  HD3  sing N N 197 
LYS CE  NZ   sing N N 198 
LYS CE  HE2  sing N N 199 
LYS CE  HE3  sing N N 200 
LYS NZ  HZ1  sing N N 201 
LYS NZ  HZ2  sing N N 202 
LYS NZ  HZ3  sing N N 203 
LYS OXT HXT  sing N N 204 
PHE N   CA   sing N N 205 
PHE N   H    sing N N 206 
PHE N   H2   sing N N 207 
PHE CA  C    sing N N 208 
PHE CA  CB   sing N N 209 
PHE CA  HA   sing N N 210 
PHE C   O    doub N N 211 
PHE C   OXT  sing N N 212 
PHE CB  CG   sing N N 213 
PHE CB  HB2  sing N N 214 
PHE CB  HB3  sing N N 215 
PHE CG  CD1  doub Y N 216 
PHE CG  CD2  sing Y N 217 
PHE CD1 CE1  sing Y N 218 
PHE CD1 HD1  sing N N 219 
PHE CD2 CE2  doub Y N 220 
PHE CD2 HD2  sing N N 221 
PHE CE1 CZ   doub Y N 222 
PHE CE1 HE1  sing N N 223 
PHE CE2 CZ   sing Y N 224 
PHE CE2 HE2  sing N N 225 
PHE CZ  HZ   sing N N 226 
PHE OXT HXT  sing N N 227 
PRO N   CA   sing N N 228 
PRO N   CD   sing N N 229 
PRO N   H    sing N N 230 
PRO CA  C    sing N N 231 
PRO CA  CB   sing N N 232 
PRO CA  HA   sing N N 233 
PRO C   O    doub N N 234 
PRO C   OXT  sing N N 235 
PRO CB  CG   sing N N 236 
PRO CB  HB2  sing N N 237 
PRO CB  HB3  sing N N 238 
PRO CG  CD   sing N N 239 
PRO CG  HG2  sing N N 240 
PRO CG  HG3  sing N N 241 
PRO CD  HD2  sing N N 242 
PRO CD  HD3  sing N N 243 
PRO OXT HXT  sing N N 244 
SER N   CA   sing N N 245 
SER N   H    sing N N 246 
SER N   H2   sing N N 247 
SER CA  C    sing N N 248 
SER CA  CB   sing N N 249 
SER CA  HA   sing N N 250 
SER C   O    doub N N 251 
SER C   OXT  sing N N 252 
SER CB  OG   sing N N 253 
SER CB  HB2  sing N N 254 
SER CB  HB3  sing N N 255 
SER OG  HG   sing N N 256 
SER OXT HXT  sing N N 257 
THR N   CA   sing N N 258 
THR N   H    sing N N 259 
THR N   H2   sing N N 260 
THR CA  C    sing N N 261 
THR CA  CB   sing N N 262 
THR CA  HA   sing N N 263 
THR C   O    doub N N 264 
THR C   OXT  sing N N 265 
THR CB  OG1  sing N N 266 
THR CB  CG2  sing N N 267 
THR CB  HB   sing N N 268 
THR OG1 HG1  sing N N 269 
THR CG2 HG21 sing N N 270 
THR CG2 HG22 sing N N 271 
THR CG2 HG23 sing N N 272 
THR OXT HXT  sing N N 273 
TYR N   CA   sing N N 274 
TYR N   H    sing N N 275 
TYR N   H2   sing N N 276 
TYR CA  C    sing N N 277 
TYR CA  CB   sing N N 278 
TYR CA  HA   sing N N 279 
TYR C   O    doub N N 280 
TYR C   OXT  sing N N 281 
TYR CB  CG   sing N N 282 
TYR CB  HB2  sing N N 283 
TYR CB  HB3  sing N N 284 
TYR CG  CD1  doub Y N 285 
TYR CG  CD2  sing Y N 286 
TYR CD1 CE1  sing Y N 287 
TYR CD1 HD1  sing N N 288 
TYR CD2 CE2  doub Y N 289 
TYR CD2 HD2  sing N N 290 
TYR CE1 CZ   doub Y N 291 
TYR CE1 HE1  sing N N 292 
TYR CE2 CZ   sing Y N 293 
TYR CE2 HE2  sing N N 294 
TYR CZ  OH   sing N N 295 
TYR OH  HH   sing N N 296 
TYR OXT HXT  sing N N 297 
VAL N   CA   sing N N 298 
VAL N   H    sing N N 299 
VAL N   H2   sing N N 300 
VAL CA  C    sing N N 301 
VAL CA  CB   sing N N 302 
VAL CA  HA   sing N N 303 
VAL C   O    doub N N 304 
VAL C   OXT  sing N N 305 
VAL CB  CG1  sing N N 306 
VAL CB  CG2  sing N N 307 
VAL CB  HB   sing N N 308 
VAL CG1 HG11 sing N N 309 
VAL CG1 HG12 sing N N 310 
VAL CG1 HG13 sing N N 311 
VAL CG2 HG21 sing N N 312 
VAL CG2 HG22 sing N N 313 
VAL CG2 HG23 sing N N 314 
VAL OXT HXT  sing N N 315 
# 
_pdbx_entity_nonpoly.entity_id   2 
_pdbx_entity_nonpoly.name        water 
_pdbx_entity_nonpoly.comp_id     HOH 
# 
_pdbx_initial_refinement_model.id               1 
_pdbx_initial_refinement_model.entity_id_list   ? 
_pdbx_initial_refinement_model.type             'experimental model' 
_pdbx_initial_refinement_model.source_name      PDB 
_pdbx_initial_refinement_model.accession_code   1BTV 
_pdbx_initial_refinement_model.details          'PDB ENTRY 1BTV' 
# 
